data_5XIJ
#
_entry.id   5XIJ
#
_cell.length_a   76.848
_cell.length_b   93.158
_cell.length_c   91.012
_cell.angle_alpha   89.810
_cell.angle_beta   104.520
_cell.angle_gamma   99.600
#
_symmetry.space_group_name_H-M   'P 1'
#
loop_
_entity.id
_entity.type
_entity.pdbx_description
1 polymer 'Prolyl-tRNA synthetase (ProRS)'
2 non-polymer 'PHOSPHOAMINOPHOSPHONIC ACID-ADENYLATE ESTER'
3 non-polymer 'MAGNESIUM ION'
4 non-polymer 3-[(2R)-2-oxidanyl-3-[(2R,3R)-3-oxidanylpiperidin-2-yl]propyl]quinazolin-4-one
5 water water
#
_entity_poly.entity_id   1
_entity_poly.type   'polypeptide(L)'
_entity_poly.pdbx_seq_one_letter_code
;GAMVTAKKDENFSEWYTQAIVRSEMIEYYDISGCYIMRPWAFHIWEKVQRFFDDEIKKMGVENSYFPMFVSRHKLEKEKD
HVEGFSPEVAWVTHYGDSPLPEKIAIRPTSETIMYPAYAKWIRSHRDLPLKLNQWCSVVRWEFKQPTPFLRTREFLWQEG
HTAHATEEEAWELVLDILELYRRWYEECLAVPVIKGEKSEGEKFAGGKKTTTVEAFIPENGRGIQAATSHLLGTNFAKMF
EIEFEDEEGHKRLVHQTSWGCTTRSLGVMIMTHGDDKGLVIPPRVASVQVVIIPILFKDENTGEILGKCRELKTMLEKAD
IRVRIDDRSNYTPGWKYNHWEVKGVPLRLELGPKDLAKGTARVVRRDTGEAYQISWADLAPKLLELMEGIQRSLFEKAKA
RLHEGIEKISTFDEVMPALNRKHLVLAPWCEDPESEEQIKKETQKLSEIQAIEAGDSEQVMTGAMKTLCIPFDQPPMPEG
TKCFYTGKPAKRWTLWGRSY
;
_entity_poly.pdbx_strand_id   A,B,C,D
#
loop_
_chem_comp.id
_chem_comp.type
_chem_comp.name
_chem_comp.formula
873 non-polymer 3-[(2R)-2-oxidanyl-3-[(2R,3R)-3-oxidanylpiperidin-2-yl]propyl]quinazolin-4-one 'C16 H21 N3 O3'
ANP non-polymer 'PHOSPHOAMINOPHOSPHONIC ACID-ADENYLATE ESTER' 'C10 H17 N6 O12 P3'
MG non-polymer 'MAGNESIUM ION' 'Mg 2'
#
# COMPACT_ATOMS: atom_id res chain seq x y z
N GLY A 1 -21.07 35.88 -13.70
CA GLY A 1 -22.08 36.30 -12.71
C GLY A 1 -23.41 35.64 -12.98
N ALA A 2 -24.40 36.45 -13.38
CA ALA A 2 -25.79 35.98 -13.58
C ALA A 2 -25.90 34.90 -14.66
N MET A 3 -25.39 35.19 -15.86
CA MET A 3 -25.65 34.34 -17.03
C MET A 3 -24.45 33.58 -17.61
N VAL A 4 -24.73 32.61 -18.46
CA VAL A 4 -23.66 31.89 -19.15
C VAL A 4 -23.25 32.69 -20.37
N THR A 5 -21.96 33.04 -20.47
CA THR A 5 -21.43 33.83 -21.60
C THR A 5 -20.48 33.08 -22.53
N ALA A 6 -19.83 32.01 -22.06
CA ALA A 6 -18.95 31.26 -22.95
C ALA A 6 -19.86 30.48 -23.90
N LYS A 7 -19.49 30.42 -25.17
CA LYS A 7 -20.32 29.71 -26.13
C LYS A 7 -20.03 28.22 -26.04
N LYS A 8 -21.05 27.42 -26.25
CA LYS A 8 -20.93 25.98 -26.01
C LYS A 8 -20.11 25.23 -27.04
N ASP A 9 -20.35 25.55 -28.31
CA ASP A 9 -19.55 25.01 -29.38
C ASP A 9 -18.14 25.52 -29.33
N GLU A 10 -18.01 26.84 -29.23
CA GLU A 10 -16.72 27.52 -29.39
C GLU A 10 -15.85 27.41 -28.11
N ASN A 11 -16.44 27.46 -26.91
CA ASN A 11 -15.61 27.37 -25.69
C ASN A 11 -16.09 26.30 -24.71
N PHE A 12 -15.99 25.06 -25.12
CA PHE A 12 -16.67 23.97 -24.41
C PHE A 12 -16.28 23.78 -22.92
N SER A 13 -14.99 23.72 -22.60
CA SER A 13 -14.55 23.56 -21.21
C SER A 13 -15.06 24.63 -20.33
N GLU A 14 -15.10 25.85 -20.84
CA GLU A 14 -15.50 26.97 -20.01
C GLU A 14 -17.03 27.09 -19.85
N TRP A 15 -17.76 26.69 -20.88
CA TRP A 15 -19.21 26.68 -20.85
C TRP A 15 -19.63 25.72 -19.78
N TYR A 16 -19.05 24.54 -19.86
CA TYR A 16 -19.30 23.50 -18.89
C TYR A 16 -19.11 23.95 -17.49
N THR A 17 -17.93 24.49 -17.21
CA THR A 17 -17.60 25.01 -15.87
C THR A 17 -18.60 26.11 -15.51
N GLN A 18 -19.00 26.95 -16.45
CA GLN A 18 -19.90 28.04 -16.10
C GLN A 18 -21.27 27.50 -15.71
N ALA A 19 -21.81 26.65 -16.58
CA ALA A 19 -23.14 26.07 -16.41
C ALA A 19 -23.30 25.34 -15.10
N ILE A 20 -22.29 24.60 -14.68
CA ILE A 20 -22.47 23.81 -13.47
C ILE A 20 -22.30 24.66 -12.21
N VAL A 21 -21.51 25.74 -12.32
CA VAL A 21 -21.35 26.64 -11.19
C VAL A 21 -22.50 27.63 -11.07
N ARG A 22 -22.79 28.37 -12.14
CA ARG A 22 -23.79 29.43 -12.05
C ARG A 22 -25.15 28.88 -11.67
N SER A 23 -25.46 27.73 -12.26
CA SER A 23 -26.71 27.00 -12.03
C SER A 23 -26.84 26.45 -10.62
N GLU A 24 -25.77 26.52 -9.84
CA GLU A 24 -25.74 26.06 -8.44
C GLU A 24 -25.71 24.54 -8.29
N MET A 25 -25.18 23.84 -9.28
CA MET A 25 -25.03 22.40 -9.17
C MET A 25 -23.85 21.98 -8.33
N ILE A 26 -22.73 22.67 -8.53
CA ILE A 26 -21.39 22.32 -8.06
C ILE A 26 -20.76 23.53 -7.39
N GLU A 27 -19.99 23.29 -6.33
CA GLU A 27 -19.13 24.28 -5.71
C GLU A 27 -17.73 23.70 -5.64
N TYR A 28 -16.74 24.54 -5.95
CA TYR A 28 -15.36 24.07 -6.02
C TYR A 28 -14.86 23.77 -4.63
N TYR A 29 -13.80 22.99 -4.57
CA TYR A 29 -13.30 22.54 -3.31
C TYR A 29 -11.80 22.40 -3.35
N ASP A 30 -11.21 22.52 -2.16
CA ASP A 30 -9.77 22.71 -2.05
C ASP A 30 -8.98 21.40 -2.20
N ILE A 31 -9.63 20.25 -2.27
CA ILE A 31 -8.91 19.02 -2.61
C ILE A 31 -9.22 18.62 -4.05
N SER A 32 -8.19 18.30 -4.81
CA SER A 32 -8.30 18.16 -6.22
C SER A 32 -9.09 16.96 -6.64
N GLY A 33 -9.85 17.11 -7.71
CA GLY A 33 -10.78 16.09 -8.17
C GLY A 33 -11.98 15.83 -7.28
N CYS A 34 -12.17 16.66 -6.26
CA CYS A 34 -13.36 16.52 -5.41
C CYS A 34 -14.20 17.76 -5.52
N TYR A 35 -15.53 17.59 -5.50
CA TYR A 35 -16.46 18.69 -5.73
C TYR A 35 -17.69 18.52 -4.91
N ILE A 36 -18.24 19.65 -4.46
CA ILE A 36 -19.44 19.66 -3.69
C ILE A 36 -20.63 19.53 -4.64
N MET A 37 -21.56 18.64 -4.30
CA MET A 37 -22.79 18.48 -5.08
C MET A 37 -23.93 19.12 -4.32
N ARG A 38 -24.43 20.23 -4.84
CA ARG A 38 -25.49 20.95 -4.18
C ARG A 38 -26.83 20.33 -4.60
N PRO A 39 -27.91 20.64 -3.87
CA PRO A 39 -29.25 20.11 -4.11
C PRO A 39 -29.60 20.06 -5.57
N TRP A 40 -29.37 21.16 -6.30
CA TRP A 40 -29.77 21.21 -7.69
C TRP A 40 -29.18 20.05 -8.50
N ALA A 41 -27.99 19.60 -8.19
CA ALA A 41 -27.52 18.40 -8.86
C ALA A 41 -27.87 17.17 -8.07
N PHE A 42 -27.84 17.24 -6.73
CA PHE A 42 -28.03 16.02 -5.99
C PHE A 42 -29.37 15.43 -6.29
N HIS A 43 -30.36 16.28 -6.51
CA HIS A 43 -31.72 15.81 -6.67
C HIS A 43 -31.76 14.88 -7.86
N ILE A 44 -30.98 15.21 -8.88
CA ILE A 44 -30.99 14.39 -10.04
C ILE A 44 -30.41 13.01 -9.74
N TRP A 45 -29.31 12.98 -8.97
CA TRP A 45 -28.78 11.71 -8.50
C TRP A 45 -29.81 10.91 -7.74
N GLU A 46 -30.51 11.56 -6.83
CA GLU A 46 -31.58 10.86 -6.08
C GLU A 46 -32.63 10.25 -6.99
N LYS A 47 -32.92 10.95 -8.06
CA LYS A 47 -33.91 10.47 -8.99
C LYS A 47 -33.46 9.21 -9.74
N VAL A 48 -32.30 9.24 -10.39
CA VAL A 48 -31.81 8.07 -11.09
C VAL A 48 -31.56 6.93 -10.12
N GLN A 49 -31.17 7.27 -8.89
CA GLN A 49 -30.92 6.29 -7.88
C GLN A 49 -32.19 5.52 -7.56
N ARG A 50 -33.28 6.21 -7.24
CA ARG A 50 -34.58 5.54 -6.93
C ARG A 50 -35.05 4.73 -8.13
N PHE A 51 -34.89 5.27 -9.30
CA PHE A 51 -35.28 4.56 -10.46
C PHE A 51 -34.56 3.25 -10.55
N PHE A 52 -33.23 3.27 -10.51
CA PHE A 52 -32.46 2.04 -10.70
C PHE A 52 -32.73 1.06 -9.55
N ASP A 53 -32.69 1.61 -8.37
CA ASP A 53 -32.88 0.81 -7.18
C ASP A 53 -34.22 0.03 -7.26
N ASP A 54 -35.30 0.70 -7.64
CA ASP A 54 -36.60 0.05 -7.70
C ASP A 54 -36.59 -1.12 -8.68
N GLU A 55 -35.92 -0.95 -9.81
CA GLU A 55 -35.85 -1.98 -10.82
C GLU A 55 -35.06 -3.22 -10.43
N ILE A 56 -33.96 -3.03 -9.74
CA ILE A 56 -33.18 -4.16 -9.31
C ILE A 56 -33.84 -4.85 -8.15
N LYS A 57 -34.60 -4.13 -7.32
CA LYS A 57 -35.35 -4.81 -6.26
C LYS A 57 -36.35 -5.77 -6.92
N LYS A 58 -36.97 -5.35 -8.00
CA LYS A 58 -37.83 -6.25 -8.77
C LYS A 58 -37.12 -7.46 -9.31
N MET A 59 -35.87 -7.34 -9.70
CA MET A 59 -35.15 -8.51 -10.15
C MET A 59 -34.64 -9.40 -9.02
N GLY A 60 -35.04 -9.12 -7.80
CA GLY A 60 -34.58 -9.84 -6.64
C GLY A 60 -33.19 -9.49 -6.14
N VAL A 61 -32.62 -8.35 -6.52
CA VAL A 61 -31.29 -7.96 -6.05
C VAL A 61 -31.47 -7.20 -4.77
N GLU A 62 -30.59 -7.35 -3.82
CA GLU A 62 -30.82 -6.82 -2.49
C GLU A 62 -29.65 -5.99 -2.07
N ASN A 63 -29.91 -4.94 -1.35
CA ASN A 63 -28.89 -3.99 -0.99
C ASN A 63 -28.21 -4.38 0.29
N SER A 64 -26.99 -3.83 0.40
CA SER A 64 -26.08 -4.10 1.50
C SER A 64 -25.16 -2.90 1.67
N TYR A 65 -24.42 -2.89 2.76
CA TYR A 65 -23.28 -1.99 2.92
C TYR A 65 -22.08 -2.75 3.49
N PHE A 66 -21.08 -2.99 2.65
CA PHE A 66 -19.76 -3.46 3.12
C PHE A 66 -18.87 -2.24 3.41
N PRO A 67 -17.87 -2.42 4.29
CA PRO A 67 -17.04 -1.33 4.73
C PRO A 67 -16.21 -0.69 3.63
N MET A 68 -15.87 0.58 3.85
CA MET A 68 -14.99 1.30 2.96
C MET A 68 -13.53 0.98 3.21
N PHE A 69 -13.21 0.28 4.27
CA PHE A 69 -11.82 -0.07 4.46
C PHE A 69 -11.53 -1.47 4.09
N VAL A 70 -10.36 -1.65 3.53
CA VAL A 70 -9.89 -2.98 3.20
C VAL A 70 -8.40 -3.06 3.50
N SER A 71 -8.04 -4.14 4.13
CA SER A 71 -6.69 -4.41 4.52
C SER A 71 -5.83 -4.53 3.28
N ARG A 72 -4.59 -4.06 3.38
CA ARG A 72 -3.61 -4.26 2.31
C ARG A 72 -3.52 -5.72 1.89
N HIS A 73 -3.48 -6.63 2.85
CA HIS A 73 -3.36 -8.02 2.54
C HIS A 73 -4.53 -8.43 1.63
N LYS A 74 -5.75 -8.12 2.03
CA LYS A 74 -6.92 -8.57 1.21
C LYS A 74 -7.02 -7.84 -0.11
N LEU A 75 -6.65 -6.57 -0.16
CA LEU A 75 -6.70 -5.83 -1.41
C LEU A 75 -5.72 -6.32 -2.45
N GLU A 76 -4.56 -6.78 -2.04
CA GLU A 76 -3.56 -7.19 -3.02
C GLU A 76 -3.57 -8.70 -3.17
N LYS A 77 -4.74 -9.35 -3.02
CA LYS A 77 -4.90 -10.81 -3.29
C LYS A 77 -4.08 -11.31 -4.47
N GLU A 78 -4.29 -10.72 -5.64
CA GLU A 78 -3.69 -11.17 -6.90
C GLU A 78 -2.22 -10.80 -7.01
N PHE A 85 -3.65 -0.17 -11.59
CA PHE A 85 -4.63 0.16 -10.54
C PHE A 85 -3.99 0.65 -9.21
N SER A 86 -2.95 -0.03 -8.75
CA SER A 86 -2.26 0.32 -7.51
C SER A 86 -1.92 1.79 -7.27
N PRO A 87 -1.44 2.52 -8.27
CA PRO A 87 -1.15 3.95 -8.05
C PRO A 87 -2.36 4.81 -7.73
N GLU A 88 -3.55 4.35 -8.12
CA GLU A 88 -4.75 5.08 -7.77
C GLU A 88 -5.26 4.83 -6.36
N VAL A 89 -4.69 3.91 -5.60
CA VAL A 89 -5.27 3.60 -4.27
C VAL A 89 -4.91 4.54 -3.11
N ALA A 90 -5.88 4.98 -2.33
CA ALA A 90 -5.61 5.82 -1.16
C ALA A 90 -5.47 5.02 0.13
N TRP A 91 -4.42 5.33 0.88
CA TRP A 91 -3.99 4.50 1.97
C TRP A 91 -4.03 5.34 3.21
N VAL A 92 -4.66 4.76 4.24
CA VAL A 92 -4.68 5.34 5.54
C VAL A 92 -3.56 4.69 6.37
N THR A 93 -2.74 5.51 7.03
CA THR A 93 -1.64 5.03 7.89
C THR A 93 -1.74 5.38 9.39
N HIS A 94 -2.58 6.33 9.76
CA HIS A 94 -2.53 6.91 11.10
C HIS A 94 -3.94 7.16 11.54
N TYR A 95 -4.17 7.06 12.84
CA TYR A 95 -5.41 7.59 13.41
C TYR A 95 -4.93 8.49 14.51
N GLY A 96 -5.31 9.76 14.44
CA GLY A 96 -4.74 10.76 15.34
C GLY A 96 -3.23 10.76 15.10
N ASP A 97 -2.44 10.66 16.16
CA ASP A 97 -0.98 10.63 16.03
C ASP A 97 -0.40 9.21 15.99
N SER A 98 -1.26 8.21 16.06
CA SER A 98 -0.85 6.83 16.23
C SER A 98 -0.75 6.09 14.90
N PRO A 99 0.32 5.28 14.71
CA PRO A 99 0.39 4.57 13.42
C PRO A 99 -0.37 3.24 13.45
N LEU A 100 -0.96 2.86 12.33
CA LEU A 100 -1.59 1.56 12.21
C LEU A 100 -0.52 0.46 12.07
N PRO A 101 -0.86 -0.75 12.49
CA PRO A 101 0.04 -1.91 12.28
C PRO A 101 0.38 -2.10 10.80
N GLU A 102 -0.66 -2.03 9.97
CA GLU A 102 -0.50 -1.92 8.51
C GLU A 102 -1.43 -0.87 7.97
N LYS A 103 -1.02 -0.27 6.88
CA LYS A 103 -1.88 0.67 6.21
C LYS A 103 -3.20 -0.03 5.77
N ILE A 104 -4.21 0.80 5.55
CA ILE A 104 -5.56 0.36 5.22
C ILE A 104 -6.05 1.23 4.08
N ALA A 105 -6.57 0.57 3.04
CA ALA A 105 -7.01 1.25 1.84
C ALA A 105 -8.49 1.64 1.92
N ILE A 106 -8.79 2.80 1.37
CA ILE A 106 -10.14 3.25 1.16
C ILE A 106 -10.56 2.53 -0.10
N ARG A 107 -11.70 1.89 -0.08
CA ARG A 107 -12.20 1.19 -1.22
C ARG A 107 -12.22 1.89 -2.60
N PRO A 108 -11.58 1.26 -3.58
CA PRO A 108 -11.56 1.73 -4.94
C PRO A 108 -12.62 1.02 -5.76
N THR A 109 -13.09 -0.08 -5.23
CA THR A 109 -14.14 -0.93 -5.81
C THR A 109 -14.17 -2.04 -4.80
N SER A 110 -15.20 -2.85 -4.75
CA SER A 110 -15.36 -3.76 -3.60
C SER A 110 -15.20 -5.28 -3.79
N GLU A 111 -14.73 -5.72 -4.94
CA GLU A 111 -14.48 -7.14 -5.14
C GLU A 111 -13.66 -7.83 -4.00
N THR A 112 -12.61 -7.18 -3.52
CA THR A 112 -11.77 -7.81 -2.53
C THR A 112 -12.33 -7.74 -1.14
N ILE A 113 -13.36 -6.92 -0.97
CA ILE A 113 -14.12 -6.87 0.28
C ILE A 113 -15.27 -7.85 0.24
N MET A 114 -15.99 -7.94 -0.86
CA MET A 114 -17.19 -8.78 -0.91
C MET A 114 -16.91 -10.22 -1.23
N TYR A 115 -15.96 -10.50 -2.10
CA TYR A 115 -15.83 -11.88 -2.55
C TYR A 115 -15.30 -12.84 -1.47
N PRO A 116 -14.50 -12.37 -0.48
CA PRO A 116 -14.22 -13.37 0.57
C PRO A 116 -15.47 -13.71 1.36
N ALA A 117 -16.37 -12.73 1.54
CA ALA A 117 -17.67 -12.99 2.20
C ALA A 117 -18.57 -13.95 1.41
N TYR A 118 -18.56 -13.82 0.08
CA TYR A 118 -19.30 -14.70 -0.82
C TYR A 118 -18.84 -16.16 -0.70
N ALA A 119 -17.52 -16.35 -0.54
CA ALA A 119 -16.92 -17.67 -0.29
C ALA A 119 -17.40 -18.26 1.01
N LYS A 120 -17.64 -17.41 1.99
CA LYS A 120 -18.19 -17.92 3.23
C LYS A 120 -19.65 -18.33 3.08
N TRP A 121 -20.46 -17.45 2.48
CA TRP A 121 -21.91 -17.65 2.48
C TRP A 121 -22.41 -18.71 1.46
N ILE A 122 -21.64 -18.97 0.41
CA ILE A 122 -22.05 -19.95 -0.57
C ILE A 122 -21.38 -21.32 -0.28
N ARG A 123 -22.20 -22.29 0.13
CA ARG A 123 -21.79 -23.67 0.35
C ARG A 123 -22.51 -24.62 -0.57
N SER A 124 -23.67 -24.25 -1.11
CA SER A 124 -24.50 -25.22 -1.80
C SER A 124 -25.43 -24.58 -2.79
N HIS A 125 -25.89 -25.39 -3.72
CA HIS A 125 -26.73 -24.88 -4.78
C HIS A 125 -27.94 -24.17 -4.21
N ARG A 126 -28.40 -24.53 -3.01
CA ARG A 126 -29.55 -23.82 -2.43
C ARG A 126 -29.29 -22.34 -2.11
N ASP A 127 -28.02 -21.94 -1.98
CA ASP A 127 -27.65 -20.55 -1.67
C ASP A 127 -27.63 -19.68 -2.94
N LEU A 128 -27.91 -20.29 -4.08
CA LEU A 128 -27.75 -19.60 -5.34
C LEU A 128 -29.11 -19.38 -5.92
N PRO A 129 -29.30 -18.27 -6.62
CA PRO A 129 -28.33 -17.26 -6.98
C PRO A 129 -28.17 -16.26 -5.84
N LEU A 130 -26.99 -15.63 -5.71
CA LEU A 130 -26.78 -14.55 -4.70
C LEU A 130 -26.62 -13.18 -5.44
N LYS A 131 -27.45 -12.22 -5.04
CA LYS A 131 -27.64 -11.02 -5.81
C LYS A 131 -27.64 -9.81 -4.90
N LEU A 132 -26.49 -9.14 -4.82
CA LEU A 132 -26.35 -7.98 -3.98
C LEU A 132 -25.97 -6.74 -4.73
N ASN A 133 -26.26 -5.61 -4.12
CA ASN A 133 -25.86 -4.34 -4.65
C ASN A 133 -25.42 -3.46 -3.54
N GLN A 134 -24.59 -2.46 -3.88
CA GLN A 134 -24.42 -1.41 -2.93
C GLN A 134 -24.26 -0.02 -3.52
N TRP A 135 -24.91 0.96 -2.88
CA TRP A 135 -24.63 2.40 -3.07
C TRP A 135 -23.57 2.90 -2.05
N CYS A 136 -22.50 3.49 -2.55
CA CYS A 136 -21.46 3.98 -1.70
C CYS A 136 -20.64 4.91 -2.49
N SER A 137 -19.72 5.60 -1.79
CA SER A 137 -18.71 6.33 -2.53
C SER A 137 -17.50 5.45 -2.70
N VAL A 138 -16.72 5.85 -3.70
CA VAL A 138 -15.54 5.17 -4.13
C VAL A 138 -14.46 6.23 -4.30
N VAL A 139 -13.21 5.87 -3.98
CA VAL A 139 -12.08 6.79 -4.12
C VAL A 139 -10.95 6.22 -4.94
N ARG A 140 -10.48 7.03 -5.87
CA ARG A 140 -9.34 6.71 -6.70
C ARG A 140 -8.56 8.00 -7.02
N TRP A 141 -7.25 7.96 -6.79
CA TRP A 141 -6.37 9.05 -7.14
C TRP A 141 -6.10 9.03 -8.66
N GLU A 142 -7.05 9.55 -9.42
CA GLU A 142 -6.98 9.48 -10.85
C GLU A 142 -5.82 10.32 -11.32
N PHE A 143 -5.08 9.79 -12.29
CA PHE A 143 -4.01 10.49 -12.94
C PHE A 143 -4.51 11.59 -13.85
N LYS A 144 -5.51 11.28 -14.64
CA LYS A 144 -5.99 12.22 -15.65
C LYS A 144 -6.57 13.46 -15.02
N GLN A 145 -6.58 14.54 -15.76
CA GLN A 145 -7.25 15.74 -15.41
C GLN A 145 -8.66 15.36 -14.90
N PRO A 146 -8.99 15.80 -13.68
CA PRO A 146 -10.31 15.58 -13.14
C PRO A 146 -11.33 16.43 -13.85
N THR A 147 -12.59 16.00 -13.88
CA THR A 147 -13.67 16.76 -14.47
C THR A 147 -14.93 16.55 -13.65
N PRO A 148 -15.57 17.64 -13.23
CA PRO A 148 -16.75 17.45 -12.38
C PRO A 148 -17.69 16.46 -13.06
N PHE A 149 -18.14 15.50 -12.26
CA PHE A 149 -19.03 14.40 -12.62
C PHE A 149 -18.31 13.33 -13.39
N LEU A 150 -17.84 13.71 -14.57
CA LEU A 150 -17.27 12.77 -15.51
C LEU A 150 -16.15 11.94 -14.91
N ARG A 151 -15.30 12.58 -14.10
CA ARG A 151 -14.11 11.90 -13.54
C ARG A 151 -13.56 12.60 -12.30
N THR A 152 -13.97 12.10 -11.14
CA THR A 152 -13.71 12.71 -9.88
C THR A 152 -12.94 11.72 -9.02
N ARG A 153 -12.30 12.21 -7.99
CA ARG A 153 -11.46 11.37 -7.17
C ARG A 153 -12.25 10.75 -6.05
N GLU A 154 -13.28 11.46 -5.60
CA GLU A 154 -14.42 10.81 -4.96
C GLU A 154 -15.61 10.87 -5.94
N PHE A 155 -16.19 9.72 -6.21
CA PHE A 155 -17.45 9.65 -6.92
C PHE A 155 -18.41 8.74 -6.17
N LEU A 156 -19.71 8.98 -6.40
CA LEU A 156 -20.78 8.10 -5.93
C LEU A 156 -21.15 7.07 -6.97
N TRP A 157 -21.46 5.87 -6.48
CA TRP A 157 -21.93 4.84 -7.39
C TRP A 157 -22.76 3.80 -6.73
N GLN A 158 -23.08 2.86 -7.55
CA GLN A 158 -23.78 1.69 -7.23
C GLN A 158 -22.91 0.60 -7.80
N GLU A 159 -22.62 -0.40 -7.00
CA GLU A 159 -21.92 -1.53 -7.58
C GLU A 159 -22.69 -2.80 -7.27
N GLY A 160 -22.96 -3.58 -8.31
CA GLY A 160 -23.70 -4.85 -8.18
C GLY A 160 -22.78 -6.03 -8.43
N HIS A 161 -22.99 -7.08 -7.62
CA HIS A 161 -22.17 -8.31 -7.67
C HIS A 161 -23.04 -9.48 -7.40
N THR A 162 -23.18 -10.37 -8.37
CA THR A 162 -24.03 -11.57 -8.24
C THR A 162 -23.25 -12.81 -8.60
N ALA A 163 -23.82 -13.93 -8.18
CA ALA A 163 -23.21 -15.24 -8.30
C ALA A 163 -24.30 -16.22 -8.64
N HIS A 164 -24.06 -17.09 -9.61
CA HIS A 164 -25.10 -18.00 -10.11
C HIS A 164 -24.51 -19.39 -10.38
N ALA A 165 -25.39 -20.37 -10.40
CA ALA A 165 -25.03 -21.76 -10.66
C ALA A 165 -24.61 -21.99 -12.11
N THR A 166 -25.19 -21.26 -13.04
CA THR A 166 -24.93 -21.46 -14.44
C THR A 166 -24.53 -20.18 -15.09
N GLU A 167 -23.69 -20.29 -16.12
CA GLU A 167 -23.36 -19.15 -16.92
C GLU A 167 -24.58 -18.52 -17.58
N GLU A 168 -25.51 -19.32 -18.07
CA GLU A 168 -26.61 -18.81 -18.87
C GLU A 168 -27.41 -17.82 -18.01
N GLU A 169 -27.64 -18.17 -16.75
CA GLU A 169 -28.42 -17.34 -15.91
C GLU A 169 -27.68 -16.02 -15.58
N ALA A 170 -26.35 -16.11 -15.50
CA ALA A 170 -25.55 -14.99 -15.15
C ALA A 170 -25.61 -13.99 -16.32
N TRP A 171 -25.44 -14.52 -17.51
CA TRP A 171 -25.58 -13.76 -18.74
C TRP A 171 -26.96 -13.11 -18.86
N GLU A 172 -28.02 -13.83 -18.57
CA GLU A 172 -29.33 -13.22 -18.63
C GLU A 172 -29.33 -11.96 -17.74
N LEU A 173 -28.67 -12.04 -16.59
CA LEU A 173 -28.64 -10.89 -15.67
C LEU A 173 -27.76 -9.74 -16.16
N VAL A 174 -26.62 -10.08 -16.75
CA VAL A 174 -25.75 -9.10 -17.31
C VAL A 174 -26.55 -8.23 -18.28
N LEU A 175 -27.35 -8.85 -19.13
CA LEU A 175 -28.09 -8.08 -20.19
C LEU A 175 -29.32 -7.36 -19.61
N ASP A 176 -30.01 -8.00 -18.66
CA ASP A 176 -31.08 -7.32 -17.92
C ASP A 176 -30.54 -6.05 -17.34
N ILE A 177 -29.34 -6.10 -16.74
CA ILE A 177 -28.85 -4.96 -15.98
C ILE A 177 -28.47 -3.91 -16.98
N LEU A 178 -27.80 -4.34 -18.03
CA LEU A 178 -27.40 -3.40 -19.06
C LEU A 178 -28.59 -2.67 -19.62
N GLU A 179 -29.71 -3.36 -19.74
CA GLU A 179 -30.95 -2.72 -20.19
C GLU A 179 -31.41 -1.64 -19.22
N LEU A 180 -31.28 -1.93 -17.91
CA LEU A 180 -31.59 -0.93 -16.90
C LEU A 180 -30.70 0.30 -17.09
N TYR A 181 -29.42 0.11 -17.38
CA TYR A 181 -28.53 1.28 -17.63
C TYR A 181 -28.96 2.11 -18.87
N ARG A 182 -29.44 1.42 -19.89
CA ARG A 182 -29.94 2.10 -21.07
C ARG A 182 -31.14 2.95 -20.63
N ARG A 183 -31.95 2.42 -19.71
CA ARG A 183 -33.11 3.15 -19.25
C ARG A 183 -32.76 4.35 -18.37
N TRP A 184 -31.80 4.13 -17.48
CA TRP A 184 -31.22 5.18 -16.65
C TRP A 184 -30.85 6.39 -17.51
N TYR A 185 -30.11 6.14 -18.59
CA TYR A 185 -29.68 7.22 -19.45
C TYR A 185 -30.80 7.72 -20.40
N GLU A 186 -31.43 6.78 -21.12
CA GLU A 186 -32.44 7.11 -22.09
C GLU A 186 -33.80 7.54 -21.51
N GLU A 187 -34.37 6.82 -20.55
CA GLU A 187 -35.72 7.18 -20.05
C GLU A 187 -35.69 8.28 -19.00
N CYS A 188 -34.76 8.14 -18.05
CA CYS A 188 -34.53 9.12 -17.02
C CYS A 188 -33.80 10.38 -17.54
N LEU A 189 -32.62 10.24 -18.17
CA LEU A 189 -31.77 11.43 -18.45
C LEU A 189 -31.96 11.97 -19.86
N ALA A 190 -32.71 11.25 -20.68
CA ALA A 190 -32.89 11.58 -22.09
C ALA A 190 -31.59 11.62 -22.87
N VAL A 191 -30.65 10.76 -22.46
CA VAL A 191 -29.41 10.61 -23.17
C VAL A 191 -29.39 9.27 -23.91
N PRO A 192 -29.11 9.26 -25.24
CA PRO A 192 -29.07 8.08 -26.02
C PRO A 192 -27.78 7.37 -25.84
N VAL A 193 -27.82 6.05 -25.82
CA VAL A 193 -26.61 5.28 -25.64
C VAL A 193 -26.57 4.07 -26.55
N ILE A 194 -25.41 3.45 -26.66
CA ILE A 194 -25.24 2.35 -27.62
C ILE A 194 -24.77 1.14 -26.83
N LYS A 195 -25.54 0.07 -26.82
CA LYS A 195 -25.11 -1.15 -26.18
C LYS A 195 -24.02 -1.82 -27.03
N GLY A 196 -22.97 -2.34 -26.38
CA GLY A 196 -21.93 -3.02 -27.09
C GLY A 196 -21.07 -3.87 -26.18
N GLU A 197 -20.28 -4.74 -26.80
CA GLU A 197 -19.24 -5.56 -26.17
C GLU A 197 -17.91 -4.81 -26.19
N LYS A 198 -17.22 -4.70 -25.07
CA LYS A 198 -15.86 -4.20 -25.09
C LYS A 198 -14.90 -5.14 -25.85
N SER A 199 -13.89 -4.56 -26.46
CA SER A 199 -12.80 -5.35 -27.05
C SER A 199 -12.06 -6.13 -25.99
N GLU A 200 -11.28 -7.12 -26.42
CA GLU A 200 -10.34 -7.81 -25.49
C GLU A 200 -9.42 -6.83 -24.74
N GLY A 201 -8.97 -5.80 -25.44
CA GLY A 201 -8.10 -4.84 -24.82
C GLY A 201 -8.77 -3.92 -23.82
N GLU A 202 -10.07 -3.73 -23.94
CA GLU A 202 -10.75 -2.70 -23.13
C GLU A 202 -11.68 -3.28 -22.10
N LYS A 203 -11.89 -4.58 -22.13
CA LYS A 203 -12.73 -5.20 -21.17
C LYS A 203 -12.03 -5.31 -19.82
N PHE A 204 -12.82 -5.61 -18.80
CA PHE A 204 -12.33 -5.89 -17.47
C PHE A 204 -11.51 -7.17 -17.50
N ALA A 205 -10.22 -7.04 -17.18
CA ALA A 205 -9.29 -8.18 -17.31
C ALA A 205 -9.73 -9.31 -16.38
N GLY A 206 -10.34 -8.96 -15.26
CA GLY A 206 -10.95 -9.95 -14.39
C GLY A 206 -12.16 -10.76 -14.90
N GLY A 207 -12.62 -10.52 -16.13
CA GLY A 207 -13.86 -11.13 -16.61
C GLY A 207 -13.74 -11.81 -17.94
N LYS A 208 -14.79 -12.54 -18.29
CA LYS A 208 -14.89 -13.24 -19.58
C LYS A 208 -15.37 -12.28 -20.64
N LYS A 209 -16.41 -11.52 -20.35
CA LYS A 209 -16.95 -10.62 -21.34
C LYS A 209 -17.51 -9.42 -20.65
N THR A 210 -17.18 -8.24 -21.19
CA THR A 210 -17.67 -7.00 -20.64
C THR A 210 -18.67 -6.36 -21.58
N THR A 211 -19.85 -5.98 -21.09
CA THR A 211 -20.78 -5.18 -21.89
C THR A 211 -20.83 -3.75 -21.41
N THR A 212 -21.34 -2.88 -22.27
CA THR A 212 -21.27 -1.46 -21.99
C THR A 212 -22.36 -0.72 -22.76
N VAL A 213 -22.65 0.45 -22.23
CA VAL A 213 -23.38 1.44 -22.93
C VAL A 213 -22.45 2.64 -23.06
N GLU A 214 -22.25 3.08 -24.31
CA GLU A 214 -21.37 4.18 -24.65
C GLU A 214 -22.15 5.44 -25.00
N ALA A 215 -21.65 6.61 -24.62
CA ALA A 215 -22.28 7.83 -25.07
C ALA A 215 -21.27 8.64 -25.87
N PHE A 216 -21.75 9.74 -26.45
CA PHE A 216 -20.97 10.61 -27.31
C PHE A 216 -21.17 12.08 -26.93
N ILE A 217 -20.08 12.81 -26.81
CA ILE A 217 -20.15 14.23 -26.58
C ILE A 217 -19.70 15.04 -27.82
N PRO A 218 -20.70 15.52 -28.63
CA PRO A 218 -20.42 16.20 -29.89
C PRO A 218 -19.48 17.40 -29.76
N GLU A 219 -19.66 18.21 -28.73
CA GLU A 219 -18.90 19.45 -28.68
C GLU A 219 -17.42 19.16 -28.68
N ASN A 220 -16.99 18.02 -28.17
CA ASN A 220 -15.56 17.73 -28.20
C ASN A 220 -15.22 16.46 -28.94
N GLY A 221 -16.21 15.80 -29.54
CA GLY A 221 -15.95 14.55 -30.34
C GLY A 221 -15.52 13.31 -29.55
N ARG A 222 -15.74 13.26 -28.25
CA ARG A 222 -15.23 12.10 -27.53
C ARG A 222 -16.23 11.12 -26.91
N GLY A 223 -16.04 9.84 -27.24
CA GLY A 223 -16.85 8.80 -26.65
C GLY A 223 -16.54 8.71 -25.17
N ILE A 224 -17.49 8.12 -24.46
CA ILE A 224 -17.44 8.11 -23.02
C ILE A 224 -18.30 6.95 -22.53
N GLN A 225 -17.70 6.08 -21.73
CA GLN A 225 -18.40 4.95 -21.23
C GLN A 225 -19.42 5.41 -20.17
N ALA A 226 -20.67 5.16 -20.46
CA ALA A 226 -21.77 5.50 -19.53
C ALA A 226 -22.04 4.54 -18.37
N ALA A 227 -21.69 3.27 -18.51
CA ALA A 227 -21.87 2.28 -17.46
C ALA A 227 -21.40 0.95 -18.01
N THR A 228 -21.34 -0.07 -17.16
CA THR A 228 -20.66 -1.31 -17.55
C THR A 228 -21.33 -2.46 -16.83
N SER A 229 -21.32 -3.64 -17.47
CA SER A 229 -21.95 -4.86 -16.93
C SER A 229 -21.14 -6.07 -17.41
N HIS A 230 -20.60 -6.83 -16.47
CA HIS A 230 -19.60 -7.84 -16.83
C HIS A 230 -20.16 -9.23 -16.62
N LEU A 231 -19.90 -10.10 -17.58
CA LEU A 231 -19.98 -11.51 -17.35
C LEU A 231 -18.63 -11.91 -16.83
N LEU A 232 -18.50 -12.16 -15.55
CA LEU A 232 -17.21 -12.39 -14.95
C LEU A 232 -16.66 -13.78 -15.15
N GLY A 233 -17.54 -14.71 -15.44
CA GLY A 233 -17.13 -16.08 -15.71
C GLY A 233 -16.86 -16.70 -14.37
N THR A 234 -16.00 -17.71 -14.36
CA THR A 234 -15.63 -18.41 -13.12
C THR A 234 -14.22 -18.09 -12.57
N ASN A 235 -13.50 -17.12 -13.12
CA ASN A 235 -12.15 -16.91 -12.55
C ASN A 235 -12.06 -16.27 -11.17
N PHE A 236 -12.95 -15.34 -10.84
CA PHE A 236 -12.98 -14.83 -9.46
C PHE A 236 -13.39 -15.91 -8.46
N ALA A 237 -14.26 -16.81 -8.85
CA ALA A 237 -14.68 -17.85 -7.94
C ALA A 237 -13.49 -18.81 -7.66
N LYS A 238 -12.74 -19.13 -8.71
CA LYS A 238 -11.47 -19.85 -8.62
C LYS A 238 -10.48 -19.11 -7.70
N MET A 239 -10.19 -17.86 -8.00
CA MET A 239 -9.36 -17.02 -7.10
C MET A 239 -9.85 -16.93 -5.66
N PHE A 240 -11.12 -16.67 -5.45
CA PHE A 240 -11.59 -16.45 -4.09
C PHE A 240 -12.11 -17.71 -3.40
N GLU A 241 -12.18 -18.82 -4.13
CA GLU A 241 -12.67 -20.11 -3.65
C GLU A 241 -14.16 -20.04 -3.32
N ILE A 242 -14.92 -19.49 -4.26
CA ILE A 242 -16.37 -19.39 -4.14
C ILE A 242 -16.90 -20.60 -4.91
N GLU A 243 -17.11 -21.67 -4.16
CA GLU A 243 -17.64 -22.91 -4.71
C GLU A 243 -18.90 -23.40 -3.99
N PHE A 244 -19.60 -24.30 -4.64
CA PHE A 244 -20.84 -24.81 -4.10
C PHE A 244 -21.00 -26.28 -4.45
N GLU A 245 -21.61 -27.02 -3.52
CA GLU A 245 -21.98 -28.39 -3.73
C GLU A 245 -23.29 -28.41 -4.49
N ASP A 246 -23.30 -29.05 -5.64
CA ASP A 246 -24.51 -29.08 -6.48
C ASP A 246 -25.44 -30.21 -6.02
N GLU A 247 -26.50 -30.45 -6.79
CA GLU A 247 -27.48 -31.50 -6.46
C GLU A 247 -26.88 -32.86 -6.15
N GLU A 248 -25.79 -33.24 -6.84
CA GLU A 248 -25.16 -34.55 -6.72
C GLU A 248 -23.94 -34.54 -5.79
N GLY A 249 -23.82 -33.49 -4.97
CA GLY A 249 -22.71 -33.37 -4.06
C GLY A 249 -21.36 -32.96 -4.65
N HIS A 250 -21.33 -32.64 -5.93
CA HIS A 250 -20.08 -32.20 -6.56
C HIS A 250 -19.77 -30.71 -6.33
N LYS A 251 -18.50 -30.43 -6.00
CA LYS A 251 -18.02 -29.05 -5.86
C LYS A 251 -17.94 -28.33 -7.22
N ARG A 252 -18.68 -27.25 -7.37
CA ARG A 252 -18.62 -26.45 -8.60
C ARG A 252 -18.35 -24.97 -8.34
N LEU A 253 -17.79 -24.28 -9.32
CA LEU A 253 -17.47 -22.86 -9.16
C LEU A 253 -18.65 -22.00 -9.61
N VAL A 254 -18.94 -20.93 -8.87
CA VAL A 254 -20.07 -20.09 -9.27
C VAL A 254 -19.70 -19.28 -10.52
N HIS A 255 -20.74 -18.90 -11.26
CA HIS A 255 -20.68 -17.95 -12.36
C HIS A 255 -21.07 -16.55 -11.86
N GLN A 256 -20.25 -15.56 -12.14
CA GLN A 256 -20.45 -14.23 -11.56
C GLN A 256 -20.75 -13.14 -12.57
N THR A 257 -21.41 -12.12 -12.07
CA THR A 257 -21.54 -10.80 -12.77
C THR A 257 -21.20 -9.68 -11.80
N SER A 258 -20.79 -8.55 -12.35
CA SER A 258 -20.68 -7.31 -11.59
C SER A 258 -20.95 -6.19 -12.57
N TRP A 259 -21.39 -5.04 -12.05
CA TRP A 259 -21.89 -3.91 -12.88
C TRP A 259 -21.87 -2.61 -12.04
N GLY A 260 -21.63 -1.46 -12.69
CA GLY A 260 -21.59 -0.18 -11.98
C GLY A 260 -21.95 1.02 -12.85
N CYS A 261 -22.41 2.07 -12.18
CA CYS A 261 -22.76 3.32 -12.81
C CYS A 261 -22.63 4.43 -11.77
N THR A 262 -22.09 5.57 -12.18
CA THR A 262 -21.66 6.60 -11.24
C THR A 262 -22.38 7.92 -11.44
N THR A 263 -21.97 8.89 -10.68
CA THR A 263 -22.37 10.29 -10.88
C THR A 263 -21.89 10.88 -12.23
N ARG A 264 -20.97 10.21 -12.91
CA ARG A 264 -20.73 10.57 -14.29
C ARG A 264 -22.02 10.78 -15.09
N SER A 265 -23.02 9.93 -14.90
CA SER A 265 -24.26 10.08 -15.59
C SER A 265 -24.82 11.53 -15.52
N LEU A 266 -24.77 12.19 -14.37
CA LEU A 266 -25.25 13.57 -14.31
C LEU A 266 -24.54 14.47 -15.32
N GLY A 267 -23.28 14.18 -15.58
CA GLY A 267 -22.43 15.03 -16.40
C GLY A 267 -22.67 14.88 -17.87
N VAL A 268 -22.91 13.64 -18.28
CA VAL A 268 -23.18 13.31 -19.65
C VAL A 268 -24.51 13.97 -20.04
N MET A 269 -25.45 14.00 -19.10
CA MET A 269 -26.73 14.64 -19.31
C MET A 269 -26.50 16.14 -19.51
N ILE A 270 -25.97 16.79 -18.48
CA ILE A 270 -25.68 18.24 -18.58
C ILE A 270 -25.13 18.60 -19.95
N MET A 271 -24.14 17.85 -20.38
CA MET A 271 -23.48 18.19 -21.60
C MET A 271 -24.39 17.95 -22.81
N THR A 272 -25.27 16.96 -22.74
CA THR A 272 -26.06 16.59 -23.87
C THR A 272 -27.11 17.65 -24.17
N HIS A 273 -27.81 18.13 -23.16
CA HIS A 273 -28.94 19.02 -23.41
C HIS A 273 -28.64 20.47 -23.18
N GLY A 274 -27.45 20.81 -22.67
CA GLY A 274 -27.14 22.22 -22.49
C GLY A 274 -27.13 23.05 -23.78
N ASP A 275 -27.32 24.36 -23.64
CA ASP A 275 -27.15 25.33 -24.72
C ASP A 275 -26.52 26.63 -24.18
N ASP A 276 -26.48 27.65 -25.04
CA ASP A 276 -25.68 28.84 -24.76
C ASP A 276 -26.25 29.59 -23.57
N LYS A 277 -27.50 29.36 -23.24
CA LYS A 277 -28.06 29.98 -22.07
C LYS A 277 -27.68 29.22 -20.83
N GLY A 278 -27.35 27.96 -20.98
CA GLY A 278 -26.88 27.14 -19.86
C GLY A 278 -27.50 25.76 -19.81
N LEU A 279 -27.89 25.29 -18.63
CA LEU A 279 -28.41 23.94 -18.51
C LEU A 279 -29.82 23.85 -19.03
N VAL A 280 -30.16 22.64 -19.44
CA VAL A 280 -31.51 22.24 -19.76
C VAL A 280 -31.77 20.87 -19.11
N ILE A 281 -32.66 20.83 -18.12
CA ILE A 281 -32.86 19.56 -17.41
C ILE A 281 -34.16 18.86 -17.85
N PRO A 282 -34.05 17.59 -18.22
CA PRO A 282 -35.27 16.85 -18.57
C PRO A 282 -36.20 16.84 -17.39
N PRO A 283 -37.51 17.01 -17.63
CA PRO A 283 -38.55 16.93 -16.60
C PRO A 283 -38.53 15.71 -15.70
N ARG A 284 -38.12 14.53 -16.18
CA ARG A 284 -38.23 13.37 -15.31
C ARG A 284 -37.30 13.47 -14.15
N VAL A 285 -36.25 14.30 -14.22
CA VAL A 285 -35.29 14.38 -13.14
C VAL A 285 -35.12 15.74 -12.51
N ALA A 286 -35.74 16.76 -13.06
CA ALA A 286 -35.53 18.14 -12.56
C ALA A 286 -36.16 18.34 -11.19
N SER A 287 -35.43 18.98 -10.28
CA SER A 287 -35.96 19.22 -8.94
C SER A 287 -37.25 20.00 -9.10
N VAL A 288 -37.18 21.08 -9.86
CA VAL A 288 -38.35 21.90 -10.14
C VAL A 288 -38.68 21.77 -11.59
N GLN A 289 -39.93 21.51 -11.87
CA GLN A 289 -40.34 21.26 -13.24
C GLN A 289 -40.95 22.52 -13.81
N VAL A 290 -41.70 23.21 -12.97
CA VAL A 290 -42.30 24.45 -13.31
C VAL A 290 -41.98 25.51 -12.24
N VAL A 291 -41.36 26.58 -12.71
CA VAL A 291 -41.09 27.70 -11.85
C VAL A 291 -42.15 28.70 -12.16
N ILE A 292 -42.78 29.20 -11.09
CA ILE A 292 -43.78 30.24 -11.22
C ILE A 292 -43.16 31.56 -10.90
N ILE A 293 -43.32 32.50 -11.82
CA ILE A 293 -42.69 33.78 -11.72
C ILE A 293 -43.73 34.88 -11.82
N PRO A 294 -44.04 35.48 -10.69
CA PRO A 294 -45.00 36.53 -10.69
C PRO A 294 -44.37 37.79 -11.23
N ILE A 295 -45.12 38.50 -12.07
CA ILE A 295 -44.60 39.71 -12.66
C ILE A 295 -44.87 40.84 -11.69
N LEU A 296 -43.95 40.97 -10.72
CA LEU A 296 -43.95 41.99 -9.68
C LEU A 296 -42.70 42.85 -9.76
N PHE A 297 -42.70 43.93 -8.99
CA PHE A 297 -41.54 44.81 -8.87
C PHE A 297 -41.41 45.28 -7.41
N LYS A 298 -40.33 46.00 -7.11
CA LYS A 298 -40.05 46.47 -5.74
C LYS A 298 -41.26 47.11 -5.05
N ASP A 299 -41.52 46.64 -3.85
CA ASP A 299 -42.54 47.18 -2.96
C ASP A 299 -43.95 47.34 -3.49
N GLU A 300 -44.33 46.36 -4.29
CA GLU A 300 -45.66 46.22 -4.78
C GLU A 300 -46.05 44.94 -4.08
N ASN A 301 -47.00 44.97 -3.17
CA ASN A 301 -47.42 43.72 -2.53
C ASN A 301 -48.87 43.76 -2.24
N THR A 302 -49.67 43.73 -3.28
CA THR A 302 -51.11 43.79 -3.09
C THR A 302 -51.72 42.48 -2.70
N GLY A 303 -50.99 41.41 -2.94
CA GLY A 303 -51.41 40.05 -2.64
C GLY A 303 -52.24 39.36 -3.68
N GLU A 304 -52.67 40.05 -4.72
CA GLU A 304 -53.46 39.42 -5.75
C GLU A 304 -52.74 38.38 -6.59
N ILE A 305 -51.54 38.72 -6.96
CA ILE A 305 -50.70 37.94 -7.84
C ILE A 305 -50.08 36.77 -7.10
N LEU A 306 -49.41 37.05 -5.97
CA LEU A 306 -48.88 35.95 -5.17
C LEU A 306 -50.03 35.02 -4.80
N GLY A 307 -51.14 35.58 -4.33
CA GLY A 307 -52.27 34.77 -3.96
C GLY A 307 -52.58 33.77 -5.04
N LYS A 308 -52.67 34.23 -6.29
CA LYS A 308 -52.95 33.32 -7.40
C LYS A 308 -51.79 32.40 -7.77
N CYS A 309 -50.56 32.77 -7.44
CA CYS A 309 -49.43 31.89 -7.71
C CYS A 309 -49.51 30.74 -6.73
N ARG A 310 -49.73 31.08 -5.46
CA ARG A 310 -49.88 30.05 -4.44
C ARG A 310 -51.02 29.08 -4.81
N GLU A 311 -52.14 29.58 -5.31
CA GLU A 311 -53.27 28.73 -5.77
C GLU A 311 -52.82 27.79 -6.89
N LEU A 312 -52.22 28.37 -7.92
CA LEU A 312 -51.79 27.57 -9.06
C LEU A 312 -50.82 26.46 -8.67
N LYS A 313 -49.99 26.75 -7.67
CA LYS A 313 -49.01 25.79 -7.22
C LYS A 313 -49.68 24.58 -6.59
N THR A 314 -50.65 24.85 -5.73
CA THR A 314 -51.49 23.84 -5.13
C THR A 314 -52.15 22.99 -6.20
N MET A 315 -52.75 23.61 -7.23
CA MET A 315 -53.43 22.86 -8.30
C MET A 315 -52.45 21.92 -9.04
N LEU A 316 -51.28 22.45 -9.42
CA LEU A 316 -50.27 21.63 -10.13
C LEU A 316 -49.67 20.54 -9.25
N GLU A 317 -49.40 20.87 -8.00
CA GLU A 317 -48.89 19.91 -7.01
C GLU A 317 -49.84 18.74 -6.82
N LYS A 318 -51.16 18.98 -6.97
CA LYS A 318 -52.16 17.89 -6.98
C LYS A 318 -51.99 16.99 -8.24
N ALA A 319 -51.30 17.44 -9.28
CA ALA A 319 -50.93 16.51 -10.39
C ALA A 319 -49.50 15.95 -10.28
N ASP A 320 -48.86 16.13 -9.11
CA ASP A 320 -47.48 15.66 -8.82
C ASP A 320 -46.41 16.40 -9.65
N ILE A 321 -46.74 17.60 -10.11
CA ILE A 321 -45.75 18.46 -10.71
C ILE A 321 -44.95 19.13 -9.61
N ARG A 322 -43.63 19.17 -9.78
CA ARG A 322 -42.77 19.83 -8.82
C ARG A 322 -42.62 21.28 -9.19
N VAL A 323 -42.89 22.14 -8.22
CA VAL A 323 -43.08 23.57 -8.47
C VAL A 323 -42.37 24.45 -7.46
N ARG A 324 -41.92 25.62 -7.91
CA ARG A 324 -41.41 26.62 -7.00
C ARG A 324 -41.93 27.98 -7.46
N ILE A 325 -42.32 28.80 -6.49
CA ILE A 325 -42.63 30.22 -6.79
C ILE A 325 -41.41 31.02 -6.47
N ASP A 326 -40.96 31.84 -7.41
CA ASP A 326 -39.80 32.65 -7.13
C ASP A 326 -40.41 33.96 -6.74
N ASP A 327 -40.66 34.13 -5.44
CA ASP A 327 -41.27 35.35 -4.96
C ASP A 327 -40.24 36.27 -4.33
N ARG A 328 -39.08 36.41 -4.99
CA ARG A 328 -38.06 37.29 -4.43
C ARG A 328 -38.17 38.77 -4.82
N SER A 329 -37.89 39.64 -3.85
CA SER A 329 -38.20 41.09 -3.91
C SER A 329 -37.20 41.88 -4.73
N ASN A 330 -35.93 41.67 -4.45
CA ASN A 330 -34.88 42.50 -4.99
C ASN A 330 -34.59 42.31 -6.49
N TYR A 331 -35.42 41.55 -7.22
CA TYR A 331 -35.07 41.10 -8.58
C TYR A 331 -36.19 41.30 -9.57
N THR A 332 -35.85 41.64 -10.82
CA THR A 332 -36.83 41.74 -11.87
C THR A 332 -37.23 40.40 -12.52
N PRO A 333 -38.37 40.40 -13.22
CA PRO A 333 -38.76 39.19 -13.89
C PRO A 333 -37.76 38.74 -14.92
N GLY A 334 -37.22 39.70 -15.67
CA GLY A 334 -36.20 39.39 -16.63
C GLY A 334 -34.97 38.71 -16.02
N TRP A 335 -34.51 39.28 -14.91
CA TRP A 335 -33.49 38.64 -14.11
C TRP A 335 -33.89 37.17 -13.74
N LYS A 336 -35.07 37.00 -13.17
CA LYS A 336 -35.58 35.70 -12.79
C LYS A 336 -35.71 34.75 -13.98
N TYR A 337 -36.19 35.26 -15.13
CA TYR A 337 -36.24 34.39 -16.31
C TYR A 337 -34.90 33.76 -16.54
N ASN A 338 -33.89 34.62 -16.63
CA ASN A 338 -32.53 34.17 -16.95
C ASN A 338 -32.01 33.24 -15.88
N HIS A 339 -32.31 33.55 -14.63
CA HIS A 339 -31.81 32.79 -13.54
C HIS A 339 -32.22 31.33 -13.69
N TRP A 340 -33.51 31.10 -13.97
CA TRP A 340 -34.04 29.76 -14.03
C TRP A 340 -33.75 29.09 -15.37
N GLU A 341 -33.48 29.88 -16.40
CA GLU A 341 -33.01 29.28 -17.67
C GLU A 341 -31.64 28.67 -17.52
N VAL A 342 -30.74 29.41 -16.86
CA VAL A 342 -29.38 28.97 -16.57
C VAL A 342 -29.42 27.67 -15.79
N LYS A 343 -30.32 27.58 -14.82
CA LYS A 343 -30.56 26.35 -14.08
C LYS A 343 -31.28 25.27 -14.90
N GLY A 344 -31.90 25.65 -16.00
CA GLY A 344 -32.49 24.65 -16.86
C GLY A 344 -33.84 24.11 -16.42
N VAL A 345 -34.54 24.83 -15.57
CA VAL A 345 -35.94 24.50 -15.29
C VAL A 345 -36.68 24.34 -16.59
N PRO A 346 -37.28 23.18 -16.83
CA PRO A 346 -37.88 22.97 -18.15
C PRO A 346 -39.08 23.87 -18.52
N LEU A 347 -39.82 24.38 -17.53
CA LEU A 347 -41.01 25.19 -17.80
C LEU A 347 -41.06 26.38 -16.86
N ARG A 348 -41.39 27.53 -17.44
CA ARG A 348 -41.57 28.75 -16.68
C ARG A 348 -42.99 29.26 -16.92
N LEU A 349 -43.73 29.42 -15.84
CA LEU A 349 -45.06 29.92 -15.84
C LEU A 349 -45.01 31.37 -15.36
N GLU A 350 -45.44 32.27 -16.21
CA GLU A 350 -45.41 33.72 -15.98
C GLU A 350 -46.80 34.19 -15.58
N LEU A 351 -46.94 34.91 -14.48
CA LEU A 351 -48.27 35.45 -14.17
C LEU A 351 -48.18 36.89 -13.81
N GLY A 352 -48.67 37.75 -14.72
CA GLY A 352 -48.75 39.18 -14.45
C GLY A 352 -50.16 39.69 -14.27
N PRO A 353 -50.27 41.01 -14.05
CA PRO A 353 -51.61 41.58 -13.88
C PRO A 353 -52.50 41.32 -15.07
N LYS A 354 -51.90 41.36 -16.24
CA LYS A 354 -52.60 41.11 -17.49
C LYS A 354 -53.16 39.68 -17.54
N ASP A 355 -52.38 38.71 -17.04
CA ASP A 355 -52.77 37.31 -17.03
C ASP A 355 -53.88 37.11 -15.96
N LEU A 356 -53.69 37.75 -14.82
CA LEU A 356 -54.68 37.75 -13.76
C LEU A 356 -56.02 38.23 -14.27
N ALA A 357 -55.97 39.17 -15.21
CA ALA A 357 -57.17 39.77 -15.80
C ALA A 357 -57.89 38.86 -16.81
N LYS A 358 -57.28 37.76 -17.24
CA LYS A 358 -57.92 36.95 -18.27
C LYS A 358 -58.22 35.51 -17.89
N GLY A 359 -57.76 35.07 -16.71
CA GLY A 359 -57.87 33.67 -16.32
C GLY A 359 -56.90 32.84 -17.14
N THR A 360 -55.66 33.28 -17.17
CA THR A 360 -54.72 32.83 -18.15
C THR A 360 -53.29 32.87 -17.57
N ALA A 361 -52.42 31.96 -18.00
CA ALA A 361 -50.99 32.13 -17.72
C ALA A 361 -50.25 31.89 -18.98
N ARG A 362 -49.03 32.46 -19.03
CA ARG A 362 -48.13 32.30 -20.17
C ARG A 362 -46.99 31.33 -19.82
N VAL A 363 -46.83 30.28 -20.61
CA VAL A 363 -45.83 29.26 -20.30
C VAL A 363 -44.76 29.14 -21.40
N VAL A 364 -43.51 29.15 -20.96
CA VAL A 364 -42.39 29.14 -21.87
C VAL A 364 -41.58 27.92 -21.51
N ARG A 365 -41.23 27.15 -22.54
CA ARG A 365 -40.52 25.89 -22.39
C ARG A 365 -39.04 26.11 -22.71
N ARG A 366 -38.19 25.65 -21.79
CA ARG A 366 -36.75 25.93 -21.81
C ARG A 366 -35.99 25.48 -23.06
N ASP A 367 -36.35 24.33 -23.59
CA ASP A 367 -35.61 23.71 -24.64
C ASP A 367 -35.73 24.48 -25.94
N THR A 368 -36.95 24.85 -26.33
CA THR A 368 -37.17 25.59 -27.59
C THR A 368 -37.52 27.06 -27.44
N GLY A 369 -37.93 27.47 -26.24
CA GLY A 369 -38.47 28.82 -26.07
C GLY A 369 -39.90 29.06 -26.56
N GLU A 370 -40.63 28.05 -26.99
CA GLU A 370 -41.98 28.31 -27.53
C GLU A 370 -42.87 28.73 -26.40
N ALA A 371 -43.74 29.72 -26.63
CA ALA A 371 -44.66 30.20 -25.57
C ALA A 371 -46.04 29.66 -25.80
N TYR A 372 -46.81 29.45 -24.74
CA TYR A 372 -48.19 28.98 -24.86
C TYR A 372 -49.05 29.84 -23.95
N GLN A 373 -50.21 30.28 -24.43
CA GLN A 373 -51.19 30.91 -23.57
C GLN A 373 -52.15 29.83 -23.17
N ILE A 374 -52.41 29.70 -21.87
CA ILE A 374 -53.18 28.58 -21.33
C ILE A 374 -54.14 28.95 -20.20
N SER A 375 -55.37 28.48 -20.30
CA SER A 375 -56.33 28.85 -19.25
C SER A 375 -55.92 28.14 -17.97
N TRP A 376 -56.21 28.76 -16.84
CA TRP A 376 -55.91 28.14 -15.56
C TRP A 376 -56.45 26.71 -15.48
N ALA A 377 -57.68 26.51 -15.95
CA ALA A 377 -58.32 25.19 -15.81
C ALA A 377 -57.44 24.12 -16.44
N ASP A 378 -57.00 24.36 -17.66
CA ASP A 378 -56.21 23.41 -18.42
C ASP A 378 -54.76 23.23 -18.00
N LEU A 379 -54.25 24.08 -17.11
CA LEU A 379 -52.80 24.05 -16.82
C LEU A 379 -52.20 22.68 -16.48
N ALA A 380 -52.85 21.93 -15.60
CA ALA A 380 -52.31 20.65 -15.17
C ALA A 380 -52.23 19.71 -16.38
N PRO A 381 -53.36 19.48 -17.04
CA PRO A 381 -53.39 18.60 -18.21
C PRO A 381 -52.54 19.06 -19.41
N LYS A 382 -52.22 20.35 -19.49
CA LYS A 382 -51.42 20.86 -20.60
C LYS A 382 -49.94 20.89 -20.26
N LEU A 383 -49.60 21.17 -18.99
CA LEU A 383 -48.20 21.12 -18.54
C LEU A 383 -47.66 19.68 -18.47
N LEU A 384 -48.50 18.73 -18.07
CA LEU A 384 -48.12 17.30 -18.18
C LEU A 384 -47.80 16.92 -19.61
N GLU A 385 -48.67 17.27 -20.54
CA GLU A 385 -48.40 16.99 -21.94
C GLU A 385 -47.05 17.65 -22.35
N LEU A 386 -46.88 18.96 -22.10
CA LEU A 386 -45.67 19.68 -22.45
C LEU A 386 -44.37 19.04 -21.97
N MET A 387 -44.37 18.55 -20.74
CA MET A 387 -43.25 17.85 -20.13
C MET A 387 -42.89 16.54 -20.80
N GLU A 388 -43.90 15.76 -21.16
CA GLU A 388 -43.67 14.60 -21.94
C GLU A 388 -43.05 14.97 -23.29
N GLY A 389 -43.50 16.08 -23.88
CA GLY A 389 -42.98 16.54 -25.19
C GLY A 389 -41.54 17.03 -25.09
N ILE A 390 -41.23 17.81 -24.04
CA ILE A 390 -39.86 18.22 -23.78
C ILE A 390 -38.97 17.02 -23.60
N GLN A 391 -39.40 16.09 -22.74
CA GLN A 391 -38.57 14.94 -22.40
C GLN A 391 -38.20 14.23 -23.66
N ARG A 392 -39.21 13.99 -24.49
CA ARG A 392 -39.08 13.16 -25.69
C ARG A 392 -38.26 13.92 -26.75
N SER A 393 -38.47 15.21 -26.82
CA SER A 393 -37.79 16.00 -27.81
C SER A 393 -36.29 16.10 -27.51
N LEU A 394 -35.94 16.24 -26.23
CA LEU A 394 -34.56 16.25 -25.80
C LEU A 394 -33.86 14.99 -26.19
N PHE A 395 -34.55 13.88 -25.96
CA PHE A 395 -34.02 12.60 -26.35
C PHE A 395 -33.86 12.52 -27.86
N GLU A 396 -34.95 12.70 -28.60
CA GLU A 396 -34.91 12.47 -30.06
CA GLU A 396 -34.98 12.54 -30.09
C GLU A 396 -33.88 13.37 -30.73
N LYS A 397 -33.84 14.65 -30.38
CA LYS A 397 -32.79 15.52 -30.89
C LYS A 397 -31.39 15.08 -30.54
N ALA A 398 -31.15 14.59 -29.31
CA ALA A 398 -29.81 14.04 -28.99
C ALA A 398 -29.52 12.73 -29.72
N LYS A 399 -30.50 11.87 -29.91
CA LYS A 399 -30.24 10.64 -30.68
C LYS A 399 -29.72 10.97 -32.08
N ALA A 400 -30.29 11.99 -32.66
CA ALA A 400 -29.91 12.42 -34.00
C ALA A 400 -28.51 13.03 -33.97
N ARG A 401 -28.19 13.88 -32.99
CA ARG A 401 -26.79 14.35 -32.89
C ARG A 401 -25.79 13.18 -32.63
N LEU A 402 -26.20 12.22 -31.85
CA LEU A 402 -25.37 11.02 -31.74
C LEU A 402 -25.06 10.40 -33.13
N HIS A 403 -26.09 10.12 -33.93
CA HIS A 403 -25.89 9.36 -35.16
C HIS A 403 -25.30 10.16 -36.27
N GLU A 404 -25.46 11.47 -36.22
CA GLU A 404 -24.78 12.34 -37.15
C GLU A 404 -23.30 12.47 -36.80
N GLY A 405 -22.95 12.12 -35.57
CA GLY A 405 -21.58 12.09 -35.12
C GLY A 405 -20.85 10.79 -35.42
N ILE A 406 -21.52 9.85 -36.10
CA ILE A 406 -20.88 8.56 -36.37
C ILE A 406 -20.73 8.38 -37.89
N GLU A 407 -19.47 8.24 -38.32
CA GLU A 407 -19.12 7.99 -39.72
C GLU A 407 -18.71 6.55 -39.92
N LYS A 408 -19.41 5.89 -40.83
CA LYS A 408 -19.06 4.55 -41.27
C LYS A 408 -17.96 4.65 -42.31
N ILE A 409 -16.97 3.78 -42.23
CA ILE A 409 -15.79 3.88 -43.04
C ILE A 409 -15.27 2.49 -43.38
N SER A 410 -14.43 2.45 -44.42
CA SER A 410 -13.89 1.21 -45.00
C SER A 410 -12.44 1.01 -44.83
N THR A 411 -11.70 2.13 -44.72
CA THR A 411 -10.24 2.14 -44.75
C THR A 411 -9.61 3.08 -43.74
N PHE A 412 -8.40 2.74 -43.37
CA PHE A 412 -7.70 3.53 -42.38
C PHE A 412 -7.51 4.99 -42.72
N ASP A 413 -7.44 5.31 -44.00
CA ASP A 413 -7.27 6.71 -44.48
C ASP A 413 -8.45 7.60 -44.16
N GLU A 414 -9.64 7.02 -44.07
CA GLU A 414 -10.79 7.79 -43.69
C GLU A 414 -10.78 8.15 -42.17
N VAL A 415 -9.84 7.58 -41.39
CA VAL A 415 -9.82 7.85 -39.94
C VAL A 415 -9.60 9.31 -39.56
N MET A 416 -8.41 9.84 -39.79
CA MET A 416 -8.06 11.17 -39.27
C MET A 416 -9.02 12.28 -39.79
N PRO A 417 -9.45 12.19 -41.05
CA PRO A 417 -10.42 13.21 -41.40
C PRO A 417 -11.70 13.13 -40.55
N ALA A 418 -12.15 11.90 -40.30
CA ALA A 418 -13.33 11.71 -39.47
C ALA A 418 -13.10 12.20 -38.03
N LEU A 419 -11.90 11.94 -37.47
CA LEU A 419 -11.62 12.42 -36.09
C LEU A 419 -11.53 13.94 -36.01
N ASN A 420 -11.08 14.58 -37.08
CA ASN A 420 -10.89 16.02 -37.05
C ASN A 420 -12.19 16.75 -37.16
N ARG A 421 -13.24 16.05 -37.59
CA ARG A 421 -14.61 16.60 -37.55
C ARG A 421 -15.27 16.37 -36.19
N LYS A 422 -14.51 15.86 -35.22
CA LYS A 422 -15.04 15.54 -33.90
C LYS A 422 -16.19 14.53 -34.03
N HIS A 423 -15.90 13.50 -34.82
CA HIS A 423 -16.79 12.40 -35.10
C HIS A 423 -16.16 11.11 -34.61
N LEU A 424 -17.02 10.11 -34.41
CA LEU A 424 -16.60 8.76 -34.09
C LEU A 424 -16.56 8.00 -35.40
N VAL A 425 -16.01 6.79 -35.39
CA VAL A 425 -16.03 5.96 -36.59
C VAL A 425 -16.50 4.53 -36.31
N LEU A 426 -17.29 4.00 -37.22
CA LEU A 426 -17.75 2.65 -37.22
C LEU A 426 -17.06 1.93 -38.35
N ALA A 427 -16.31 0.88 -38.07
CA ALA A 427 -15.49 0.22 -39.10
C ALA A 427 -15.40 -1.27 -38.96
N PRO A 428 -15.29 -1.95 -40.10
CA PRO A 428 -15.11 -3.38 -40.04
C PRO A 428 -13.77 -3.67 -39.44
N TRP A 429 -13.75 -4.50 -38.42
CA TRP A 429 -12.54 -4.75 -37.69
C TRP A 429 -12.33 -6.25 -37.52
N CYS A 430 -11.10 -6.71 -37.75
CA CYS A 430 -10.78 -8.16 -37.59
C CYS A 430 -10.67 -8.58 -36.14
N GLU A 431 -10.58 -7.64 -35.20
CA GLU A 431 -10.65 -7.97 -33.76
C GLU A 431 -9.40 -8.70 -33.19
N ASP A 432 -8.34 -8.74 -33.96
CA ASP A 432 -7.12 -9.33 -33.49
C ASP A 432 -6.54 -8.33 -32.53
N PRO A 433 -6.04 -8.82 -31.43
CA PRO A 433 -5.58 -7.95 -30.35
C PRO A 433 -4.46 -6.95 -30.55
N GLU A 434 -3.34 -7.30 -31.18
CA GLU A 434 -2.24 -6.36 -31.38
C GLU A 434 -2.67 -5.21 -32.26
N SER A 435 -3.53 -5.52 -33.18
CA SER A 435 -4.15 -4.54 -34.03
C SER A 435 -4.67 -3.30 -33.28
N GLU A 436 -5.43 -3.53 -32.21
CA GLU A 436 -5.98 -2.39 -31.47
C GLU A 436 -4.87 -1.50 -30.95
N GLU A 437 -3.92 -2.07 -30.21
CA GLU A 437 -2.74 -1.30 -29.74
C GLU A 437 -1.99 -0.58 -30.88
N GLN A 438 -1.86 -1.24 -32.04
CA GLN A 438 -1.25 -0.58 -33.20
C GLN A 438 -2.05 0.64 -33.65
N ILE A 439 -3.37 0.54 -33.58
CA ILE A 439 -4.24 1.62 -34.03
C ILE A 439 -4.18 2.76 -33.05
N LYS A 440 -4.13 2.47 -31.75
CA LYS A 440 -3.90 3.52 -30.71
C LYS A 440 -2.61 4.33 -31.02
N LYS A 441 -1.46 3.65 -30.97
CA LYS A 441 -0.13 4.22 -31.24
C LYS A 441 -0.14 5.05 -32.50
N GLU A 442 -0.66 4.48 -33.56
CA GLU A 442 -0.65 5.15 -34.85
C GLU A 442 -1.54 6.44 -34.92
N THR A 443 -2.73 6.43 -34.31
CA THR A 443 -3.55 7.64 -34.26
C THR A 443 -3.05 8.62 -33.20
N GLN A 444 -2.38 8.10 -32.19
CA GLN A 444 -1.66 8.97 -31.27
C GLN A 444 -0.63 9.82 -32.06
N LYS A 445 0.33 9.16 -32.73
CA LYS A 445 1.42 9.87 -33.44
C LYS A 445 0.84 10.82 -34.47
N LEU A 446 -0.18 10.38 -35.20
CA LEU A 446 -0.68 11.19 -36.29
C LEU A 446 -1.39 12.45 -35.81
N SER A 447 -1.77 12.46 -34.53
CA SER A 447 -2.48 13.61 -33.93
C SER A 447 -1.53 14.70 -33.43
N GLU A 448 -0.37 14.30 -32.89
CA GLU A 448 0.68 15.26 -32.51
C GLU A 448 1.18 16.03 -33.74
N ILE A 449 1.41 15.30 -34.81
CA ILE A 449 1.85 15.91 -36.05
C ILE A 449 0.78 16.89 -36.62
N GLN A 450 -0.49 16.76 -36.24
CA GLN A 450 -1.51 17.76 -36.64
C GLN A 450 -1.80 18.80 -35.54
N GLY A 463 -4.98 12.22 -28.06
CA GLY A 463 -5.38 12.27 -29.46
C GLY A 463 -5.67 10.86 -29.98
N ALA A 464 -5.33 9.84 -29.20
CA ALA A 464 -5.48 8.44 -29.64
C ALA A 464 -6.93 8.03 -29.77
N MET A 465 -7.18 7.31 -30.85
CA MET A 465 -8.41 6.59 -31.07
C MET A 465 -8.37 5.15 -30.50
N LYS A 466 -9.37 4.80 -29.72
CA LYS A 466 -9.42 3.49 -29.11
C LYS A 466 -10.77 2.89 -29.45
N THR A 467 -10.91 1.55 -29.31
CA THR A 467 -12.24 0.95 -29.49
C THR A 467 -13.08 1.47 -28.40
N LEU A 468 -14.30 1.84 -28.72
CA LEU A 468 -15.32 2.14 -27.68
C LEU A 468 -16.21 0.91 -27.44
N CYS A 469 -16.81 0.36 -28.51
CA CYS A 469 -17.54 -0.92 -28.34
C CYS A 469 -17.82 -1.63 -29.64
N ILE A 470 -18.11 -2.93 -29.55
CA ILE A 470 -18.63 -3.67 -30.70
C ILE A 470 -20.15 -3.68 -30.58
N PRO A 471 -20.83 -2.81 -31.31
CA PRO A 471 -22.26 -2.66 -31.03
C PRO A 471 -23.15 -3.91 -31.25
N PHE A 472 -24.11 -4.13 -30.37
CA PHE A 472 -25.15 -5.15 -30.52
C PHE A 472 -25.94 -4.90 -31.79
N ASP A 473 -26.21 -3.62 -32.04
CA ASP A 473 -26.84 -3.17 -33.25
C ASP A 473 -25.87 -3.14 -34.41
N GLN A 474 -25.62 -4.29 -34.98
CA GLN A 474 -24.65 -4.40 -36.08
C GLN A 474 -25.19 -3.98 -37.45
N PRO A 475 -24.61 -2.92 -38.05
CA PRO A 475 -25.06 -2.64 -39.40
C PRO A 475 -24.66 -3.75 -40.37
N PRO A 476 -25.30 -3.76 -41.53
CA PRO A 476 -25.03 -4.91 -42.36
C PRO A 476 -23.57 -5.04 -42.77
N MET A 477 -23.16 -6.27 -43.05
CA MET A 477 -21.78 -6.59 -43.31
C MET A 477 -21.78 -7.50 -44.53
N PRO A 478 -21.58 -6.90 -45.72
CA PRO A 478 -21.47 -7.63 -47.01
C PRO A 478 -20.34 -8.65 -47.00
N GLU A 479 -20.54 -9.77 -47.70
CA GLU A 479 -19.56 -10.84 -47.73
C GLU A 479 -18.22 -10.40 -48.30
N GLY A 480 -17.14 -10.89 -47.68
CA GLY A 480 -15.79 -10.54 -48.11
C GLY A 480 -15.33 -9.17 -47.63
N THR A 481 -16.05 -8.60 -46.69
CA THR A 481 -15.64 -7.30 -46.21
C THR A 481 -14.33 -7.53 -45.45
N LYS A 482 -13.45 -6.56 -45.51
CA LYS A 482 -12.11 -6.63 -44.98
C LYS A 482 -11.93 -5.61 -43.87
N CYS A 483 -11.06 -5.99 -42.92
CA CYS A 483 -10.69 -5.15 -41.78
C CYS A 483 -10.12 -3.85 -42.30
N PHE A 484 -10.67 -2.75 -41.81
CA PHE A 484 -10.26 -1.42 -42.26
C PHE A 484 -8.79 -1.20 -41.99
N TYR A 485 -8.19 -1.96 -41.08
CA TYR A 485 -6.87 -1.69 -40.68
C TYR A 485 -5.88 -2.72 -41.12
N THR A 486 -6.20 -4.00 -40.97
CA THR A 486 -5.25 -5.04 -41.34
C THR A 486 -5.51 -5.55 -42.73
N GLY A 487 -6.68 -5.30 -43.29
CA GLY A 487 -7.06 -6.02 -44.52
C GLY A 487 -7.38 -7.51 -44.39
N LYS A 488 -7.16 -8.12 -43.22
CA LYS A 488 -7.71 -9.46 -42.98
C LYS A 488 -9.24 -9.48 -43.06
N PRO A 489 -9.86 -10.67 -43.01
CA PRO A 489 -11.34 -10.63 -43.06
C PRO A 489 -11.95 -10.04 -41.77
N ALA A 490 -12.88 -9.13 -41.96
CA ALA A 490 -13.51 -8.47 -40.89
C ALA A 490 -14.60 -9.30 -40.36
N LYS A 491 -14.69 -9.32 -39.06
CA LYS A 491 -15.72 -10.04 -38.42
C LYS A 491 -16.98 -9.20 -38.15
N ARG A 492 -16.84 -8.07 -37.47
CA ARG A 492 -17.97 -7.20 -37.10
C ARG A 492 -17.58 -5.73 -37.09
N TRP A 493 -18.55 -4.83 -37.04
CA TRP A 493 -18.33 -3.41 -36.95
C TRP A 493 -17.96 -3.10 -35.55
N THR A 494 -16.99 -2.24 -35.39
CA THR A 494 -16.57 -1.80 -34.09
C THR A 494 -16.65 -0.25 -34.06
N LEU A 495 -17.22 0.30 -32.98
CA LEU A 495 -17.26 1.75 -32.83
C LEU A 495 -15.97 2.25 -32.18
N TRP A 496 -15.30 3.19 -32.84
CA TRP A 496 -14.05 3.75 -32.34
C TRP A 496 -14.15 5.25 -32.20
N GLY A 497 -13.35 5.81 -31.29
CA GLY A 497 -13.15 7.28 -31.22
C GLY A 497 -12.10 7.68 -30.20
N ARG A 498 -11.85 8.97 -30.15
CA ARG A 498 -11.25 9.56 -28.94
C ARG A 498 -12.24 9.37 -27.77
N SER A 499 -11.70 9.30 -26.57
CA SER A 499 -12.55 9.06 -25.44
C SER A 499 -12.06 9.68 -24.12
N TYR A 500 -12.94 9.63 -23.15
CA TYR A 500 -12.67 10.10 -21.83
C TYR A 500 -12.01 8.99 -21.08
N MET B 3 -31.84 -22.33 16.10
CA MET B 3 -30.62 -21.51 15.77
C MET B 3 -29.99 -20.70 16.94
N VAL B 4 -30.81 -19.97 17.71
CA VAL B 4 -30.33 -19.15 18.87
C VAL B 4 -30.43 -19.88 20.25
N THR B 5 -29.27 -20.01 20.92
CA THR B 5 -29.11 -20.81 22.15
C THR B 5 -28.65 -20.02 23.38
N ALA B 6 -28.13 -18.81 23.23
CA ALA B 6 -27.85 -17.97 24.42
C ALA B 6 -29.10 -17.26 24.87
N LYS B 7 -29.23 -17.01 26.17
CA LYS B 7 -30.42 -16.40 26.75
C LYS B 7 -30.12 -14.92 26.88
N LYS B 8 -31.06 -14.13 26.38
CA LYS B 8 -31.00 -12.66 26.50
C LYS B 8 -30.70 -12.19 27.92
N ASP B 9 -31.40 -12.73 28.91
CA ASP B 9 -31.20 -12.32 30.30
C ASP B 9 -29.97 -12.94 31.01
N GLU B 10 -29.26 -13.87 30.39
CA GLU B 10 -28.02 -14.40 30.99
C GLU B 10 -26.72 -13.79 30.43
N ASN B 11 -26.28 -14.14 29.23
CA ASN B 11 -25.07 -13.47 28.72
C ASN B 11 -25.60 -12.61 27.55
N PHE B 12 -25.66 -11.30 27.79
CA PHE B 12 -26.42 -10.42 26.92
C PHE B 12 -25.61 -10.10 25.69
N SER B 13 -24.32 -9.92 25.88
CA SER B 13 -23.44 -9.68 24.76
C SER B 13 -23.37 -10.87 23.80
N GLU B 14 -23.44 -12.10 24.29
CA GLU B 14 -23.38 -13.30 23.42
C GLU B 14 -24.70 -13.46 22.71
N TRP B 15 -25.78 -13.25 23.44
CA TRP B 15 -27.11 -13.28 22.82
C TRP B 15 -27.15 -12.27 21.66
N TYR B 16 -26.69 -11.05 21.90
CA TYR B 16 -26.66 -10.02 20.85
C TYR B 16 -25.94 -10.48 19.61
N THR B 17 -24.74 -11.01 19.81
CA THR B 17 -23.91 -11.50 18.73
C THR B 17 -24.56 -12.65 18.00
N GLN B 18 -25.12 -13.57 18.75
CA GLN B 18 -25.84 -14.65 18.10
C GLN B 18 -26.99 -14.08 17.29
N ALA B 19 -27.66 -13.07 17.83
CA ALA B 19 -28.93 -12.63 17.24
C ALA B 19 -28.68 -12.02 15.87
N ILE B 20 -27.70 -11.14 15.84
CA ILE B 20 -27.41 -10.41 14.63
C ILE B 20 -26.71 -11.26 13.61
N VAL B 21 -25.97 -12.29 14.04
CA VAL B 21 -25.29 -13.17 13.07
C VAL B 21 -26.26 -14.21 12.56
N ARG B 22 -26.99 -14.90 13.43
CA ARG B 22 -27.82 -16.02 12.99
C ARG B 22 -29.01 -15.57 12.18
N SER B 23 -29.43 -14.30 12.38
CA SER B 23 -30.47 -13.63 11.55
C SER B 23 -29.98 -13.20 10.19
N GLU B 24 -28.66 -13.24 9.99
CA GLU B 24 -28.00 -12.75 8.79
C GLU B 24 -28.08 -11.23 8.66
N MET B 25 -27.94 -10.52 9.76
CA MET B 25 -27.89 -9.10 9.69
C MET B 25 -26.49 -8.58 9.51
N ILE B 26 -25.57 -9.29 10.15
CA ILE B 26 -24.18 -8.85 10.27
C ILE B 26 -23.22 -9.98 9.90
N GLU B 27 -22.18 -9.66 9.15
CA GLU B 27 -21.06 -10.55 8.93
C GLU B 27 -19.83 -9.87 9.51
N TYR B 28 -18.98 -10.63 10.19
CA TYR B 28 -17.81 -10.02 10.88
C TYR B 28 -16.76 -9.70 9.82
N TYR B 29 -15.82 -8.84 10.15
CA TYR B 29 -14.89 -8.32 9.19
C TYR B 29 -13.52 -8.25 9.78
N ASP B 30 -12.49 -8.24 8.96
CA ASP B 30 -11.11 -8.23 9.53
C ASP B 30 -10.63 -6.85 10.00
N ILE B 31 -11.33 -5.77 9.65
CA ILE B 31 -10.90 -4.48 10.14
C ILE B 31 -11.72 -4.13 11.35
N SER B 32 -11.00 -4.15 12.46
CA SER B 32 -11.53 -3.97 13.77
C SER B 32 -12.51 -2.80 13.90
N GLY B 33 -13.67 -3.07 14.46
CA GLY B 33 -14.66 -2.05 14.63
C GLY B 33 -15.53 -1.82 13.42
N CYS B 34 -15.35 -2.61 12.35
CA CYS B 34 -16.18 -2.44 11.15
C CYS B 34 -16.92 -3.73 10.85
N TYR B 35 -18.12 -3.61 10.28
CA TYR B 35 -18.94 -4.79 10.03
C TYR B 35 -19.66 -4.68 8.74
N ILE B 36 -19.99 -5.84 8.15
CA ILE B 36 -20.76 -5.91 6.94
C ILE B 36 -22.23 -5.90 7.32
N MET B 37 -23.00 -4.93 6.79
CA MET B 37 -24.45 -4.94 6.93
C MET B 37 -25.05 -5.73 5.81
N ARG B 38 -25.68 -6.85 6.17
CA ARG B 38 -26.38 -7.73 5.23
C ARG B 38 -27.78 -7.18 4.90
N PRO B 39 -28.33 -7.60 3.77
CA PRO B 39 -29.66 -7.19 3.33
C PRO B 39 -30.68 -7.14 4.39
N TRP B 40 -30.75 -8.20 5.17
CA TRP B 40 -31.72 -8.18 6.24
C TRP B 40 -31.53 -7.00 7.20
N ALA B 41 -30.30 -6.61 7.55
CA ALA B 41 -30.18 -5.34 8.28
C ALA B 41 -30.38 -4.13 7.38
N PHE B 42 -29.74 -4.16 6.21
CA PHE B 42 -29.77 -2.97 5.33
C PHE B 42 -31.15 -2.51 4.96
N HIS B 43 -32.05 -3.43 4.68
CA HIS B 43 -33.43 -3.05 4.29
C HIS B 43 -34.15 -2.29 5.37
N ILE B 44 -33.81 -2.58 6.61
CA ILE B 44 -34.38 -1.86 7.74
C ILE B 44 -33.84 -0.44 7.77
N TRP B 45 -32.58 -0.28 7.43
CA TRP B 45 -32.02 1.07 7.36
C TRP B 45 -32.75 1.90 6.31
N GLU B 46 -32.99 1.28 5.17
CA GLU B 46 -33.67 1.93 4.08
C GLU B 46 -35.04 2.36 4.49
N LYS B 47 -35.74 1.56 5.28
CA LYS B 47 -37.07 1.96 5.70
C LYS B 47 -37.05 3.24 6.55
N VAL B 48 -36.15 3.31 7.54
CA VAL B 48 -36.11 4.48 8.40
C VAL B 48 -35.54 5.69 7.69
N GLN B 49 -34.61 5.47 6.76
CA GLN B 49 -34.01 6.55 5.93
C GLN B 49 -35.06 7.18 5.08
N ARG B 50 -35.89 6.34 4.46
CA ARG B 50 -36.97 6.80 3.61
C ARG B 50 -37.96 7.64 4.43
N PHE B 51 -38.27 7.21 5.64
CA PHE B 51 -39.20 7.96 6.49
C PHE B 51 -38.69 9.38 6.84
N PHE B 52 -37.52 9.44 7.44
CA PHE B 52 -36.94 10.69 7.89
C PHE B 52 -36.73 11.62 6.72
N ASP B 53 -36.32 11.04 5.63
CA ASP B 53 -36.00 11.80 4.47
C ASP B 53 -37.28 12.46 3.91
N ASP B 54 -38.34 11.70 3.75
CA ASP B 54 -39.61 12.25 3.35
C ASP B 54 -40.00 13.38 4.34
N GLU B 55 -39.74 13.14 5.63
CA GLU B 55 -40.27 14.06 6.61
C GLU B 55 -39.55 15.37 6.59
N ILE B 56 -38.22 15.33 6.50
CA ILE B 56 -37.45 16.54 6.37
C ILE B 56 -37.65 17.25 5.01
N LYS B 57 -37.98 16.49 3.97
CA LYS B 57 -38.32 17.09 2.68
C LYS B 57 -39.53 18.01 2.91
N LYS B 58 -40.50 17.61 3.73
CA LYS B 58 -41.71 18.43 3.96
C LYS B 58 -41.39 19.69 4.75
N MET B 59 -40.24 19.72 5.41
CA MET B 59 -39.78 20.96 6.06
C MET B 59 -38.95 21.85 5.13
N GLY B 60 -38.87 21.47 3.85
CA GLY B 60 -37.95 22.18 2.94
C GLY B 60 -36.47 21.88 3.14
N VAL B 61 -36.10 20.79 3.80
CA VAL B 61 -34.68 20.40 3.80
C VAL B 61 -34.32 19.70 2.52
N GLU B 62 -33.16 20.03 2.00
CA GLU B 62 -32.67 19.44 0.76
C GLU B 62 -31.40 18.66 0.98
N ASN B 63 -31.28 17.59 0.25
CA ASN B 63 -30.14 16.74 0.36
C ASN B 63 -28.98 17.21 -0.51
N SER B 64 -27.77 16.95 -0.05
CA SER B 64 -26.61 17.32 -0.80
C SER B 64 -25.58 16.27 -0.56
N TYR B 65 -24.45 16.40 -1.27
CA TYR B 65 -23.30 15.60 -0.96
C TYR B 65 -21.96 16.39 -0.97
N PHE B 66 -21.36 16.56 0.22
CA PHE B 66 -20.07 17.18 0.34
C PHE B 66 -18.98 16.10 0.43
N PRO B 67 -17.74 16.46 0.07
CA PRO B 67 -16.69 15.46 0.03
C PRO B 67 -16.34 14.82 1.37
N MET B 68 -15.86 13.57 1.27
CA MET B 68 -15.40 12.82 2.43
C MET B 68 -13.99 13.24 2.93
N PHE B 69 -13.22 13.94 2.11
CA PHE B 69 -11.94 14.47 2.55
C PHE B 69 -11.94 15.89 3.01
N VAL B 70 -11.13 16.15 4.03
CA VAL B 70 -10.92 17.48 4.49
C VAL B 70 -9.43 17.62 4.76
N SER B 71 -8.88 18.76 4.32
CA SER B 71 -7.47 19.02 4.44
C SER B 71 -7.18 19.35 5.88
N ARG B 72 -5.94 19.12 6.26
CA ARG B 72 -5.49 19.17 7.63
C ARG B 72 -5.69 20.56 8.18
N HIS B 73 -5.31 21.53 7.39
CA HIS B 73 -5.41 22.89 7.75
C HIS B 73 -6.83 23.33 8.12
N LYS B 74 -7.83 22.82 7.42
CA LYS B 74 -9.25 23.23 7.71
C LYS B 74 -9.84 22.52 8.89
N LEU B 75 -9.45 21.27 9.05
CA LEU B 75 -9.94 20.44 10.13
C LEU B 75 -9.32 20.86 11.44
N GLU B 76 -8.06 21.28 11.40
CA GLU B 76 -7.28 21.60 12.61
C GLU B 76 -7.28 23.10 12.86
N LYS B 77 -8.42 23.77 12.65
CA LYS B 77 -8.59 25.18 13.04
C LYS B 77 -8.98 25.24 14.53
N GLY B 84 -10.13 15.69 22.64
CA GLY B 84 -10.75 14.36 22.66
C GLY B 84 -11.20 13.87 21.29
N PHE B 85 -11.19 14.78 20.30
CA PHE B 85 -11.67 14.48 18.94
C PHE B 85 -10.51 14.06 18.02
N SER B 86 -9.40 14.77 18.12
CA SER B 86 -8.17 14.50 17.38
C SER B 86 -7.71 13.02 17.29
N PRO B 87 -7.73 12.29 18.40
CA PRO B 87 -7.19 10.94 18.29
C PRO B 87 -8.02 10.01 17.41
N GLU B 88 -9.25 10.44 17.10
CA GLU B 88 -10.20 9.57 16.44
C GLU B 88 -10.12 9.66 14.93
N VAL B 89 -9.37 10.64 14.44
CA VAL B 89 -9.47 11.02 13.04
C VAL B 89 -8.57 10.15 12.18
N ALA B 90 -9.11 9.58 11.09
CA ALA B 90 -8.29 8.81 10.18
C ALA B 90 -7.65 9.69 9.12
N TRP B 91 -6.36 9.47 8.89
CA TRP B 91 -5.62 10.26 7.94
C TRP B 91 -4.98 9.47 6.80
N VAL B 92 -5.23 9.96 5.60
CA VAL B 92 -4.70 9.42 4.39
C VAL B 92 -3.37 10.11 4.16
N THR B 93 -2.33 9.33 3.99
CA THR B 93 -1.01 9.91 3.79
C THR B 93 -0.42 9.58 2.42
N HIS B 94 -0.94 8.52 1.77
CA HIS B 94 -0.39 8.08 0.50
C HIS B 94 -1.44 7.76 -0.55
N TYR B 95 -1.01 7.87 -1.81
CA TYR B 95 -1.72 7.26 -2.92
C TYR B 95 -0.70 6.38 -3.70
N GLY B 96 -1.00 5.10 -3.87
CA GLY B 96 0.00 4.15 -4.35
C GLY B 96 1.06 4.14 -3.28
N ASP B 97 2.32 4.07 -3.70
CA ASP B 97 3.51 4.28 -2.84
C ASP B 97 3.91 5.75 -2.70
N SER B 98 3.23 6.65 -3.38
CA SER B 98 3.59 8.06 -3.31
C SER B 98 2.95 8.75 -2.13
N PRO B 99 3.75 9.56 -1.43
CA PRO B 99 3.26 10.28 -0.25
C PRO B 99 2.56 11.54 -0.69
N LEU B 100 1.39 11.80 -0.16
CA LEU B 100 0.76 13.06 -0.48
C LEU B 100 1.64 14.22 -0.08
N PRO B 101 1.57 15.33 -0.84
CA PRO B 101 2.27 16.55 -0.41
C PRO B 101 1.87 16.94 0.99
N GLU B 102 0.61 16.71 1.34
CA GLU B 102 0.10 16.90 2.69
C GLU B 102 -1.00 15.90 2.98
N LYS B 103 -1.03 15.40 4.20
CA LYS B 103 -1.98 14.37 4.58
C LYS B 103 -3.38 14.99 4.67
N ILE B 104 -4.38 14.12 4.48
CA ILE B 104 -5.79 14.49 4.36
C ILE B 104 -6.68 13.62 5.25
N ALA B 105 -7.74 14.19 5.79
CA ALA B 105 -8.54 13.50 6.82
C ALA B 105 -9.82 12.96 6.24
N ILE B 106 -10.17 11.73 6.59
CA ILE B 106 -11.47 11.23 6.27
C ILE B 106 -12.46 11.86 7.24
N ARG B 107 -13.55 12.36 6.70
CA ARG B 107 -14.45 13.08 7.55
C ARG B 107 -15.06 12.30 8.68
N PRO B 108 -14.84 12.87 9.86
CA PRO B 108 -15.47 12.43 11.11
C PRO B 108 -16.83 13.08 11.38
N THR B 109 -17.09 14.17 10.67
CA THR B 109 -18.28 14.96 10.75
C THR B 109 -17.91 16.10 9.82
N SER B 110 -18.88 16.88 9.39
CA SER B 110 -18.64 17.70 8.20
C SER B 110 -18.72 19.21 8.41
N GLU B 111 -18.70 19.66 9.67
CA GLU B 111 -18.81 21.10 9.95
C GLU B 111 -17.74 21.88 9.16
N THR B 112 -16.49 21.38 9.16
CA THR B 112 -15.35 22.11 8.56
C THR B 112 -15.34 22.08 7.03
N ILE B 113 -16.17 21.20 6.48
CA ILE B 113 -16.30 21.05 5.03
C ILE B 113 -17.47 21.87 4.53
N MET B 114 -18.54 21.90 5.31
CA MET B 114 -19.76 22.58 4.87
C MET B 114 -19.75 24.06 5.21
N TYR B 115 -19.19 24.41 6.37
CA TYR B 115 -19.41 25.76 6.84
C TYR B 115 -18.67 26.83 6.04
N PRO B 116 -17.46 26.55 5.56
CA PRO B 116 -16.91 27.53 4.59
C PRO B 116 -17.78 27.76 3.37
N ALA B 117 -18.42 26.73 2.84
CA ALA B 117 -19.36 26.94 1.72
C ALA B 117 -20.56 27.85 2.15
N TYR B 118 -20.97 27.71 3.39
CA TYR B 118 -22.11 28.45 3.86
C TYR B 118 -21.82 29.96 3.85
N ALA B 119 -20.64 30.31 4.36
CA ALA B 119 -20.20 31.72 4.43
C ALA B 119 -20.25 32.35 3.05
N LYS B 120 -19.88 31.55 2.06
CA LYS B 120 -19.93 31.94 0.68
C LYS B 120 -21.34 32.02 0.07
N TRP B 121 -22.24 31.09 0.35
CA TRP B 121 -23.58 31.08 -0.28
C TRP B 121 -24.58 32.04 0.39
N ILE B 122 -24.27 32.47 1.60
CA ILE B 122 -25.11 33.35 2.38
C ILE B 122 -24.50 34.77 2.37
N ARG B 123 -25.22 35.69 1.74
CA ARG B 123 -24.85 37.11 1.64
C ARG B 123 -26.03 37.95 2.17
N SER B 124 -27.25 37.51 1.85
CA SER B 124 -28.46 38.29 2.07
C SER B 124 -29.53 37.51 2.86
N HIS B 125 -30.39 38.26 3.56
CA HIS B 125 -31.60 37.70 4.13
C HIS B 125 -32.40 36.94 3.09
N ARG B 126 -32.29 37.28 1.81
CA ARG B 126 -33.03 36.55 0.76
C ARG B 126 -32.65 35.05 0.72
N ASP B 127 -31.45 34.75 1.20
CA ASP B 127 -30.80 33.43 1.16
C ASP B 127 -31.10 32.51 2.34
N LEU B 128 -31.84 32.97 3.34
CA LEU B 128 -32.17 32.15 4.52
C LEU B 128 -33.66 31.92 4.63
N PRO B 129 -34.05 30.78 5.24
CA PRO B 129 -33.19 29.77 5.83
C PRO B 129 -32.50 28.88 4.78
N LEU B 130 -31.27 28.50 5.08
CA LEU B 130 -30.53 27.49 4.31
C LEU B 130 -30.58 26.15 5.08
N LYS B 131 -31.21 25.14 4.49
CA LYS B 131 -31.41 23.90 5.16
C LYS B 131 -30.92 22.76 4.29
N LEU B 132 -29.86 22.11 4.74
CA LEU B 132 -29.31 21.02 4.00
C LEU B 132 -29.14 19.83 4.89
N ASN B 133 -29.04 18.69 4.26
CA ASN B 133 -28.78 17.41 4.92
C ASN B 133 -27.91 16.58 3.98
N GLN B 134 -27.21 15.62 4.55
CA GLN B 134 -26.57 14.59 3.74
C GLN B 134 -26.55 13.24 4.39
N TRP B 135 -26.80 12.21 3.58
CA TRP B 135 -26.55 10.82 3.97
C TRP B 135 -25.14 10.45 3.59
N CYS B 136 -24.34 10.04 4.57
CA CYS B 136 -23.02 9.56 4.26
C CYS B 136 -22.50 8.67 5.34
N SER B 137 -21.31 8.17 5.05
CA SER B 137 -20.55 7.36 5.95
C SER B 137 -19.60 8.31 6.69
N VAL B 138 -19.30 7.96 7.91
CA VAL B 138 -18.42 8.68 8.78
C VAL B 138 -17.42 7.68 9.37
N VAL B 139 -16.20 8.14 9.57
CA VAL B 139 -15.18 7.30 10.15
C VAL B 139 -14.65 7.98 11.38
N ARG B 140 -14.65 7.25 12.49
CA ARG B 140 -13.94 7.62 13.69
C ARG B 140 -13.23 6.38 14.27
N TRP B 141 -11.93 6.51 14.52
CA TRP B 141 -11.18 5.48 15.18
C TRP B 141 -11.51 5.43 16.66
N GLU B 142 -12.71 4.98 16.98
CA GLU B 142 -13.24 4.90 18.37
C GLU B 142 -12.32 4.21 19.41
N PHE B 143 -12.17 4.79 20.60
CA PHE B 143 -11.37 4.14 21.64
C PHE B 143 -12.17 3.14 22.42
N LYS B 144 -13.43 3.40 22.64
CA LYS B 144 -14.30 2.45 23.36
C LYS B 144 -14.42 1.13 22.63
N GLN B 145 -14.83 0.11 23.37
CA GLN B 145 -15.23 -1.19 22.80
C GLN B 145 -16.24 -0.98 21.67
N PRO B 146 -15.93 -1.41 20.45
CA PRO B 146 -16.92 -1.28 19.39
C PRO B 146 -17.99 -2.34 19.56
N THR B 147 -19.14 -2.08 19.00
CA THR B 147 -20.25 -3.02 19.02
C THR B 147 -21.02 -2.88 17.73
N PRO B 148 -21.34 -3.99 17.08
CA PRO B 148 -22.08 -3.86 15.83
C PRO B 148 -23.29 -2.94 15.99
N PHE B 149 -23.44 -2.01 15.02
CA PHE B 149 -24.42 -0.85 15.02
C PHE B 149 -24.24 0.23 16.08
N LEU B 150 -24.20 -0.12 17.36
CA LEU B 150 -24.21 0.89 18.43
C LEU B 150 -23.00 1.81 18.40
N ARG B 151 -21.84 1.21 18.16
CA ARG B 151 -20.58 1.98 18.06
C ARG B 151 -19.56 1.31 17.10
N THR B 152 -19.42 1.88 15.91
CA THR B 152 -18.61 1.30 14.86
C THR B 152 -17.66 2.35 14.34
N ARG B 153 -16.59 1.92 13.70
CA ARG B 153 -15.55 2.85 13.34
C ARG B 153 -15.88 3.56 12.04
N GLU B 154 -16.61 2.85 11.18
CA GLU B 154 -17.31 3.42 10.07
C GLU B 154 -18.78 3.19 10.40
N PHE B 155 -19.58 4.26 10.34
CA PHE B 155 -21.02 4.14 10.43
C PHE B 155 -21.68 4.98 9.37
N LEU B 156 -22.98 4.77 9.23
CA LEU B 156 -23.78 5.51 8.29
C LEU B 156 -24.64 6.43 9.07
N TRP B 157 -24.80 7.63 8.55
CA TRP B 157 -25.69 8.55 9.19
C TRP B 157 -26.28 9.50 8.19
N GLN B 158 -27.14 10.33 8.76
CA GLN B 158 -27.56 11.55 8.17
C GLN B 158 -27.00 12.66 9.09
N GLU B 159 -26.48 13.76 8.52
CA GLU B 159 -26.22 14.98 9.30
C GLU B 159 -26.91 16.12 8.60
N GLY B 160 -27.69 16.87 9.36
CA GLY B 160 -28.44 18.00 8.82
C GLY B 160 -27.90 19.28 9.43
N HIS B 161 -27.69 20.30 8.62
CA HIS B 161 -27.05 21.54 9.04
C HIS B 161 -27.85 22.72 8.46
N THR B 162 -28.44 23.55 9.33
CA THR B 162 -29.29 24.65 8.86
C THR B 162 -28.75 25.98 9.37
N ALA B 163 -29.13 27.06 8.70
CA ALA B 163 -28.81 28.43 9.11
C ALA B 163 -30.02 29.34 8.87
N HIS B 164 -30.21 30.26 9.81
CA HIS B 164 -31.45 31.00 9.94
C HIS B 164 -31.16 32.42 10.40
N ALA B 165 -32.14 33.29 10.20
CA ALA B 165 -32.05 34.72 10.60
C ALA B 165 -32.12 34.93 12.09
N THR B 166 -32.83 34.04 12.78
CA THR B 166 -33.21 34.25 14.18
C THR B 166 -32.97 33.02 15.02
N GLU B 167 -32.52 33.22 16.24
CA GLU B 167 -32.60 32.18 17.25
C GLU B 167 -34.04 31.56 17.32
N GLU B 168 -35.08 32.35 17.25
CA GLU B 168 -36.44 31.81 17.40
C GLU B 168 -36.67 30.65 16.41
N GLU B 169 -36.33 30.86 15.13
CA GLU B 169 -36.71 29.94 14.04
C GLU B 169 -35.86 28.67 14.03
N ALA B 170 -34.57 28.85 14.31
CA ALA B 170 -33.62 27.77 14.39
C ALA B 170 -33.97 26.85 15.55
N TRP B 171 -34.28 27.45 16.69
CA TRP B 171 -34.73 26.71 17.85
C TRP B 171 -36.00 25.89 17.48
N GLU B 172 -36.89 26.46 16.70
CA GLU B 172 -38.13 25.73 16.38
C GLU B 172 -37.82 24.51 15.46
N LEU B 173 -36.82 24.67 14.62
CA LEU B 173 -36.37 23.57 13.79
C LEU B 173 -35.69 22.50 14.65
N VAL B 174 -34.90 22.93 15.62
CA VAL B 174 -34.29 22.00 16.54
C VAL B 174 -35.38 21.08 17.09
N LEU B 175 -36.48 21.65 17.58
CA LEU B 175 -37.51 20.80 18.22
C LEU B 175 -38.25 19.99 17.23
N ASP B 176 -38.37 20.49 16.02
CA ASP B 176 -39.02 19.74 14.94
C ASP B 176 -38.22 18.50 14.56
N ILE B 177 -36.92 18.66 14.48
CA ILE B 177 -36.10 17.55 14.13
C ILE B 177 -36.15 16.54 15.26
N LEU B 178 -36.06 17.03 16.49
CA LEU B 178 -36.09 16.14 17.64
C LEU B 178 -37.38 15.31 17.64
N GLU B 179 -38.48 15.94 17.20
CA GLU B 179 -39.74 15.25 17.14
C GLU B 179 -39.67 14.10 16.12
N LEU B 180 -38.88 14.29 15.05
CA LEU B 180 -38.81 13.33 13.96
C LEU B 180 -37.94 12.15 14.40
N TYR B 181 -36.91 12.43 15.21
CA TYR B 181 -36.16 11.35 15.85
C TYR B 181 -37.05 10.56 16.78
N ARG B 182 -37.89 11.23 17.55
CA ARG B 182 -38.80 10.46 18.41
C ARG B 182 -39.65 9.56 17.51
N ARG B 183 -40.01 10.03 16.33
CA ARG B 183 -40.87 9.23 15.48
C ARG B 183 -40.12 8.06 14.82
N TRP B 184 -38.89 8.30 14.39
CA TRP B 184 -37.97 7.27 13.90
C TRP B 184 -37.93 6.17 14.92
N TYR B 185 -37.70 6.51 16.16
CA TYR B 185 -37.58 5.50 17.20
C TYR B 185 -38.91 4.93 17.66
N GLU B 186 -39.81 5.81 18.12
CA GLU B 186 -41.10 5.36 18.67
C GLU B 186 -42.06 4.82 17.60
N GLU B 187 -42.20 5.52 16.46
CA GLU B 187 -43.22 5.15 15.45
C GLU B 187 -42.76 4.08 14.49
N CYS B 188 -41.54 4.22 14.02
CA CYS B 188 -40.95 3.22 13.14
C CYS B 188 -40.39 1.99 13.88
N LEU B 189 -39.55 2.21 14.89
CA LEU B 189 -38.83 1.11 15.56
C LEU B 189 -39.48 0.65 16.88
N ALA B 190 -40.64 1.23 17.24
CA ALA B 190 -41.36 0.90 18.48
C ALA B 190 -40.46 0.95 19.71
N VAL B 191 -39.45 1.82 19.66
CA VAL B 191 -38.51 1.99 20.76
C VAL B 191 -38.82 3.30 21.45
N PRO B 192 -39.11 3.23 22.74
CA PRO B 192 -39.44 4.39 23.51
C PRO B 192 -38.19 5.21 23.82
N VAL B 193 -38.34 6.53 23.75
CA VAL B 193 -37.24 7.46 24.01
C VAL B 193 -37.72 8.63 24.81
N ILE B 194 -36.79 9.36 25.39
CA ILE B 194 -37.08 10.47 26.28
C ILE B 194 -36.38 11.68 25.74
N LYS B 195 -37.17 12.69 25.33
CA LYS B 195 -36.63 13.96 24.91
C LYS B 195 -36.07 14.70 26.10
N GLY B 196 -34.85 15.22 25.97
CA GLY B 196 -34.36 16.25 26.87
C GLY B 196 -33.17 17.06 26.38
N GLU B 197 -32.62 17.79 27.32
CA GLU B 197 -31.50 18.68 27.13
C GLU B 197 -30.23 18.02 27.69
N LYS B 198 -29.07 18.35 27.16
CA LYS B 198 -27.85 17.80 27.69
C LYS B 198 -27.30 18.73 28.74
N SER B 199 -26.68 18.17 29.78
CA SER B 199 -25.96 19.03 30.77
C SER B 199 -24.84 19.79 30.11
N GLU B 200 -24.39 20.87 30.73
CA GLU B 200 -23.33 21.70 30.15
C GLU B 200 -22.11 20.85 29.76
N GLY B 201 -21.82 19.80 30.54
CA GLY B 201 -20.67 18.92 30.25
C GLY B 201 -20.88 17.83 29.19
N GLU B 202 -22.12 17.47 28.89
CA GLU B 202 -22.40 16.44 27.88
C GLU B 202 -22.74 17.01 26.51
N LYS B 203 -23.02 18.30 26.40
CA LYS B 203 -23.52 18.85 25.16
C LYS B 203 -22.35 19.01 24.19
N PHE B 204 -22.70 19.23 22.93
CA PHE B 204 -21.74 19.57 21.91
C PHE B 204 -21.17 20.98 22.22
N ALA B 205 -19.86 21.00 22.50
CA ALA B 205 -19.19 22.19 22.99
C ALA B 205 -19.17 23.33 21.98
N GLY B 206 -19.35 23.03 20.70
CA GLY B 206 -19.43 24.09 19.70
C GLY B 206 -20.79 24.75 19.57
N GLY B 207 -21.75 24.36 20.41
CA GLY B 207 -23.11 24.85 20.32
C GLY B 207 -23.57 25.47 21.63
N LYS B 208 -24.73 26.12 21.56
CA LYS B 208 -25.36 26.80 22.69
C LYS B 208 -26.17 25.81 23.53
N LYS B 209 -27.07 25.08 22.87
CA LYS B 209 -27.89 24.09 23.57
C LYS B 209 -28.04 22.82 22.72
N THR B 210 -27.70 21.67 23.32
CA THR B 210 -27.89 20.36 22.70
C THR B 210 -29.14 19.68 23.24
N THR B 211 -30.13 19.42 22.38
CA THR B 211 -31.21 18.50 22.70
C THR B 211 -30.92 17.10 22.20
N THR B 212 -31.55 16.12 22.85
CA THR B 212 -31.29 14.71 22.66
C THR B 212 -32.53 13.93 22.96
N VAL B 213 -32.49 12.69 22.54
CA VAL B 213 -33.60 11.78 22.63
C VAL B 213 -32.90 10.52 23.14
N GLU B 214 -33.29 10.03 24.32
CA GLU B 214 -32.50 9.01 25.05
C GLU B 214 -33.24 7.69 25.20
N ALA B 215 -32.47 6.61 25.06
CA ALA B 215 -32.97 5.23 25.12
C ALA B 215 -32.30 4.46 26.28
N PHE B 216 -32.77 3.25 26.52
CA PHE B 216 -32.33 2.48 27.67
C PHE B 216 -32.25 1.01 27.35
N ILE B 217 -31.17 0.35 27.76
CA ILE B 217 -31.06 -1.10 27.61
C ILE B 217 -31.18 -1.84 28.98
N PRO B 218 -32.39 -2.33 29.29
CA PRO B 218 -32.62 -2.98 30.59
C PRO B 218 -31.59 -4.04 30.95
N GLU B 219 -31.02 -4.74 29.97
CA GLU B 219 -30.23 -5.90 30.30
C GLU B 219 -28.86 -5.57 30.81
N ASN B 220 -28.39 -4.33 30.59
CA ASN B 220 -27.15 -3.88 31.23
C ASN B 220 -27.23 -2.52 31.93
N GLY B 221 -28.44 -2.02 32.14
CA GLY B 221 -28.62 -0.74 32.83
C GLY B 221 -28.13 0.49 32.09
N ARG B 222 -27.78 0.34 30.80
CA ARG B 222 -27.10 1.43 30.10
C ARG B 222 -28.11 2.30 29.37
N GLY B 223 -28.03 3.60 29.66
CA GLY B 223 -28.59 4.59 28.78
C GLY B 223 -27.76 4.68 27.50
N ILE B 224 -28.42 5.13 26.45
CA ILE B 224 -27.78 5.26 25.15
C ILE B 224 -28.45 6.35 24.33
N GLN B 225 -27.60 7.19 23.73
CA GLN B 225 -28.08 8.31 22.99
C GLN B 225 -28.58 7.91 21.60
N ALA B 226 -29.88 8.16 21.39
CA ALA B 226 -30.57 7.74 20.20
C ALA B 226 -30.33 8.67 19.03
N ALA B 227 -30.17 9.96 19.31
CA ALA B 227 -30.10 11.02 18.30
C ALA B 227 -29.83 12.33 18.99
N THR B 228 -29.61 13.36 18.20
CA THR B 228 -29.25 14.63 18.77
C THR B 228 -29.52 15.76 17.81
N SER B 229 -29.82 16.92 18.38
CA SER B 229 -30.26 18.06 17.59
C SER B 229 -29.86 19.29 18.37
N HIS B 230 -29.00 20.11 17.77
CA HIS B 230 -28.36 21.23 18.45
C HIS B 230 -28.90 22.57 17.98
N LEU B 231 -29.19 23.44 18.93
CA LEU B 231 -29.21 24.88 18.65
C LEU B 231 -27.77 25.29 18.76
N LEU B 232 -27.15 25.66 17.65
CA LEU B 232 -25.74 26.07 17.66
C LEU B 232 -25.51 27.55 17.98
N GLY B 233 -26.54 28.38 17.85
CA GLY B 233 -26.39 29.81 18.08
C GLY B 233 -25.51 30.42 16.99
N THR B 234 -24.69 31.39 17.39
CA THR B 234 -23.91 32.21 16.48
C THR B 234 -22.41 31.85 16.48
N ASN B 235 -22.00 30.95 17.36
CA ASN B 235 -20.59 30.59 17.53
C ASN B 235 -19.87 30.17 16.24
N PHE B 236 -20.45 29.22 15.50
CA PHE B 236 -19.88 28.79 14.22
C PHE B 236 -19.94 29.90 13.17
N ALA B 237 -21.03 30.66 13.17
CA ALA B 237 -21.09 31.87 12.33
C ALA B 237 -19.89 32.83 12.53
N LYS B 238 -19.51 33.15 13.76
CA LYS B 238 -18.39 34.08 13.98
C LYS B 238 -17.14 33.42 13.47
N MET B 239 -16.95 32.16 13.88
CA MET B 239 -15.78 31.36 13.47
C MET B 239 -15.64 31.21 11.93
N PHE B 240 -16.75 31.12 11.22
CA PHE B 240 -16.72 30.82 9.78
C PHE B 240 -17.15 32.00 8.91
N GLU B 241 -17.58 33.07 9.58
CA GLU B 241 -17.95 34.30 8.96
C GLU B 241 -19.17 34.09 8.11
N ILE B 242 -20.19 33.50 8.72
CA ILE B 242 -21.45 33.30 8.02
C ILE B 242 -22.31 34.47 8.48
N GLU B 243 -22.13 35.60 7.80
CA GLU B 243 -22.81 36.84 8.13
C GLU B 243 -23.86 37.00 7.08
N PHE B 244 -24.91 37.70 7.43
CA PHE B 244 -25.82 38.12 6.38
C PHE B 244 -26.25 39.54 6.61
N GLU B 245 -26.82 40.11 5.56
CA GLU B 245 -27.28 41.48 5.56
C GLU B 245 -28.80 41.45 5.68
N ASP B 246 -29.37 42.12 6.68
CA ASP B 246 -30.84 42.16 6.82
C ASP B 246 -31.52 43.04 5.75
N GLU B 247 -32.81 43.31 5.92
CA GLU B 247 -33.55 44.23 5.02
C GLU B 247 -33.43 45.71 5.45
N GLU B 248 -32.88 45.96 6.63
CA GLU B 248 -32.54 47.30 7.09
C GLU B 248 -31.07 47.62 6.86
N GLY B 249 -30.38 46.79 6.06
CA GLY B 249 -28.97 47.00 5.71
C GLY B 249 -27.87 46.42 6.60
N HIS B 250 -28.17 46.09 7.85
CA HIS B 250 -27.14 45.67 8.84
C HIS B 250 -26.55 44.24 8.65
N LYS B 251 -25.33 44.06 9.17
CA LYS B 251 -24.50 42.85 8.99
C LYS B 251 -24.50 41.92 10.24
N ARG B 252 -25.41 40.94 10.24
CA ARG B 252 -25.64 40.09 11.39
C ARG B 252 -25.20 38.65 11.15
N LEU B 253 -24.71 37.99 12.21
CA LEU B 253 -24.33 36.59 12.11
C LEU B 253 -25.60 35.73 12.06
N VAL B 254 -25.47 34.50 11.55
CA VAL B 254 -26.62 33.59 11.44
C VAL B 254 -26.74 32.73 12.68
N HIS B 255 -27.91 32.12 12.83
CA HIS B 255 -28.17 31.18 13.91
C HIS B 255 -28.34 29.78 13.27
N GLN B 256 -27.59 28.81 13.77
CA GLN B 256 -27.44 27.54 13.09
C GLN B 256 -27.97 26.38 13.92
N THR B 257 -28.44 25.34 13.23
CA THR B 257 -28.66 24.05 13.87
C THR B 257 -27.89 22.98 13.18
N SER B 258 -27.75 21.85 13.85
CA SER B 258 -27.25 20.63 13.22
C SER B 258 -27.74 19.46 14.08
N TRP B 259 -27.81 18.31 13.46
CA TRP B 259 -28.55 17.21 13.98
C TRP B 259 -28.17 15.96 13.20
N GLY B 260 -27.97 14.84 13.90
CA GLY B 260 -27.70 13.57 13.24
C GLY B 260 -28.20 12.35 13.98
N CYS B 261 -28.38 11.27 13.21
CA CYS B 261 -28.81 9.94 13.69
C CYS B 261 -28.15 8.83 12.85
N THR B 262 -27.91 7.65 13.41
CA THR B 262 -27.09 6.65 12.70
C THR B 262 -27.65 5.25 12.67
N THR B 263 -26.93 4.37 12.01
CA THR B 263 -27.22 2.95 12.13
C THR B 263 -27.34 2.45 13.57
N ARG B 264 -26.90 3.22 14.56
CA ARG B 264 -27.12 2.79 15.95
C ARG B 264 -28.60 2.46 16.21
N SER B 265 -29.49 3.14 15.49
CA SER B 265 -30.91 2.95 15.70
C SER B 265 -31.30 1.49 15.51
N LEU B 266 -30.64 0.80 14.60
CA LEU B 266 -31.00 -0.57 14.35
C LEU B 266 -30.59 -1.44 15.52
N GLY B 267 -29.42 -1.14 16.07
CA GLY B 267 -28.89 -1.91 17.18
C GLY B 267 -29.84 -1.81 18.35
N VAL B 268 -30.31 -0.60 18.63
CA VAL B 268 -31.32 -0.38 19.67
C VAL B 268 -32.65 -1.09 19.45
N MET B 269 -33.16 -1.08 18.24
CA MET B 269 -34.33 -1.86 17.91
C MET B 269 -34.09 -3.33 18.27
N ILE B 270 -32.97 -3.89 17.79
CA ILE B 270 -32.68 -5.34 17.97
C ILE B 270 -32.68 -5.64 19.46
N MET B 271 -32.09 -4.77 20.26
CA MET B 271 -31.95 -5.01 21.70
C MET B 271 -33.23 -4.85 22.47
N THR B 272 -34.05 -3.92 22.04
CA THR B 272 -35.31 -3.68 22.66
C THR B 272 -36.23 -4.87 22.44
N HIS B 273 -36.49 -5.24 21.20
CA HIS B 273 -37.57 -6.20 20.97
C HIS B 273 -37.10 -7.65 20.89
N GLY B 274 -35.80 -7.88 20.87
CA GLY B 274 -35.31 -9.24 20.66
C GLY B 274 -35.65 -10.15 21.83
N ASP B 275 -35.70 -11.46 21.58
CA ASP B 275 -35.94 -12.44 22.66
C ASP B 275 -35.11 -13.71 22.44
N ASP B 276 -35.29 -14.70 23.30
CA ASP B 276 -34.44 -15.91 23.30
C ASP B 276 -34.44 -16.67 21.98
N LYS B 277 -35.43 -16.41 21.15
CA LYS B 277 -35.52 -17.09 19.87
C LYS B 277 -34.84 -16.29 18.75
N GLY B 278 -34.48 -15.05 19.07
CA GLY B 278 -33.78 -14.13 18.18
C GLY B 278 -34.48 -12.80 17.98
N LEU B 279 -34.51 -12.35 16.74
CA LEU B 279 -35.03 -11.04 16.43
C LEU B 279 -36.52 -11.03 16.47
N VAL B 280 -37.05 -9.84 16.68
CA VAL B 280 -38.45 -9.55 16.47
C VAL B 280 -38.51 -8.18 15.81
N ILE B 281 -39.06 -8.13 14.60
CA ILE B 281 -39.06 -6.90 13.79
C ILE B 281 -40.42 -6.22 13.81
N PRO B 282 -40.48 -4.94 14.29
CA PRO B 282 -41.75 -4.20 14.20
C PRO B 282 -42.24 -4.19 12.76
N PRO B 283 -43.53 -4.50 12.54
CA PRO B 283 -44.13 -4.57 11.22
C PRO B 283 -43.84 -3.39 10.30
N ARG B 284 -43.82 -2.21 10.87
CA ARG B 284 -43.60 -0.97 10.13
C ARG B 284 -42.26 -0.90 9.43
N VAL B 285 -41.24 -1.61 9.93
CA VAL B 285 -39.94 -1.63 9.21
C VAL B 285 -39.51 -3.01 8.74
N ALA B 286 -40.43 -3.96 8.70
CA ALA B 286 -40.03 -5.29 8.33
C ALA B 286 -40.18 -5.41 6.82
N SER B 287 -39.14 -5.83 6.14
CA SER B 287 -39.27 -5.90 4.70
C SER B 287 -40.17 -7.09 4.33
N VAL B 288 -40.13 -8.15 5.15
CA VAL B 288 -41.14 -9.22 5.11
C VAL B 288 -42.11 -9.18 6.30
N GLN B 289 -43.34 -8.76 6.07
CA GLN B 289 -44.27 -8.63 7.19
C GLN B 289 -44.93 -9.96 7.48
N VAL B 290 -45.20 -10.72 6.43
CA VAL B 290 -45.85 -11.97 6.54
C VAL B 290 -45.10 -12.94 5.64
N VAL B 291 -44.63 -14.07 6.20
CA VAL B 291 -44.03 -15.11 5.39
C VAL B 291 -45.03 -16.22 5.22
N ILE B 292 -45.20 -16.66 3.99
CA ILE B 292 -46.10 -17.81 3.73
C ILE B 292 -45.32 -19.13 3.55
N ILE B 293 -45.70 -20.15 4.31
CA ILE B 293 -44.96 -21.42 4.30
C ILE B 293 -45.86 -22.56 3.91
N PRO B 294 -45.79 -23.03 2.63
CA PRO B 294 -46.51 -24.24 2.20
C PRO B 294 -45.93 -25.45 2.88
N ILE B 295 -46.77 -26.32 3.43
CA ILE B 295 -46.28 -27.50 4.13
C ILE B 295 -46.37 -28.70 3.16
N LEU B 296 -45.23 -29.33 2.94
CA LEU B 296 -45.08 -30.35 1.90
C LEU B 296 -44.34 -31.56 2.48
N PHE B 297 -44.89 -32.75 2.23
CA PHE B 297 -44.37 -34.00 2.81
C PHE B 297 -45.05 -35.20 2.15
N LYS B 298 -44.29 -36.24 1.75
CA LYS B 298 -44.84 -37.47 1.13
C LYS B 298 -45.73 -37.18 -0.07
N ASP B 299 -45.55 -35.97 -0.64
CA ASP B 299 -46.25 -35.48 -1.83
C ASP B 299 -47.76 -35.21 -1.68
N GLU B 300 -48.17 -34.73 -0.54
CA GLU B 300 -49.58 -34.49 -0.36
C GLU B 300 -50.04 -33.20 -1.03
N ASN B 301 -50.72 -33.33 -2.17
CA ASN B 301 -51.27 -32.17 -2.90
C ASN B 301 -50.26 -31.08 -3.28
N THR B 302 -48.98 -31.46 -3.40
CA THR B 302 -47.90 -30.52 -3.65
C THR B 302 -48.38 -29.33 -4.52
N GLY B 303 -48.99 -29.60 -5.67
CA GLY B 303 -49.45 -28.54 -6.59
C GLY B 303 -50.61 -27.66 -6.10
N GLU B 304 -51.53 -28.25 -5.33
CA GLU B 304 -52.68 -27.52 -4.80
C GLU B 304 -52.27 -26.45 -3.75
N ILE B 305 -51.50 -26.88 -2.75
CA ILE B 305 -50.89 -25.97 -1.76
C ILE B 305 -50.21 -24.72 -2.42
N LEU B 306 -49.20 -24.96 -3.25
CA LEU B 306 -48.46 -23.86 -3.91
C LEU B 306 -49.39 -22.89 -4.66
N GLY B 307 -50.42 -23.39 -5.33
CA GLY B 307 -51.30 -22.55 -6.16
C GLY B 307 -52.13 -21.56 -5.36
N LYS B 308 -52.50 -21.98 -4.15
CA LYS B 308 -53.30 -21.16 -3.27
C LYS B 308 -52.42 -20.07 -2.67
N CYS B 309 -51.22 -20.47 -2.24
CA CYS B 309 -50.25 -19.54 -1.68
C CYS B 309 -50.12 -18.30 -2.62
N ARG B 310 -50.02 -18.50 -3.94
CA ARG B 310 -49.92 -17.35 -4.89
C ARG B 310 -51.19 -16.51 -4.94
N GLU B 311 -52.34 -17.15 -4.72
CA GLU B 311 -53.61 -16.43 -4.69
C GLU B 311 -53.62 -15.50 -3.46
N LEU B 312 -53.22 -16.07 -2.31
CA LEU B 312 -53.12 -15.34 -1.05
C LEU B 312 -52.13 -14.18 -1.09
N LYS B 313 -50.98 -14.41 -1.70
CA LYS B 313 -50.02 -13.33 -1.91
C LYS B 313 -50.62 -12.11 -2.64
N THR B 314 -51.23 -12.32 -3.81
CA THR B 314 -51.84 -11.22 -4.58
C THR B 314 -52.97 -10.61 -3.77
N MET B 315 -53.56 -11.45 -2.96
CA MET B 315 -54.60 -11.02 -2.10
C MET B 315 -54.02 -9.97 -1.21
N LEU B 316 -53.22 -10.44 -0.27
CA LEU B 316 -52.62 -9.60 0.77
C LEU B 316 -51.89 -8.36 0.22
N GLU B 317 -51.25 -8.50 -0.94
CA GLU B 317 -50.60 -7.34 -1.55
C GLU B 317 -51.59 -6.23 -1.91
N LYS B 318 -52.83 -6.58 -2.25
CA LYS B 318 -53.92 -5.58 -2.46
C LYS B 318 -54.00 -4.66 -1.24
N ALA B 319 -53.67 -5.19 -0.06
CA ALA B 319 -53.64 -4.37 1.19
C ALA B 319 -52.31 -3.67 1.52
N ASP B 320 -51.37 -3.62 0.57
CA ASP B 320 -50.00 -3.19 0.87
C ASP B 320 -49.42 -4.02 2.01
N ILE B 321 -49.63 -5.32 2.03
CA ILE B 321 -48.98 -6.16 3.02
C ILE B 321 -47.77 -6.75 2.34
N ARG B 322 -46.56 -6.51 2.88
CA ARG B 322 -45.35 -7.09 2.25
C ARG B 322 -45.26 -8.60 2.56
N VAL B 323 -45.43 -9.40 1.52
CA VAL B 323 -45.48 -10.84 1.63
C VAL B 323 -44.36 -11.51 0.88
N ARG B 324 -43.81 -12.56 1.47
CA ARG B 324 -42.84 -13.40 0.78
C ARG B 324 -43.42 -14.81 0.90
N ILE B 325 -43.52 -15.54 -0.20
CA ILE B 325 -43.78 -16.99 -0.15
C ILE B 325 -42.48 -17.79 -0.03
N ASP B 326 -42.28 -18.56 1.04
CA ASP B 326 -41.09 -19.39 1.09
C ASP B 326 -41.40 -20.70 0.45
N ASP B 327 -41.00 -20.69 -0.79
CA ASP B 327 -41.39 -21.59 -1.80
C ASP B 327 -40.25 -22.59 -1.99
N ARG B 328 -39.13 -22.38 -1.30
CA ARG B 328 -37.89 -23.02 -1.73
C ARG B 328 -37.97 -24.50 -1.42
N SER B 329 -37.78 -25.31 -2.46
CA SER B 329 -37.91 -26.77 -2.35
C SER B 329 -36.79 -27.43 -1.52
N ASN B 330 -35.64 -26.76 -1.37
CA ASN B 330 -34.52 -27.39 -0.69
C ASN B 330 -34.50 -27.18 0.79
N TYR B 331 -35.63 -26.81 1.39
CA TYR B 331 -35.65 -26.71 2.84
C TYR B 331 -36.94 -27.22 3.33
N THR B 332 -36.90 -27.80 4.53
CA THR B 332 -38.08 -28.39 5.13
C THR B 332 -38.92 -27.30 5.74
N PRO B 333 -40.21 -27.54 5.91
CA PRO B 333 -41.04 -26.54 6.59
C PRO B 333 -40.52 -26.17 7.99
N GLY B 334 -40.17 -27.13 8.83
CA GLY B 334 -39.62 -26.80 10.14
C GLY B 334 -38.39 -25.89 10.04
N TRP B 335 -37.58 -26.07 9.00
CA TRP B 335 -36.40 -25.25 8.82
C TRP B 335 -36.84 -23.78 8.56
N LYS B 336 -37.81 -23.64 7.69
CA LYS B 336 -38.40 -22.37 7.37
C LYS B 336 -39.05 -21.71 8.60
N TYR B 337 -39.68 -22.48 9.45
CA TYR B 337 -40.24 -21.84 10.65
C TYR B 337 -39.11 -21.20 11.41
N ASN B 338 -38.08 -21.97 11.75
CA ASN B 338 -36.96 -21.46 12.52
C ASN B 338 -36.29 -20.23 11.88
N HIS B 339 -36.00 -20.32 10.59
CA HIS B 339 -35.34 -19.28 9.84
C HIS B 339 -36.03 -17.89 10.01
N TRP B 340 -37.28 -17.80 9.57
CA TRP B 340 -38.03 -16.55 9.62
C TRP B 340 -38.32 -16.11 11.03
N GLU B 341 -38.40 -17.10 11.89
CA GLU B 341 -38.48 -16.82 13.31
C GLU B 341 -37.25 -16.14 13.84
N VAL B 342 -36.07 -16.66 13.53
CA VAL B 342 -34.84 -16.06 14.03
C VAL B 342 -34.66 -14.69 13.37
N LYS B 343 -35.19 -14.56 12.18
CA LYS B 343 -35.11 -13.31 11.46
C LYS B 343 -36.13 -12.30 11.96
N GLY B 344 -37.10 -12.76 12.71
CA GLY B 344 -38.03 -11.88 13.37
C GLY B 344 -39.18 -11.39 12.52
N VAL B 345 -39.55 -12.18 11.51
CA VAL B 345 -40.73 -11.88 10.69
C VAL B 345 -41.97 -11.87 11.55
N PRO B 346 -42.75 -10.78 11.51
CA PRO B 346 -43.85 -10.65 12.52
C PRO B 346 -44.92 -11.72 12.43
N LEU B 347 -45.25 -12.18 11.22
CA LEU B 347 -46.32 -13.15 11.03
C LEU B 347 -45.93 -14.30 10.11
N ARG B 348 -46.11 -15.51 10.59
CA ARG B 348 -45.91 -16.67 9.74
C ARG B 348 -47.27 -17.29 9.37
N LEU B 349 -47.50 -17.48 8.07
CA LEU B 349 -48.69 -18.15 7.57
C LEU B 349 -48.34 -19.56 7.15
N GLU B 350 -48.80 -20.54 7.91
CA GLU B 350 -48.57 -21.97 7.63
C GLU B 350 -49.76 -22.53 6.88
N LEU B 351 -49.50 -23.43 5.94
CA LEU B 351 -50.56 -23.95 5.10
C LEU B 351 -50.23 -25.31 4.44
N GLY B 352 -50.84 -26.37 5.01
CA GLY B 352 -50.75 -27.73 4.48
C GLY B 352 -52.07 -28.24 3.91
N PRO B 353 -52.21 -29.58 3.80
CA PRO B 353 -53.45 -30.17 3.25
C PRO B 353 -54.68 -29.95 4.14
N LYS B 354 -54.56 -30.25 5.44
CA LYS B 354 -55.67 -30.05 6.37
C LYS B 354 -56.33 -28.67 6.26
N ASP B 355 -55.55 -27.62 6.01
CA ASP B 355 -56.10 -26.28 5.92
C ASP B 355 -56.53 -25.90 4.51
N LEU B 356 -56.41 -26.85 3.58
CA LEU B 356 -56.72 -26.58 2.19
C LEU B 356 -58.23 -26.60 1.88
N ALA B 357 -58.87 -27.73 2.19
CA ALA B 357 -60.32 -27.90 2.03
C ALA B 357 -61.06 -27.40 3.29
N LYS B 358 -60.29 -27.10 4.34
CA LYS B 358 -60.84 -26.39 5.48
C LYS B 358 -61.11 -24.89 5.13
N GLY B 359 -60.44 -24.34 4.13
CA GLY B 359 -60.65 -22.92 3.76
C GLY B 359 -60.00 -21.87 4.67
N THR B 360 -59.06 -22.32 5.52
CA THR B 360 -58.38 -21.48 6.53
C THR B 360 -56.87 -21.46 6.31
N ALA B 361 -56.19 -20.72 7.17
CA ALA B 361 -54.73 -20.70 7.29
C ALA B 361 -54.36 -20.50 8.74
N ARG B 362 -53.29 -21.17 9.17
CA ARG B 362 -52.75 -20.95 10.50
C ARG B 362 -51.69 -19.85 10.43
N VAL B 363 -51.72 -18.97 11.42
CA VAL B 363 -50.91 -17.77 11.46
C VAL B 363 -50.37 -17.57 12.86
N VAL B 364 -49.05 -17.46 12.96
CA VAL B 364 -48.37 -17.37 14.23
C VAL B 364 -47.65 -16.04 14.30
N ARG B 365 -47.88 -15.32 15.38
CA ARG B 365 -47.29 -14.02 15.54
C ARG B 365 -46.04 -14.13 16.38
N ARG B 366 -44.97 -13.55 15.83
CA ARG B 366 -43.64 -13.78 16.32
C ARG B 366 -43.48 -13.28 17.73
N ASP B 367 -44.17 -12.20 18.08
CA ASP B 367 -43.95 -11.62 19.41
C ASP B 367 -44.31 -12.47 20.59
N THR B 368 -45.37 -13.27 20.50
CA THR B 368 -45.97 -13.99 21.65
C THR B 368 -46.12 -15.50 21.38
N GLY B 369 -46.21 -15.90 20.12
CA GLY B 369 -46.38 -17.29 19.77
C GLY B 369 -47.83 -17.61 19.49
N GLU B 370 -48.74 -16.69 19.83
CA GLU B 370 -50.15 -16.92 19.64
C GLU B 370 -50.47 -17.27 18.18
N ALA B 371 -51.37 -18.23 18.05
CA ALA B 371 -51.81 -18.78 16.77
C ALA B 371 -53.30 -18.51 16.56
N TYR B 372 -53.66 -18.34 15.30
CA TYR B 372 -55.01 -18.02 14.92
C TYR B 372 -55.41 -18.86 13.68
N GLN B 373 -56.58 -19.50 13.70
CA GLN B 373 -57.16 -20.01 12.45
C GLN B 373 -57.94 -18.86 11.87
N ILE B 374 -57.66 -18.56 10.61
CA ILE B 374 -58.29 -17.41 9.96
C ILE B 374 -58.72 -17.82 8.58
N SER B 375 -59.96 -17.49 8.24
CA SER B 375 -60.50 -17.86 6.96
C SER B 375 -59.78 -17.08 5.88
N TRP B 376 -59.57 -17.67 4.73
CA TRP B 376 -59.05 -16.91 3.59
C TRP B 376 -59.68 -15.51 3.44
N ALA B 377 -60.98 -15.42 3.69
CA ALA B 377 -61.72 -14.18 3.53
C ALA B 377 -61.28 -13.12 4.53
N ASP B 378 -61.17 -13.51 5.80
CA ASP B 378 -60.87 -12.57 6.89
C ASP B 378 -59.38 -12.16 7.05
N LEU B 379 -58.49 -12.77 6.27
CA LEU B 379 -57.03 -12.56 6.44
C LEU B 379 -56.61 -11.11 6.36
N ALA B 380 -56.79 -10.50 5.19
CA ALA B 380 -56.25 -9.18 4.95
C ALA B 380 -56.57 -8.20 6.11
N PRO B 381 -57.85 -8.09 6.48
CA PRO B 381 -58.14 -7.20 7.61
C PRO B 381 -57.67 -7.75 8.97
N LYS B 382 -57.72 -9.08 9.19
CA LYS B 382 -57.25 -9.67 10.45
C LYS B 382 -55.72 -9.61 10.60
N LEU B 383 -54.98 -9.62 9.50
CA LEU B 383 -53.53 -9.43 9.57
C LEU B 383 -53.20 -7.96 9.81
N LEU B 384 -53.92 -7.08 9.14
CA LEU B 384 -53.82 -5.66 9.46
C LEU B 384 -54.11 -5.42 10.93
N GLU B 385 -55.08 -6.14 11.47
CA GLU B 385 -55.44 -5.99 12.86
C GLU B 385 -54.21 -6.37 13.69
N LEU B 386 -53.65 -7.54 13.38
CA LEU B 386 -52.56 -8.12 14.15
C LEU B 386 -51.25 -7.33 14.07
N MET B 387 -50.96 -6.84 12.88
CA MET B 387 -49.74 -6.11 12.65
C MET B 387 -49.71 -4.81 13.46
N GLU B 388 -50.86 -4.15 13.61
CA GLU B 388 -51.00 -2.98 14.47
C GLU B 388 -50.89 -3.34 15.93
N GLY B 389 -51.42 -4.51 16.28
CA GLY B 389 -51.30 -5.02 17.66
C GLY B 389 -49.85 -5.35 18.01
N ILE B 390 -49.17 -6.05 17.11
CA ILE B 390 -47.75 -6.35 17.32
C ILE B 390 -46.99 -5.03 17.56
N GLN B 391 -47.15 -4.11 16.64
CA GLN B 391 -46.40 -2.85 16.62
C GLN B 391 -46.71 -2.05 17.85
N ARG B 392 -47.99 -1.83 18.15
CA ARG B 392 -48.39 -1.14 19.39
C ARG B 392 -47.91 -1.84 20.64
N SER B 393 -48.03 -3.16 20.66
CA SER B 393 -47.69 -3.95 21.81
C SER B 393 -46.17 -4.06 22.07
N LEU B 394 -45.35 -4.07 21.01
CA LEU B 394 -43.89 -4.00 21.23
C LEU B 394 -43.51 -2.67 21.86
N PHE B 395 -44.10 -1.59 21.36
CA PHE B 395 -43.76 -0.29 21.92
C PHE B 395 -44.14 -0.24 23.37
N GLU B 396 -45.36 -0.70 23.65
CA GLU B 396 -45.95 -0.55 24.97
C GLU B 396 -45.21 -1.32 26.06
N LYS B 397 -44.90 -2.59 25.78
CA LYS B 397 -44.08 -3.38 26.68
C LYS B 397 -42.73 -2.76 26.93
N ALA B 398 -42.16 -2.18 25.88
CA ALA B 398 -40.90 -1.47 25.99
C ALA B 398 -40.98 -0.17 26.82
N LYS B 399 -42.07 0.55 26.71
CA LYS B 399 -42.21 1.77 27.52
C LYS B 399 -42.32 1.39 28.99
N ALA B 400 -43.01 0.31 29.25
CA ALA B 400 -43.13 -0.22 30.58
C ALA B 400 -41.73 -0.64 31.07
N ARG B 401 -41.02 -1.45 30.30
CA ARG B 401 -39.65 -1.84 30.70
C ARG B 401 -38.82 -0.59 30.97
N LEU B 402 -38.90 0.41 30.12
CA LEU B 402 -38.14 1.63 30.35
C LEU B 402 -38.49 2.29 31.70
N HIS B 403 -39.79 2.34 32.02
CA HIS B 403 -40.21 3.02 33.24
C HIS B 403 -39.93 2.20 34.50
N GLU B 404 -40.08 0.87 34.43
CA GLU B 404 -39.62 0.00 35.55
C GLU B 404 -38.16 0.34 35.88
N GLY B 405 -37.37 0.66 34.85
CA GLY B 405 -35.91 0.82 34.94
C GLY B 405 -35.41 2.20 35.34
N ILE B 406 -36.31 3.12 35.67
CA ILE B 406 -35.90 4.43 36.16
C ILE B 406 -36.43 4.64 37.55
N GLU B 407 -35.52 4.73 38.52
CA GLU B 407 -35.90 4.98 39.88
C GLU B 407 -35.80 6.46 40.17
N LYS B 408 -36.90 7.06 40.63
CA LYS B 408 -36.91 8.43 41.13
C LYS B 408 -36.37 8.46 42.54
N ILE B 409 -35.48 9.41 42.81
CA ILE B 409 -34.72 9.43 44.04
C ILE B 409 -34.41 10.85 44.45
N SER B 410 -33.95 11.01 45.68
CA SER B 410 -33.61 12.31 46.20
C SER B 410 -32.27 12.45 46.83
N THR B 411 -31.69 11.37 47.25
CA THR B 411 -30.40 11.48 47.92
C THR B 411 -29.30 10.60 47.32
N PHE B 412 -28.06 11.07 47.41
CA PHE B 412 -26.95 10.37 46.77
C PHE B 412 -26.81 8.90 47.16
N ASP B 413 -27.23 8.55 48.37
CA ASP B 413 -27.04 7.20 48.86
C ASP B 413 -28.02 6.20 48.24
N GLU B 414 -28.99 6.68 47.46
CA GLU B 414 -29.86 5.77 46.73
C GLU B 414 -29.19 5.26 45.45
N VAL B 415 -28.13 5.95 45.01
CA VAL B 415 -27.55 5.72 43.68
C VAL B 415 -27.12 4.27 43.43
N MET B 416 -26.14 3.80 44.19
CA MET B 416 -25.50 2.54 43.84
C MET B 416 -26.48 1.38 43.86
N PRO B 417 -27.45 1.41 44.76
CA PRO B 417 -28.36 0.26 44.71
C PRO B 417 -29.25 0.25 43.45
N ALA B 418 -29.48 1.43 42.89
CA ALA B 418 -30.30 1.56 41.69
C ALA B 418 -29.43 1.09 40.55
N LEU B 419 -28.18 1.58 40.54
CA LEU B 419 -27.21 1.15 39.55
C LEU B 419 -26.94 -0.34 39.62
N ASN B 420 -27.10 -0.96 40.78
CA ASN B 420 -26.86 -2.39 40.90
C ASN B 420 -28.03 -3.19 40.42
N ARG B 421 -29.19 -2.58 40.49
CA ARG B 421 -30.38 -3.19 39.91
C ARG B 421 -30.45 -2.84 38.43
N LYS B 422 -29.43 -2.14 37.92
CA LYS B 422 -29.30 -1.83 36.50
C LYS B 422 -30.41 -0.88 36.06
N HIS B 423 -30.51 0.25 36.74
CA HIS B 423 -31.62 1.18 36.56
C HIS B 423 -31.01 2.56 36.42
N LEU B 424 -31.72 3.44 35.75
CA LEU B 424 -31.32 4.83 35.68
C LEU B 424 -31.86 5.47 36.90
N VAL B 425 -31.42 6.68 37.22
CA VAL B 425 -32.00 7.43 38.31
C VAL B 425 -32.40 8.84 37.95
N LEU B 426 -33.58 9.24 38.37
CA LEU B 426 -34.10 10.59 38.19
C LEU B 426 -33.94 11.37 39.49
N ALA B 427 -33.19 12.46 39.48
CA ALA B 427 -32.77 13.08 40.73
C ALA B 427 -32.67 14.56 40.58
N PRO B 428 -32.92 15.33 41.66
CA PRO B 428 -32.84 16.77 41.57
C PRO B 428 -31.40 17.22 41.70
N TRP B 429 -31.03 18.19 40.88
CA TRP B 429 -29.64 18.56 40.65
C TRP B 429 -29.54 20.06 40.46
N CYS B 430 -28.48 20.64 41.01
CA CYS B 430 -28.21 22.08 40.87
C CYS B 430 -27.59 22.50 39.51
N GLU B 431 -27.20 21.53 38.67
CA GLU B 431 -26.68 21.77 37.29
C GLU B 431 -25.37 22.54 37.31
N ASP B 432 -24.56 22.19 38.30
CA ASP B 432 -23.27 22.80 38.56
C ASP B 432 -22.22 22.10 37.77
N PRO B 433 -21.27 22.85 37.27
CA PRO B 433 -20.26 22.27 36.42
C PRO B 433 -19.45 21.12 37.04
N GLU B 434 -18.91 21.32 38.24
CA GLU B 434 -18.13 20.35 38.94
C GLU B 434 -18.88 19.12 39.42
N SER B 435 -20.10 19.31 39.86
CA SER B 435 -20.82 18.20 40.43
C SER B 435 -20.86 17.01 39.55
N GLU B 436 -20.99 17.21 38.26
CA GLU B 436 -21.07 16.05 37.35
C GLU B 436 -19.75 15.28 37.28
N GLU B 437 -18.65 16.03 37.20
CA GLU B 437 -17.32 15.41 37.13
C GLU B 437 -17.02 14.64 38.42
N GLN B 438 -17.38 15.23 39.55
CA GLN B 438 -17.22 14.58 40.86
C GLN B 438 -18.01 13.27 40.95
N ILE B 439 -19.23 13.33 40.39
CA ILE B 439 -20.19 12.23 40.46
C ILE B 439 -19.75 11.04 39.63
N LYS B 440 -19.23 11.34 38.44
CA LYS B 440 -18.56 10.37 37.56
C LYS B 440 -17.40 9.71 38.33
N LYS B 441 -16.49 10.55 38.86
CA LYS B 441 -15.28 10.01 39.49
C LYS B 441 -15.67 9.12 40.68
N GLU B 442 -16.62 9.58 41.50
CA GLU B 442 -16.96 8.80 42.67
C GLU B 442 -17.71 7.54 42.31
N THR B 443 -18.67 7.62 41.38
CA THR B 443 -19.39 6.40 41.02
C THR B 443 -18.42 5.37 40.39
N GLN B 444 -17.36 5.85 39.75
CA GLN B 444 -16.30 4.97 39.32
C GLN B 444 -15.59 4.35 40.55
N LYS B 445 -15.26 5.18 41.55
CA LYS B 445 -14.56 4.69 42.74
C LYS B 445 -15.34 3.55 43.35
N LEU B 446 -16.64 3.75 43.55
CA LEU B 446 -17.50 2.75 44.18
C LEU B 446 -17.69 1.51 43.34
N SER B 447 -17.83 1.69 42.03
CA SER B 447 -17.98 0.57 41.10
C SER B 447 -16.69 -0.26 41.04
N GLU B 448 -15.55 0.40 40.83
CA GLU B 448 -14.24 -0.29 40.86
C GLU B 448 -14.17 -1.19 42.11
N ILE B 449 -14.63 -0.66 43.24
CA ILE B 449 -14.51 -1.33 44.51
C ILE B 449 -15.54 -2.48 44.70
N GLN B 450 -16.59 -2.53 43.89
CA GLN B 450 -17.68 -3.48 44.16
C GLN B 450 -17.48 -4.91 43.69
N GLY B 463 -18.04 1.72 35.01
CA GLY B 463 -19.10 1.87 35.99
C GLY B 463 -19.53 3.31 36.18
N ALA B 464 -18.90 4.24 35.49
CA ALA B 464 -19.15 5.67 35.69
C ALA B 464 -20.61 6.07 35.37
N MET B 465 -21.24 6.80 36.27
CA MET B 465 -22.60 7.31 36.05
C MET B 465 -22.45 8.68 35.48
N LYS B 466 -23.19 8.98 34.43
CA LYS B 466 -23.20 10.34 33.93
C LYS B 466 -24.64 10.82 33.72
N THR B 467 -24.76 12.12 33.54
CA THR B 467 -25.93 12.74 32.99
C THR B 467 -26.32 12.11 31.67
N LEU B 468 -27.58 11.73 31.56
CA LEU B 468 -28.14 11.27 30.30
C LEU B 468 -28.95 12.41 29.69
N CYS B 469 -29.92 12.93 30.40
CA CYS B 469 -30.51 14.24 30.03
C CYS B 469 -31.22 14.95 31.20
N ILE B 470 -31.48 16.24 30.99
CA ILE B 470 -32.52 16.93 31.71
C ILE B 470 -33.79 16.83 30.88
N PRO B 471 -34.72 15.91 31.22
CA PRO B 471 -35.91 15.67 30.41
C PRO B 471 -36.75 16.92 30.20
N PHE B 472 -37.37 17.01 29.03
CA PHE B 472 -38.37 18.03 28.77
C PHE B 472 -39.48 17.91 29.79
N ASP B 473 -39.84 16.67 30.11
CA ASP B 473 -40.99 16.35 30.99
C ASP B 473 -40.49 16.39 32.40
N GLN B 474 -40.49 17.57 33.00
CA GLN B 474 -40.01 17.76 34.39
C GLN B 474 -41.14 17.48 35.41
N PRO B 475 -40.94 16.54 36.34
CA PRO B 475 -41.95 16.54 37.40
C PRO B 475 -41.89 17.80 38.27
N PRO B 476 -42.95 18.03 39.07
CA PRO B 476 -42.95 19.18 39.97
C PRO B 476 -41.73 19.21 40.91
N MET B 477 -41.15 20.39 41.07
CA MET B 477 -40.06 20.66 41.99
C MET B 477 -40.47 21.50 43.23
N PRO B 478 -40.91 20.80 44.32
CA PRO B 478 -41.37 21.53 45.51
C PRO B 478 -40.34 22.52 46.02
N THR B 481 -36.47 22.00 47.72
CA THR B 481 -35.78 20.76 47.36
C THR B 481 -34.31 20.90 47.07
N LYS B 482 -33.52 19.98 47.62
CA LYS B 482 -32.07 20.08 47.64
C LYS B 482 -31.44 19.17 46.55
N CYS B 483 -30.25 19.58 46.08
CA CYS B 483 -29.52 18.81 45.08
C CYS B 483 -29.07 17.51 45.70
N PHE B 484 -29.44 16.43 45.04
CA PHE B 484 -29.24 15.10 45.52
C PHE B 484 -27.79 14.76 45.87
N TYR B 485 -26.85 15.61 45.41
CA TYR B 485 -25.42 15.39 45.67
C TYR B 485 -24.71 16.52 46.43
N THR B 486 -24.97 17.76 46.05
CA THR B 486 -24.25 18.87 46.62
C THR B 486 -24.90 19.41 47.89
N GLY B 487 -26.20 19.17 48.07
CA GLY B 487 -26.95 19.83 49.14
C GLY B 487 -27.52 21.21 48.75
N LYS B 488 -26.93 21.86 47.76
CA LYS B 488 -27.40 23.18 47.26
C LYS B 488 -28.86 23.20 46.78
N PRO B 489 -29.39 24.39 46.45
CA PRO B 489 -30.77 24.36 46.01
C PRO B 489 -30.83 23.70 44.65
N ALA B 490 -31.72 22.74 44.49
CA ALA B 490 -31.76 22.01 43.24
C ALA B 490 -32.53 22.80 42.16
N LYS B 491 -32.05 22.75 40.92
CA LYS B 491 -32.73 23.39 39.79
C LYS B 491 -33.76 22.47 39.12
N ARG B 492 -33.33 21.33 38.59
CA ARG B 492 -34.27 20.47 37.85
C ARG B 492 -34.00 19.03 38.02
N TRP B 493 -34.90 18.22 37.51
CA TRP B 493 -34.75 16.77 37.54
C TRP B 493 -33.89 16.29 36.34
N THR B 494 -32.95 15.43 36.64
CA THR B 494 -31.98 15.01 35.69
C THR B 494 -31.86 13.51 35.80
N LEU B 495 -31.87 12.85 34.66
CA LEU B 495 -31.79 11.42 34.58
C LEU B 495 -30.30 11.09 34.39
N TRP B 496 -29.82 10.14 35.21
CA TRP B 496 -28.44 9.70 35.20
C TRP B 496 -28.41 8.22 35.02
N GLY B 497 -27.24 7.72 34.66
CA GLY B 497 -26.99 6.29 34.64
C GLY B 497 -25.67 5.96 34.00
N ARG B 498 -25.38 4.68 33.91
CA ARG B 498 -24.31 4.21 33.07
C ARG B 498 -24.76 4.23 31.61
N SER B 499 -23.83 4.48 30.71
CA SER B 499 -24.17 4.71 29.32
C SER B 499 -23.19 4.08 28.34
N TYR B 500 -23.46 4.28 27.06
CA TYR B 500 -22.76 3.62 25.97
C TYR B 500 -21.79 4.61 25.32
N MET C 3 19.61 -37.49 8.79
CA MET C 3 20.76 -36.75 9.41
C MET C 3 20.39 -36.09 10.75
N VAL C 4 19.24 -35.40 10.82
CA VAL C 4 18.80 -34.80 12.09
C VAL C 4 18.13 -35.82 13.08
N THR C 5 18.79 -36.03 14.22
CA THR C 5 18.30 -36.91 15.24
C THR C 5 17.59 -36.14 16.36
N ALA C 6 18.11 -34.97 16.72
CA ALA C 6 17.52 -34.23 17.82
C ALA C 6 16.15 -33.72 17.42
N LYS C 7 15.20 -33.83 18.32
CA LYS C 7 13.86 -33.39 18.04
C LYS C 7 13.61 -31.95 18.49
N LYS C 8 12.87 -31.24 17.68
CA LYS C 8 12.62 -29.83 17.92
C LYS C 8 11.95 -29.55 19.27
N ASP C 9 10.88 -30.29 19.57
CA ASP C 9 10.15 -30.06 20.82
C ASP C 9 10.85 -30.61 22.07
N GLU C 10 11.84 -31.48 21.91
CA GLU C 10 12.61 -32.00 23.06
C GLU C 10 13.87 -31.25 23.52
N ASN C 11 14.94 -31.38 22.73
CA ASN C 11 16.16 -30.65 22.98
C ASN C 11 16.06 -29.69 21.81
N PHE C 12 15.91 -28.40 22.10
CA PHE C 12 15.77 -27.42 21.07
C PHE C 12 17.09 -26.81 20.61
N SER C 13 17.99 -26.59 21.56
CA SER C 13 19.32 -26.09 21.26
C SER C 13 20.12 -27.11 20.44
N GLU C 14 19.95 -28.39 20.74
CA GLU C 14 20.73 -29.41 20.07
C GLU C 14 20.12 -29.52 18.68
N TRP C 15 18.81 -29.29 18.58
CA TRP C 15 18.17 -29.36 17.26
C TRP C 15 18.64 -28.26 16.32
N TYR C 16 18.67 -27.06 16.86
CA TYR C 16 19.07 -25.87 16.12
C TYR C 16 20.48 -26.03 15.60
N THR C 17 21.37 -26.58 16.44
CA THR C 17 22.77 -26.86 16.11
C THR C 17 22.90 -27.90 15.00
N GLN C 18 22.20 -29.01 15.17
CA GLN C 18 22.17 -30.04 14.14
C GLN C 18 21.63 -29.46 12.82
N ALA C 19 20.56 -28.69 12.93
CA ALA C 19 19.88 -28.18 11.74
C ALA C 19 20.79 -27.26 10.95
N ILE C 20 21.61 -26.47 11.63
CA ILE C 20 22.43 -25.52 10.92
C ILE C 20 23.74 -26.13 10.51
N VAL C 21 24.21 -27.13 11.23
CA VAL C 21 25.47 -27.80 10.84
C VAL C 21 25.30 -28.82 9.74
N ARG C 22 24.28 -29.65 9.84
CA ARG C 22 24.09 -30.76 8.91
C ARG C 22 23.48 -30.34 7.62
N SER C 23 22.77 -29.21 7.60
CA SER C 23 22.41 -28.54 6.36
C SER C 23 23.55 -27.76 5.70
N GLU C 24 24.73 -27.72 6.32
CA GLU C 24 25.89 -26.99 5.78
C GLU C 24 25.65 -25.48 5.73
N MET C 25 24.88 -24.92 6.66
CA MET C 25 24.74 -23.50 6.75
C MET C 25 25.92 -22.88 7.47
N ILE C 26 26.38 -23.56 8.50
CA ILE C 26 27.49 -23.00 9.22
C ILE C 26 28.52 -24.02 9.61
N GLU C 27 29.74 -23.53 9.74
CA GLU C 27 30.86 -24.26 10.24
C GLU C 27 31.46 -23.54 11.46
N TYR C 28 31.98 -24.34 12.38
CA TYR C 28 32.61 -23.83 13.61
C TYR C 28 33.94 -23.13 13.37
N TYR C 29 34.31 -22.32 14.33
CA TYR C 29 35.48 -21.52 14.20
C TYR C 29 36.08 -21.34 15.60
N ASP C 30 37.39 -21.12 15.65
CA ASP C 30 38.12 -21.08 16.91
C ASP C 30 38.01 -19.74 17.66
N ILE C 31 37.38 -18.74 17.09
CA ILE C 31 37.24 -17.47 17.79
C ILE C 31 35.82 -17.39 18.25
N SER C 32 35.65 -17.16 19.54
CA SER C 32 34.36 -17.29 20.18
C SER C 32 33.33 -16.32 19.62
N GLY C 33 32.11 -16.82 19.51
CA GLY C 33 31.01 -16.04 18.90
C GLY C 33 31.08 -15.71 17.39
N CYS C 34 31.98 -16.39 16.65
CA CYS C 34 32.16 -16.15 15.23
C CYS C 34 31.95 -17.44 14.53
N TYR C 35 31.31 -17.37 13.37
CA TYR C 35 30.96 -18.55 12.65
C TYR C 35 31.13 -18.27 11.21
N ILE C 36 31.41 -19.35 10.48
CA ILE C 36 31.60 -19.34 9.05
C ILE C 36 30.23 -19.55 8.46
N MET C 37 29.83 -18.64 7.57
CA MET C 37 28.59 -18.76 6.85
C MET C 37 28.97 -19.44 5.55
N ARG C 38 28.51 -20.68 5.38
CA ARG C 38 28.65 -21.38 4.15
C ARG C 38 27.54 -20.91 3.18
N PRO C 39 27.72 -21.20 1.89
CA PRO C 39 26.79 -20.82 0.85
C PRO C 39 25.33 -21.07 1.17
N TRP C 40 25.01 -22.24 1.68
CA TRP C 40 23.60 -22.52 1.86
C TRP C 40 22.96 -21.44 2.72
N ALA C 41 23.69 -20.89 3.67
CA ALA C 41 23.18 -19.74 4.43
C ALA C 41 23.42 -18.46 3.71
N PHE C 42 24.62 -18.29 3.17
CA PHE C 42 24.94 -16.98 2.60
C PHE C 42 23.97 -16.59 1.52
N HIS C 43 23.54 -17.58 0.75
CA HIS C 43 22.72 -17.35 -0.41
C HIS C 43 21.36 -16.90 -0.07
N ILE C 44 20.88 -17.30 1.09
CA ILE C 44 19.63 -16.78 1.60
C ILE C 44 19.79 -15.35 2.06
N TRP C 45 20.92 -15.04 2.65
CA TRP C 45 21.18 -13.65 3.07
C TRP C 45 21.21 -12.74 1.86
N GLU C 46 21.80 -13.20 0.75
CA GLU C 46 21.83 -12.40 -0.47
C GLU C 46 20.42 -12.06 -0.95
N LYS C 47 19.48 -12.95 -0.75
CA LYS C 47 18.14 -12.66 -1.24
C LYS C 47 17.45 -11.59 -0.42
N VAL C 48 17.44 -11.73 0.91
CA VAL C 48 16.87 -10.65 1.76
C VAL C 48 17.63 -9.34 1.61
N GLN C 49 18.91 -9.42 1.33
CA GLN C 49 19.68 -8.21 1.17
C GLN C 49 19.13 -7.48 -0.06
N ARG C 50 19.03 -8.21 -1.16
CA ARG C 50 18.66 -7.65 -2.43
C ARG C 50 17.27 -7.05 -2.32
N PHE C 51 16.39 -7.79 -1.66
CA PHE C 51 15.05 -7.36 -1.55
C PHE C 51 15.01 -6.05 -0.84
N PHE C 52 15.62 -6.03 0.35
CA PHE C 52 15.57 -4.84 1.18
C PHE C 52 16.26 -3.75 0.40
N ASP C 53 17.35 -4.09 -0.29
CA ASP C 53 18.12 -3.07 -1.02
C ASP C 53 17.36 -2.41 -2.16
N ASP C 54 16.75 -3.22 -3.04
CA ASP C 54 15.87 -2.70 -4.10
C ASP C 54 14.78 -1.77 -3.50
N GLU C 55 14.23 -2.15 -2.35
CA GLU C 55 13.14 -1.36 -1.81
C GLU C 55 13.60 0.00 -1.31
N ILE C 56 14.74 0.07 -0.64
CA ILE C 56 15.23 1.37 -0.18
C ILE C 56 15.68 2.20 -1.36
N LYS C 57 16.22 1.57 -2.40
CA LYS C 57 16.55 2.34 -3.61
C LYS C 57 15.29 3.07 -4.14
N LYS C 58 14.13 2.43 -4.07
CA LYS C 58 12.89 3.05 -4.49
C LYS C 58 12.53 4.26 -3.64
N MET C 59 12.94 4.27 -2.38
CA MET C 59 12.71 5.42 -1.52
C MET C 59 13.74 6.53 -1.72
N GLY C 60 14.70 6.36 -2.64
CA GLY C 60 15.81 7.33 -2.79
C GLY C 60 17.04 7.19 -1.84
N VAL C 61 17.13 6.07 -1.12
CA VAL C 61 18.24 5.85 -0.19
C VAL C 61 19.42 5.36 -1.00
N GLU C 62 20.59 5.94 -0.77
CA GLU C 62 21.76 5.58 -1.57
C GLU C 62 22.71 4.81 -0.68
N ASN C 63 23.37 3.79 -1.20
CA ASN C 63 24.37 3.09 -0.41
C ASN C 63 25.70 3.78 -0.41
N SER C 64 26.47 3.49 0.61
CA SER C 64 27.75 4.15 0.83
C SER C 64 28.66 3.14 1.51
N TYR C 65 29.96 3.42 1.63
CA TYR C 65 30.77 2.66 2.57
C TYR C 65 31.65 3.54 3.42
N PHE C 66 31.40 3.58 4.71
CA PHE C 66 32.29 4.33 5.65
C PHE C 66 33.26 3.35 6.27
N PRO C 67 34.41 3.84 6.75
CA PRO C 67 35.45 2.95 7.26
C PRO C 67 35.08 2.13 8.48
N MET C 68 35.68 0.97 8.55
CA MET C 68 35.45 0.03 9.67
C MET C 68 36.04 0.59 10.97
N PHE C 69 37.10 1.38 10.85
CA PHE C 69 37.87 1.86 11.97
C PHE C 69 37.43 3.22 12.39
N VAL C 70 37.46 3.44 13.70
CA VAL C 70 37.10 4.76 14.16
C VAL C 70 38.05 5.14 15.27
N SER C 71 38.52 6.38 15.29
CA SER C 71 39.51 6.81 16.26
C SER C 71 38.83 6.94 17.59
N ARG C 72 39.66 6.92 18.64
CA ARG C 72 39.15 6.95 19.98
C ARG C 72 38.45 8.27 20.22
N HIS C 73 39.00 9.38 19.74
CA HIS C 73 38.44 10.74 19.94
CA HIS C 73 38.40 10.67 20.04
C HIS C 73 37.01 10.82 19.42
N LYS C 74 36.78 10.22 18.25
CA LYS C 74 35.46 10.35 17.60
C LYS C 74 34.48 9.39 18.18
N LEU C 75 34.94 8.19 18.49
CA LEU C 75 34.05 7.21 19.09
C LEU C 75 33.55 7.65 20.45
N GLU C 76 34.43 8.31 21.22
CA GLU C 76 34.11 8.66 22.62
C GLU C 76 33.79 10.13 22.74
N LYS C 77 33.19 10.70 21.69
CA LYS C 77 32.53 12.01 21.73
C LYS C 77 31.70 12.17 23.02
N GLU C 78 30.66 11.34 23.22
CA GLU C 78 29.68 11.49 24.36
C GLU C 78 30.30 11.73 25.74
N GLY C 84 27.20 1.30 29.14
CA GLY C 84 27.06 -0.15 29.00
C GLY C 84 27.56 -0.69 27.66
N PHE C 85 27.83 0.22 26.71
CA PHE C 85 28.36 -0.17 25.38
C PHE C 85 29.89 -0.32 25.33
N SER C 86 30.58 0.54 26.09
CA SER C 86 32.04 0.57 26.15
C SER C 86 32.73 -0.79 26.29
N PRO C 87 32.26 -1.67 27.18
CA PRO C 87 32.91 -3.00 27.33
C PRO C 87 32.91 -3.90 26.07
N GLU C 88 32.05 -3.56 25.10
CA GLU C 88 31.87 -4.40 23.91
C GLU C 88 32.74 -3.97 22.76
N VAL C 89 33.43 -2.85 22.89
CA VAL C 89 34.25 -2.33 21.80
C VAL C 89 35.60 -3.03 21.67
N ALA C 90 35.89 -3.46 20.44
CA ALA C 90 37.16 -4.14 20.12
C ALA C 90 38.12 -3.07 19.68
N TRP C 91 39.31 -3.05 20.31
CA TRP C 91 40.32 -2.01 20.06
C TRP C 91 41.58 -2.56 19.43
N VAL C 92 42.07 -1.83 18.43
CA VAL C 92 43.32 -2.11 17.78
C VAL C 92 44.36 -1.19 18.35
N THR C 93 45.50 -1.72 18.76
CA THR C 93 46.55 -0.86 19.36
C THR C 93 47.89 -0.97 18.68
N HIS C 94 48.06 -1.90 17.75
CA HIS C 94 49.34 -2.19 17.11
C HIS C 94 49.18 -2.56 15.64
N TYR C 95 50.17 -2.18 14.83
CA TYR C 95 50.37 -2.80 13.52
C TYR C 95 51.72 -3.53 13.54
N GLY C 96 51.74 -4.81 13.21
CA GLY C 96 52.96 -5.59 13.36
C GLY C 96 53.33 -5.51 14.82
N ASP C 97 54.62 -5.25 15.11
CA ASP C 97 55.12 -5.06 16.49
C ASP C 97 55.08 -3.58 16.94
N SER C 98 54.44 -2.68 16.17
CA SER C 98 54.52 -1.25 16.52
C SER C 98 53.21 -0.57 17.00
N PRO C 99 53.32 0.22 18.06
CA PRO C 99 52.09 0.81 18.60
C PRO C 99 51.57 1.97 17.78
N LEU C 100 50.24 2.10 17.71
CA LEU C 100 49.59 3.21 17.02
C LEU C 100 49.74 4.45 17.86
N PRO C 101 49.71 5.60 17.25
CA PRO C 101 49.73 6.80 18.08
C PRO C 101 48.50 6.94 18.98
N GLU C 102 47.37 6.39 18.53
CA GLU C 102 46.19 6.29 19.36
C GLU C 102 45.42 5.05 18.94
N LYS C 103 44.81 4.39 19.91
CA LYS C 103 44.07 3.18 19.60
C LYS C 103 42.88 3.52 18.72
N ILE C 104 42.47 2.54 17.91
CA ILE C 104 41.34 2.69 16.99
C ILE C 104 40.43 1.52 17.19
N ALA C 105 39.12 1.79 17.07
CA ALA C 105 38.12 0.79 17.39
C ALA C 105 37.55 0.26 16.08
N ILE C 106 37.18 -1.00 16.10
CA ILE C 106 36.51 -1.63 15.02
C ILE C 106 35.06 -1.22 15.23
N ARG C 107 34.43 -0.79 14.16
CA ARG C 107 33.09 -0.31 14.22
C ARG C 107 32.08 -1.22 14.88
N PRO C 108 31.35 -0.69 15.85
CA PRO C 108 30.30 -1.43 16.53
C PRO C 108 28.93 -1.01 16.00
N THR C 109 28.91 0.19 15.48
CA THR C 109 27.88 0.91 14.83
C THR C 109 28.52 2.18 14.23
N SER C 110 27.84 2.86 13.36
CA SER C 110 28.52 3.93 12.68
C SER C 110 28.15 5.39 12.92
N GLU C 111 27.43 5.68 13.97
CA GLU C 111 27.01 7.07 14.24
C GLU C 111 28.20 8.03 14.35
N THR C 112 29.23 7.63 15.13
CA THR C 112 30.42 8.47 15.37
C THR C 112 31.32 8.65 14.16
N ILE C 113 31.11 7.83 13.14
CA ILE C 113 31.84 7.84 11.89
C ILE C 113 31.04 8.66 10.91
N MET C 114 29.75 8.41 10.80
CA MET C 114 28.98 9.05 9.75
C MET C 114 28.49 10.43 10.10
N TYR C 115 28.21 10.69 11.38
CA TYR C 115 27.58 11.97 11.72
C TYR C 115 28.47 13.20 11.58
N PRO C 116 29.79 13.08 11.85
CA PRO C 116 30.66 14.22 11.53
C PRO C 116 30.69 14.61 10.07
N ALA C 117 30.66 13.62 9.21
CA ALA C 117 30.49 13.85 7.76
C ALA C 117 29.16 14.50 7.42
N TYR C 118 28.11 14.07 8.10
CA TYR C 118 26.79 14.65 7.83
C TYR C 118 26.84 16.13 8.12
N ALA C 119 27.49 16.46 9.23
CA ALA C 119 27.63 17.87 9.70
C ALA C 119 28.35 18.73 8.71
N LYS C 120 29.33 18.14 8.06
CA LYS C 120 30.08 18.83 7.03
C LYS C 120 29.24 18.97 5.77
N TRP C 121 28.48 17.95 5.40
CA TRP C 121 27.78 17.93 4.11
C TRP C 121 26.50 18.71 4.09
N ILE C 122 25.84 18.82 5.21
CA ILE C 122 24.58 19.56 5.28
C ILE C 122 24.78 21.02 5.67
N ARG C 123 24.43 21.90 4.73
CA ARG C 123 24.50 23.34 4.86
C ARG C 123 23.16 24.03 4.63
N SER C 124 22.27 23.40 3.87
CA SER C 124 21.10 24.09 3.40
C SER C 124 19.97 23.14 3.15
N HIS C 125 18.77 23.67 3.12
CA HIS C 125 17.60 22.88 2.91
C HIS C 125 17.75 22.15 1.59
N ARG C 126 18.50 22.73 0.68
CA ARG C 126 18.76 22.08 -0.61
C ARG C 126 19.51 20.76 -0.55
N ASP C 127 20.09 20.47 0.63
CA ASP C 127 20.89 19.28 0.89
C ASP C 127 20.04 18.12 1.41
N LEU C 128 18.81 18.44 1.84
CA LEU C 128 17.91 17.51 2.51
C LEU C 128 16.70 17.12 1.65
N PRO C 129 16.19 15.88 1.82
CA PRO C 129 16.66 14.85 2.77
C PRO C 129 17.97 14.20 2.31
N LEU C 130 18.70 13.69 3.30
CA LEU C 130 19.92 12.95 3.08
C LEU C 130 19.64 11.58 3.62
N LYS C 131 19.71 10.60 2.74
CA LYS C 131 19.34 9.25 3.06
C LYS C 131 20.40 8.28 2.61
N LEU C 132 21.12 7.72 3.54
CA LEU C 132 22.26 6.91 3.16
C LEU C 132 22.09 5.61 3.88
N ASN C 133 22.70 4.58 3.31
CA ASN C 133 22.67 3.23 3.86
C ASN C 133 24.00 2.56 3.59
N GLN C 134 24.29 1.58 4.44
CA GLN C 134 25.54 0.84 4.40
C GLN C 134 25.30 -0.63 4.75
N TRP C 135 25.64 -1.52 3.83
CA TRP C 135 25.85 -2.93 4.15
C TRP C 135 27.28 -3.16 4.65
N CYS C 136 27.42 -3.76 5.82
CA CYS C 136 28.74 -4.04 6.40
C CYS C 136 28.68 -5.02 7.54
N SER C 137 29.85 -5.44 8.01
CA SER C 137 29.93 -6.16 9.27
C SER C 137 30.24 -5.20 10.38
N VAL C 138 29.85 -5.64 11.57
CA VAL C 138 29.95 -4.94 12.79
C VAL C 138 30.59 -5.92 13.77
N VAL C 139 31.30 -5.40 14.78
CA VAL C 139 31.86 -6.22 15.86
C VAL C 139 31.48 -5.70 17.21
N ARG C 140 31.04 -6.57 18.10
CA ARG C 140 30.80 -6.25 19.49
C ARG C 140 31.18 -7.47 20.36
N TRP C 141 31.87 -7.23 21.45
CA TRP C 141 32.28 -8.32 22.30
C TRP C 141 31.14 -8.62 23.22
N GLU C 142 30.16 -9.38 22.72
CA GLU C 142 28.94 -9.67 23.46
C GLU C 142 29.29 -10.48 24.69
N PHE C 143 28.81 -10.01 25.83
CA PHE C 143 28.92 -10.76 27.06
C PHE C 143 28.01 -12.00 27.09
N LYS C 144 26.86 -11.96 26.47
CA LYS C 144 25.93 -13.10 26.49
C LYS C 144 26.39 -14.26 25.61
N GLN C 145 25.92 -15.47 25.92
CA GLN C 145 26.43 -16.70 25.29
C GLN C 145 26.15 -16.56 23.81
N PRO C 146 27.16 -16.78 22.99
CA PRO C 146 26.88 -16.52 21.58
C PRO C 146 25.96 -17.59 20.97
N THR C 147 25.13 -17.19 20.02
CA THR C 147 24.27 -18.11 19.29
C THR C 147 24.44 -17.83 17.82
N PRO C 148 24.75 -18.87 17.03
CA PRO C 148 24.84 -18.70 15.57
C PRO C 148 23.67 -17.87 15.08
N PHE C 149 23.96 -16.86 14.25
CA PHE C 149 23.01 -15.87 13.71
C PHE C 149 22.36 -14.84 14.66
N LEU C 150 21.73 -15.33 15.72
CA LEU C 150 20.92 -14.51 16.58
C LEU C 150 21.80 -13.58 17.40
N ARG C 151 22.92 -14.13 17.90
CA ARG C 151 23.84 -13.32 18.74
C ARG C 151 25.30 -13.70 18.55
N THR C 152 25.98 -12.95 17.67
CA THR C 152 27.34 -13.20 17.27
C THR C 152 28.24 -11.97 17.51
N ARG C 153 29.54 -12.23 17.71
CA ARG C 153 30.53 -11.17 17.93
C ARG C 153 30.65 -10.32 16.68
N GLU C 154 30.73 -11.02 15.54
CA GLU C 154 30.74 -10.39 14.26
C GLU C 154 29.44 -10.75 13.57
N PHE C 155 28.73 -9.75 13.08
CA PHE C 155 27.55 -10.03 12.28
C PHE C 155 27.49 -9.07 11.14
N LEU C 156 26.71 -9.46 10.14
CA LEU C 156 26.48 -8.66 8.97
C LEU C 156 25.16 -7.94 9.17
N TRP C 157 25.16 -6.70 8.76
CA TRP C 157 24.00 -5.87 8.84
C TRP C 157 23.92 -4.77 7.82
N GLN C 158 22.77 -4.18 7.84
CA GLN C 158 22.55 -2.97 7.09
C GLN C 158 22.24 -1.93 8.15
N GLU C 159 22.79 -0.73 7.99
CA GLU C 159 22.45 0.40 8.86
C GLU C 159 22.13 1.60 8.01
N GLY C 160 20.94 2.13 8.20
CA GLY C 160 20.52 3.34 7.46
C GLY C 160 20.44 4.54 8.39
N HIS C 161 20.82 5.70 7.87
CA HIS C 161 20.88 6.93 8.64
C HIS C 161 20.42 8.04 7.73
N THR C 162 19.32 8.70 8.12
CA THR C 162 18.76 9.75 7.31
C THR C 162 18.65 11.01 8.12
N ALA C 163 18.71 12.15 7.43
CA ALA C 163 18.53 13.48 8.03
C ALA C 163 17.48 14.28 7.25
N HIS C 164 16.62 14.98 7.98
CA HIS C 164 15.47 15.65 7.40
C HIS C 164 15.24 17.03 8.05
N ALA C 165 14.56 17.89 7.29
CA ALA C 165 14.14 19.24 7.70
C ALA C 165 13.05 19.25 8.74
N THR C 166 12.24 18.21 8.77
CA THR C 166 11.04 18.18 9.59
C THR C 166 10.89 16.83 10.28
N GLU C 167 10.37 16.88 11.50
CA GLU C 167 10.10 15.69 12.24
C GLU C 167 9.17 14.82 11.46
N GLU C 168 8.17 15.41 10.85
CA GLU C 168 7.13 14.62 10.19
C GLU C 168 7.69 13.75 9.10
N GLU C 169 8.50 14.36 8.28
CA GLU C 169 9.13 13.68 7.16
C GLU C 169 10.04 12.54 7.69
N ALA C 170 10.73 12.75 8.82
CA ALA C 170 11.59 11.73 9.40
C ALA C 170 10.73 10.58 9.82
N TRP C 171 9.70 10.86 10.59
CA TRP C 171 8.78 9.82 11.11
C TRP C 171 8.12 9.04 10.01
N GLU C 172 7.73 9.72 8.95
CA GLU C 172 7.22 9.03 7.79
C GLU C 172 8.26 8.01 7.35
N LEU C 173 9.55 8.38 7.43
CA LEU C 173 10.58 7.48 6.90
C LEU C 173 10.80 6.33 7.88
N VAL C 174 10.81 6.65 9.16
CA VAL C 174 10.79 5.63 10.20
C VAL C 174 9.73 4.57 9.95
N LEU C 175 8.51 5.00 9.63
CA LEU C 175 7.45 4.03 9.47
C LEU C 175 7.58 3.24 8.16
N ASP C 176 8.02 3.90 7.10
CA ASP C 176 8.27 3.24 5.82
C ASP C 176 9.30 2.10 5.92
N ILE C 177 10.39 2.34 6.67
CA ILE C 177 11.42 1.32 6.83
C ILE C 177 10.89 0.17 7.67
N LEU C 178 10.19 0.51 8.76
CA LEU C 178 9.61 -0.53 9.58
C LEU C 178 8.75 -1.49 8.77
N GLU C 179 7.98 -0.94 7.82
CA GLU C 179 7.11 -1.76 6.99
C GLU C 179 7.98 -2.61 6.08
N LEU C 180 9.09 -2.08 5.61
CA LEU C 180 10.06 -2.90 4.90
C LEU C 180 10.59 -4.04 5.75
N TYR C 181 10.78 -3.81 7.04
CA TYR C 181 11.26 -4.88 7.89
C TYR C 181 10.15 -5.88 8.10
N ARG C 182 8.92 -5.40 8.15
CA ARG C 182 7.80 -6.30 8.29
C ARG C 182 7.78 -7.23 7.08
N ARG C 183 8.04 -6.67 5.88
CA ARG C 183 8.10 -7.47 4.63
C ARG C 183 9.27 -8.46 4.59
N TRP C 184 10.45 -7.96 4.95
CA TRP C 184 11.65 -8.73 5.13
C TRP C 184 11.33 -10.06 5.79
N TYR C 185 10.70 -9.97 6.95
CA TYR C 185 10.29 -11.14 7.70
C TYR C 185 9.04 -11.87 7.18
N GLU C 186 7.92 -11.15 7.09
CA GLU C 186 6.64 -11.80 6.75
C GLU C 186 6.59 -12.16 5.26
N GLU C 187 6.96 -11.25 4.39
CA GLU C 187 6.90 -11.56 2.96
C GLU C 187 8.03 -12.49 2.44
N CYS C 188 9.30 -12.24 2.81
CA CYS C 188 10.36 -13.13 2.34
C CYS C 188 10.55 -14.35 3.22
N LEU C 189 10.64 -14.13 4.51
CA LEU C 189 11.03 -15.22 5.41
C LEU C 189 9.86 -15.97 6.04
N ALA C 190 8.62 -15.57 5.70
CA ALA C 190 7.38 -16.16 6.26
C ALA C 190 7.39 -16.29 7.81
N VAL C 191 7.96 -15.27 8.45
CA VAL C 191 7.98 -15.15 9.91
C VAL C 191 7.13 -13.97 10.30
N PRO C 192 6.13 -14.20 11.15
CA PRO C 192 5.26 -13.12 11.59
C PRO C 192 5.91 -12.24 12.63
N VAL C 193 5.63 -10.94 12.59
CA VAL C 193 6.17 -10.00 13.58
C VAL C 193 5.13 -8.99 14.02
N ILE C 194 5.38 -8.35 15.15
CA ILE C 194 4.50 -7.37 15.69
C ILE C 194 5.22 -6.05 15.70
N LYS C 195 4.73 -5.10 14.94
CA LYS C 195 5.23 -3.76 14.99
C LYS C 195 4.88 -3.18 16.33
N GLY C 196 5.74 -2.26 16.81
CA GLY C 196 5.49 -1.63 18.08
C GLY C 196 6.47 -0.55 18.40
N GLU C 197 6.23 0.09 19.52
CA GLU C 197 7.04 1.14 20.06
C GLU C 197 7.76 0.62 21.29
N LYS C 198 9.06 0.87 21.43
CA LYS C 198 9.80 0.44 22.62
C LYS C 198 9.46 1.34 23.78
N SER C 199 9.55 0.81 25.01
CA SER C 199 9.41 1.64 26.24
C SER C 199 10.61 2.54 26.40
N GLU C 200 10.53 3.50 27.32
CA GLU C 200 11.67 4.36 27.63
C GLU C 200 12.86 3.53 28.03
N GLY C 201 12.62 2.54 28.87
CA GLY C 201 13.70 1.68 29.36
C GLY C 201 14.40 0.91 28.26
N GLU C 202 13.64 0.49 27.24
CA GLU C 202 14.17 -0.44 26.24
C GLU C 202 14.60 0.22 24.93
N LYS C 203 14.35 1.51 24.79
CA LYS C 203 14.64 2.20 23.55
C LYS C 203 16.11 2.60 23.47
N PHE C 204 16.50 3.08 22.31
CA PHE C 204 17.81 3.64 22.10
C PHE C 204 17.87 5.03 22.75
N ALA C 205 18.79 5.18 23.71
CA ALA C 205 18.84 6.38 24.51
C ALA C 205 19.26 7.60 23.68
N GLY C 206 19.93 7.35 22.56
CA GLY C 206 20.23 8.45 21.65
C GLY C 206 19.05 8.96 20.82
N GLY C 207 17.85 8.40 20.99
CA GLY C 207 16.73 8.85 20.20
C GLY C 207 15.52 9.30 20.96
N LYS C 208 14.57 9.83 20.21
CA LYS C 208 13.28 10.25 20.75
C LYS C 208 12.33 9.05 20.88
N LYS C 209 12.23 8.24 19.83
CA LYS C 209 11.30 7.12 19.84
C LYS C 209 11.90 5.94 19.08
N THR C 210 11.79 4.76 19.65
CA THR C 210 12.24 3.61 18.94
C THR C 210 11.05 2.75 18.59
N THR C 211 10.90 2.43 17.31
CA THR C 211 9.89 1.46 16.87
C THR C 211 10.68 0.21 16.60
N THR C 212 9.97 -0.92 16.69
CA THR C 212 10.59 -2.21 16.51
C THR C 212 9.62 -3.19 15.89
N VAL C 213 10.15 -4.29 15.47
CA VAL C 213 9.38 -5.37 14.94
C VAL C 213 9.84 -6.55 15.80
N GLU C 214 8.91 -7.20 16.45
CA GLU C 214 9.28 -8.25 17.42
C GLU C 214 8.76 -9.62 16.97
N ALA C 215 9.55 -10.65 17.25
CA ALA C 215 9.23 -12.01 16.88
C ALA C 215 9.20 -12.86 18.12
N PHE C 216 8.80 -14.12 17.97
CA PHE C 216 8.56 -14.98 19.12
C PHE C 216 9.03 -16.38 18.83
N ILE C 217 9.79 -16.97 19.75
CA ILE C 217 10.21 -18.37 19.55
C ILE C 217 9.52 -19.30 20.55
N PRO C 218 8.57 -20.13 20.06
CA PRO C 218 7.70 -20.90 20.97
C PRO C 218 8.46 -21.90 21.79
N GLU C 219 9.41 -22.58 21.17
CA GLU C 219 10.03 -23.73 21.83
C GLU C 219 10.84 -23.34 23.05
N ASN C 220 11.24 -22.06 23.16
CA ASN C 220 11.83 -21.57 24.41
C ASN C 220 11.05 -20.43 25.06
N GLY C 221 9.96 -19.99 24.46
CA GLY C 221 9.13 -18.93 25.08
C GLY C 221 9.68 -17.52 25.03
N ARG C 222 10.69 -17.30 24.18
CA ARG C 222 11.40 -16.04 24.13
C ARG C 222 10.98 -15.22 22.94
N GLY C 223 10.68 -13.96 23.24
CA GLY C 223 10.57 -12.95 22.19
C GLY C 223 11.95 -12.50 21.77
N ILE C 224 12.04 -11.90 20.60
CA ILE C 224 13.31 -11.50 20.10
C ILE C 224 13.07 -10.38 19.13
N GLN C 225 13.87 -9.32 19.26
CA GLN C 225 13.79 -8.19 18.39
C GLN C 225 14.32 -8.48 16.99
N ALA C 226 13.49 -8.31 15.97
CA ALA C 226 13.84 -8.69 14.59
C ALA C 226 14.51 -7.56 13.84
N ALA C 227 14.24 -6.36 14.26
CA ALA C 227 14.79 -5.22 13.60
C ALA C 227 14.30 -3.98 14.32
N THR C 228 14.85 -2.82 14.02
CA THR C 228 14.50 -1.61 14.73
C THR C 228 14.63 -0.40 13.84
N SER C 229 13.86 0.63 14.18
CA SER C 229 13.79 1.84 13.35
C SER C 229 13.46 2.98 14.28
N HIS C 230 14.37 3.93 14.41
CA HIS C 230 14.25 5.02 15.33
C HIS C 230 13.99 6.40 14.82
N LEU C 231 13.15 7.09 15.54
CA LEU C 231 13.06 8.52 15.33
C LEU C 231 14.05 9.18 16.27
N LEU C 232 15.13 9.71 15.73
CA LEU C 232 16.22 10.17 16.56
C LEU C 232 16.01 11.61 17.04
N GLY C 233 15.14 12.37 16.37
CA GLY C 233 14.87 13.71 16.82
C GLY C 233 16.01 14.58 16.40
N THR C 234 16.36 15.53 17.27
CA THR C 234 17.39 16.50 16.95
C THR C 234 18.62 16.31 17.83
N ASN C 235 18.54 15.43 18.80
CA ASN C 235 19.64 15.28 19.73
C ASN C 235 21.01 14.98 19.11
N PHE C 236 21.08 14.09 18.12
CA PHE C 236 22.34 13.88 17.45
C PHE C 236 22.79 15.12 16.70
N ALA C 237 21.82 15.84 16.13
CA ALA C 237 22.11 17.06 15.40
C ALA C 237 22.75 18.14 16.30
N LYS C 238 22.33 18.14 17.57
CA LYS C 238 22.86 19.05 18.56
C LYS C 238 24.32 18.72 18.77
N MET C 239 24.57 17.47 19.13
CA MET C 239 25.87 17.01 19.53
C MET C 239 26.88 17.11 18.41
N PHE C 240 26.46 16.77 17.20
CA PHE C 240 27.39 16.79 16.05
C PHE C 240 27.27 18.05 15.26
N GLU C 241 26.36 18.95 15.69
CA GLU C 241 26.15 20.23 15.02
C GLU C 241 25.80 20.03 13.55
N ILE C 242 24.74 19.27 13.31
CA ILE C 242 24.26 19.07 11.96
C ILE C 242 23.10 20.02 11.75
N GLU C 243 23.37 21.05 10.97
CA GLU C 243 22.54 22.23 10.97
C GLU C 243 22.28 22.67 9.57
N PHE C 244 21.11 23.21 9.36
CA PHE C 244 20.85 23.77 8.06
C PHE C 244 20.10 25.09 8.17
N GLU C 245 20.23 25.85 7.09
CA GLU C 245 19.60 27.11 6.94
C GLU C 245 18.40 26.84 6.07
N ASP C 246 17.22 27.24 6.53
CA ASP C 246 15.96 27.10 5.74
C ASP C 246 15.78 28.20 4.67
N GLU C 247 14.58 28.23 4.05
CA GLU C 247 14.33 29.16 2.94
C GLU C 247 14.38 30.61 3.41
N GLU C 248 14.06 30.84 4.68
CA GLU C 248 14.00 32.19 5.27
C GLU C 248 15.35 32.73 5.74
N GLY C 249 16.43 31.96 5.58
CA GLY C 249 17.76 32.32 6.07
C GLY C 249 18.09 31.82 7.47
N HIS C 250 17.22 31.01 8.06
CA HIS C 250 17.40 30.61 9.48
C HIS C 250 18.07 29.25 9.69
N LYS C 251 18.95 29.20 10.71
CA LYS C 251 19.70 28.00 11.12
C LYS C 251 18.86 27.02 11.94
N ARG C 252 18.65 25.82 11.44
CA ARG C 252 17.82 24.82 12.13
C ARG C 252 18.58 23.50 12.30
N LEU C 253 18.16 22.74 13.31
CA LEU C 253 18.69 21.38 13.50
C LEU C 253 18.00 20.39 12.57
N VAL C 254 18.70 19.33 12.18
CA VAL C 254 18.06 18.30 11.35
C VAL C 254 17.40 17.29 12.28
N HIS C 255 16.40 16.60 11.74
CA HIS C 255 15.66 15.52 12.38
C HIS C 255 16.15 14.27 11.70
N GLN C 256 16.50 13.27 12.48
CA GLN C 256 17.25 12.13 11.94
C GLN C 256 16.57 10.81 12.24
N THR C 257 16.90 9.81 11.43
CA THR C 257 16.49 8.45 11.67
C THR C 257 17.65 7.50 11.46
N SER C 258 17.59 6.40 12.16
CA SER C 258 18.51 5.35 11.92
C SER C 258 17.71 4.08 12.05
N TRP C 259 18.16 3.04 11.33
CA TRP C 259 17.49 1.74 11.36
C TRP C 259 18.42 0.57 10.95
N GLY C 260 18.19 -0.63 11.51
CA GLY C 260 19.02 -1.74 11.13
C GLY C 260 18.45 -3.11 11.42
N CYS C 261 19.05 -4.10 10.74
CA CYS C 261 18.56 -5.46 10.71
C CYS C 261 19.68 -6.35 10.30
N THR C 262 19.76 -7.54 10.87
CA THR C 262 20.98 -8.33 10.69
C THR C 262 20.70 -9.76 10.27
N THR C 263 21.79 -10.49 10.13
CA THR C 263 21.76 -11.89 9.85
C THR C 263 21.08 -12.64 11.00
N ARG C 264 20.75 -11.94 12.07
CA ARG C 264 19.76 -12.53 12.99
C ARG C 264 18.54 -13.08 12.26
N SER C 265 18.04 -12.34 11.27
CA SER C 265 16.84 -12.70 10.54
C SER C 265 16.85 -14.16 10.06
N LEU C 266 17.98 -14.56 9.51
CA LEU C 266 18.15 -15.94 9.04
C LEU C 266 17.88 -16.96 10.12
N GLY C 267 18.30 -16.61 11.34
CA GLY C 267 18.25 -17.51 12.49
C GLY C 267 16.84 -17.63 12.97
N VAL C 268 16.13 -16.51 13.01
CA VAL C 268 14.72 -16.52 13.31
C VAL C 268 13.98 -17.39 12.29
N MET C 269 14.21 -17.19 11.01
CA MET C 269 13.62 -18.03 10.00
C MET C 269 13.89 -19.52 10.23
N ILE C 270 15.12 -19.92 10.57
CA ILE C 270 15.49 -21.32 10.71
C ILE C 270 14.62 -21.92 11.79
N MET C 271 14.42 -21.16 12.85
CA MET C 271 13.79 -21.64 14.05
C MET C 271 12.29 -21.74 13.88
N THR C 272 11.74 -20.82 13.10
CA THR C 272 10.33 -20.80 12.91
C THR C 272 9.85 -22.02 12.10
N HIS C 273 10.49 -22.31 10.97
CA HIS C 273 10.01 -23.31 9.99
C HIS C 273 10.65 -24.70 10.06
N GLY C 274 11.81 -24.80 10.68
CA GLY C 274 12.46 -26.10 10.76
C GLY C 274 11.57 -27.17 11.43
N ASP C 275 11.92 -28.42 11.16
CA ASP C 275 11.18 -29.48 11.75
C ASP C 275 12.18 -30.61 12.02
N ASP C 276 11.69 -31.80 12.36
CA ASP C 276 12.56 -32.86 12.90
C ASP C 276 13.52 -33.39 11.82
N LYS C 277 13.25 -33.07 10.55
CA LYS C 277 14.08 -33.55 9.47
C LYS C 277 15.17 -32.57 9.09
N GLY C 278 15.08 -31.35 9.62
CA GLY C 278 16.01 -30.29 9.34
C GLY C 278 15.31 -29.02 8.89
N LEU C 279 15.89 -28.37 7.89
CA LEU C 279 15.39 -27.06 7.45
C LEU C 279 14.12 -27.13 6.61
N VAL C 280 13.39 -26.03 6.65
CA VAL C 280 12.32 -25.77 5.69
C VAL C 280 12.49 -24.33 5.24
N ILE C 281 12.88 -24.12 3.99
CA ILE C 281 13.21 -22.83 3.55
C ILE C 281 12.08 -22.29 2.71
N PRO C 282 11.51 -21.13 3.11
CA PRO C 282 10.43 -20.51 2.36
C PRO C 282 10.81 -20.25 0.93
N PRO C 283 9.98 -20.64 -0.03
CA PRO C 283 10.37 -20.47 -1.42
C PRO C 283 10.79 -19.07 -1.84
N ARG C 284 10.26 -18.02 -1.24
CA ARG C 284 10.70 -16.68 -1.63
CA ARG C 284 10.68 -16.68 -1.65
C ARG C 284 12.21 -16.50 -1.48
N VAL C 285 12.82 -17.19 -0.52
CA VAL C 285 14.27 -16.97 -0.27
C VAL C 285 15.16 -18.16 -0.48
N ALA C 286 14.65 -19.26 -0.99
CA ALA C 286 15.47 -20.44 -1.19
C ALA C 286 16.27 -20.25 -2.45
N SER C 287 17.53 -20.61 -2.45
CA SER C 287 18.33 -20.47 -3.66
C SER C 287 18.05 -21.59 -4.65
N VAL C 288 17.61 -22.73 -4.13
CA VAL C 288 17.10 -23.83 -4.91
C VAL C 288 15.67 -24.02 -4.48
N GLN C 289 14.75 -23.80 -5.41
CA GLN C 289 13.32 -23.99 -5.13
C GLN C 289 12.95 -25.42 -5.52
N VAL C 290 13.53 -25.90 -6.59
CA VAL C 290 13.25 -27.27 -7.03
C VAL C 290 14.52 -27.97 -7.41
N VAL C 291 14.70 -29.17 -6.88
CA VAL C 291 15.86 -29.96 -7.17
C VAL C 291 15.38 -31.14 -7.93
N ILE C 292 16.13 -31.51 -8.96
CA ILE C 292 15.65 -32.52 -9.86
C ILE C 292 16.56 -33.69 -9.71
N ILE C 293 16.06 -34.81 -9.16
CA ILE C 293 16.90 -35.99 -9.03
C ILE C 293 16.53 -37.00 -10.10
N PRO C 294 17.47 -37.30 -11.01
CA PRO C 294 17.35 -38.37 -11.99
C PRO C 294 17.62 -39.71 -11.35
N ILE C 295 16.96 -40.75 -11.87
CA ILE C 295 17.31 -42.14 -11.57
C ILE C 295 17.93 -42.80 -12.84
N LEU C 296 19.27 -42.86 -12.93
CA LEU C 296 19.96 -43.53 -14.06
C LEU C 296 19.94 -45.06 -13.87
N PHE C 297 19.67 -45.83 -14.96
CA PHE C 297 19.75 -47.34 -14.97
C PHE C 297 20.54 -47.99 -16.15
N THR C 302 21.27 -43.38 -19.33
CA THR C 302 21.63 -42.16 -18.59
C THR C 302 21.42 -40.91 -19.47
N GLY C 303 21.88 -41.00 -20.72
CA GLY C 303 21.82 -39.88 -21.67
C GLY C 303 20.45 -39.31 -21.99
N GLU C 304 19.43 -40.15 -22.06
CA GLU C 304 18.07 -39.68 -22.31
C GLU C 304 17.55 -38.86 -21.13
N ILE C 305 17.70 -39.42 -19.94
CA ILE C 305 17.09 -38.90 -18.71
C ILE C 305 17.75 -37.59 -18.28
N LEU C 306 19.06 -37.55 -18.33
CA LEU C 306 19.79 -36.32 -18.16
C LEU C 306 19.27 -35.21 -19.07
N GLY C 307 18.98 -35.54 -20.32
CA GLY C 307 18.55 -34.56 -21.32
C GLY C 307 17.19 -34.00 -21.01
N LYS C 308 16.28 -34.89 -20.60
CA LYS C 308 14.94 -34.47 -20.23
C LYS C 308 14.98 -33.59 -18.98
N CYS C 309 15.92 -33.88 -18.09
CA CYS C 309 16.12 -33.02 -16.94
C CYS C 309 16.54 -31.60 -17.34
N ARG C 310 17.48 -31.50 -18.27
CA ARG C 310 17.95 -30.18 -18.65
C ARG C 310 16.82 -29.40 -19.29
N GLU C 311 15.98 -30.10 -20.03
CA GLU C 311 14.83 -29.46 -20.66
C GLU C 311 13.85 -28.98 -19.61
N LEU C 312 13.53 -29.86 -18.66
CA LEU C 312 12.60 -29.50 -17.60
C LEU C 312 13.13 -28.30 -16.82
N LYS C 313 14.42 -28.33 -16.52
CA LYS C 313 15.08 -27.17 -15.90
C LYS C 313 14.90 -25.90 -16.71
N THR C 314 15.34 -25.92 -17.96
CA THR C 314 15.12 -24.75 -18.85
C THR C 314 13.66 -24.28 -18.88
N MET C 315 12.71 -25.21 -18.85
CA MET C 315 11.29 -24.87 -18.96
C MET C 315 10.79 -24.14 -17.71
N LEU C 316 11.06 -24.74 -16.56
CA LEU C 316 10.78 -24.14 -15.26
C LEU C 316 11.48 -22.79 -15.08
N GLU C 317 12.72 -22.71 -15.56
CA GLU C 317 13.42 -21.43 -15.54
C GLU C 317 12.69 -20.31 -16.28
N LYS C 318 11.92 -20.63 -17.30
CA LYS C 318 11.11 -19.60 -17.96
C LYS C 318 10.07 -18.99 -17.00
N ALA C 319 9.68 -19.74 -15.97
CA ALA C 319 8.80 -19.20 -14.94
C ALA C 319 9.56 -18.54 -13.78
N ASP C 320 10.89 -18.37 -13.90
CA ASP C 320 11.76 -17.84 -12.81
C ASP C 320 11.83 -18.76 -11.62
N ILE C 321 11.72 -20.05 -11.84
CA ILE C 321 11.86 -21.02 -10.80
C ILE C 321 13.36 -21.33 -10.74
N ARG C 322 13.88 -21.36 -9.51
CA ARG C 322 15.28 -21.62 -9.31
C ARG C 322 15.50 -23.11 -9.17
N VAL C 323 16.24 -23.66 -10.10
CA VAL C 323 16.30 -25.11 -10.23
C VAL C 323 17.73 -25.66 -10.22
N ARG C 324 17.95 -26.77 -9.51
CA ARG C 324 19.21 -27.51 -9.54
CA ARG C 324 19.20 -27.50 -9.57
C ARG C 324 18.93 -28.95 -9.90
N ILE C 325 19.77 -29.51 -10.75
CA ILE C 325 19.65 -30.89 -11.11
C ILE C 325 20.79 -31.52 -10.32
N ASP C 326 20.48 -32.47 -9.45
CA ASP C 326 21.54 -33.17 -8.75
C ASP C 326 21.85 -34.44 -9.56
N ASP C 327 22.84 -34.33 -10.45
CA ASP C 327 23.19 -35.41 -11.37
C ASP C 327 24.51 -36.10 -11.01
N ARG C 328 25.10 -35.68 -9.90
CA ARG C 328 26.29 -36.30 -9.39
C ARG C 328 26.05 -37.80 -9.31
N SER C 329 26.88 -38.56 -10.00
CA SER C 329 26.66 -39.99 -10.13
C SER C 329 27.25 -40.77 -8.97
N ASN C 330 28.03 -40.09 -8.12
CA ASN C 330 28.65 -40.74 -6.97
C ASN C 330 27.82 -40.82 -5.65
N TYR C 331 26.55 -40.39 -5.70
CA TYR C 331 25.63 -40.56 -4.54
C TYR C 331 24.27 -41.21 -4.93
N THR C 332 23.90 -42.26 -4.20
CA THR C 332 22.54 -42.79 -4.12
C THR C 332 21.46 -41.73 -4.24
N PRO C 333 20.37 -42.04 -4.97
CA PRO C 333 19.23 -41.12 -5.00
C PRO C 333 18.73 -40.87 -3.60
N GLY C 334 18.60 -41.93 -2.81
CA GLY C 334 18.16 -41.80 -1.41
C GLY C 334 18.98 -40.80 -0.61
N TRP C 335 20.31 -40.91 -0.70
CA TRP C 335 21.25 -40.04 -0.06
C TRP C 335 20.99 -38.59 -0.47
N LYS C 336 20.51 -38.41 -1.71
CA LYS C 336 20.13 -37.08 -2.21
C LYS C 336 18.82 -36.58 -1.62
N TYR C 337 17.86 -37.48 -1.44
CA TYR C 337 16.58 -37.11 -0.86
C TYR C 337 16.83 -36.56 0.54
N ASN C 338 17.63 -37.25 1.32
CA ASN C 338 17.95 -36.78 2.62
C ASN C 338 18.74 -35.46 2.60
N HIS C 339 19.70 -35.33 1.69
CA HIS C 339 20.60 -34.19 1.63
C HIS C 339 19.79 -32.94 1.38
N TRP C 340 18.97 -32.96 0.34
CA TRP C 340 18.08 -31.82 0.04
C TRP C 340 16.91 -31.63 1.01
N GLU C 341 16.45 -32.68 1.68
CA GLU C 341 15.46 -32.48 2.78
C GLU C 341 16.04 -31.70 3.95
N VAL C 342 17.19 -32.16 4.43
CA VAL C 342 17.86 -31.52 5.54
C VAL C 342 18.11 -30.04 5.22
N LYS C 343 18.54 -29.80 3.98
CA LYS C 343 18.74 -28.48 3.47
C LYS C 343 17.47 -27.65 3.33
N GLY C 344 16.32 -28.29 3.37
CA GLY C 344 15.07 -27.55 3.32
C GLY C 344 14.58 -27.09 1.95
N VAL C 345 15.05 -27.72 0.88
CA VAL C 345 14.62 -27.38 -0.47
C VAL C 345 13.08 -27.53 -0.61
N PRO C 346 12.38 -26.53 -1.12
CA PRO C 346 10.91 -26.71 -1.07
C PRO C 346 10.28 -27.84 -1.89
N LEU C 347 10.78 -28.09 -3.08
CA LEU C 347 10.23 -29.17 -3.87
C LEU C 347 11.31 -30.06 -4.41
N ARG C 348 11.03 -31.35 -4.42
CA ARG C 348 11.90 -32.29 -5.10
C ARG C 348 11.13 -32.88 -6.26
N LEU C 349 11.78 -33.04 -7.40
CA LEU C 349 11.13 -33.62 -8.57
C LEU C 349 11.97 -34.81 -9.01
N GLU C 350 11.33 -35.96 -9.09
CA GLU C 350 12.03 -37.22 -9.45
C GLU C 350 11.66 -37.64 -10.86
N LEU C 351 12.67 -38.00 -11.65
CA LEU C 351 12.46 -38.50 -13.02
C LEU C 351 13.18 -39.83 -13.32
N GLY C 352 12.45 -40.94 -13.13
CA GLY C 352 12.95 -42.25 -13.57
C GLY C 352 12.57 -42.59 -15.02
N PRO C 353 13.13 -43.69 -15.58
CA PRO C 353 12.83 -44.06 -16.97
C PRO C 353 11.35 -44.29 -17.25
N LYS C 354 10.61 -44.71 -16.23
CA LYS C 354 9.17 -44.95 -16.33
C LYS C 354 8.47 -43.64 -16.65
N ASP C 355 8.76 -42.63 -15.82
CA ASP C 355 8.27 -41.26 -15.97
C ASP C 355 8.50 -40.68 -17.35
N LEU C 356 9.60 -41.10 -17.94
CA LEU C 356 10.00 -40.65 -19.27
C LEU C 356 8.94 -41.07 -20.27
N ALA C 357 8.56 -42.35 -20.21
CA ALA C 357 7.47 -42.91 -21.04
C ALA C 357 6.21 -42.08 -20.93
N LYS C 358 5.84 -41.83 -19.66
CA LYS C 358 4.55 -41.30 -19.27
C LYS C 358 4.45 -39.77 -19.47
N GLY C 359 5.55 -39.12 -19.87
CA GLY C 359 5.56 -37.64 -19.99
C GLY C 359 5.17 -36.92 -18.69
N THR C 360 5.80 -37.32 -17.59
CA THR C 360 5.27 -37.10 -16.27
C THR C 360 6.37 -37.09 -15.19
N ALA C 361 6.21 -36.29 -14.14
CA ALA C 361 7.18 -36.30 -13.04
C ALA C 361 6.51 -36.35 -11.68
N ARG C 362 7.25 -36.91 -10.73
CA ARG C 362 6.80 -37.01 -9.37
C ARG C 362 7.47 -35.92 -8.55
N VAL C 363 6.65 -35.14 -7.84
CA VAL C 363 7.16 -34.07 -6.98
C VAL C 363 6.64 -34.12 -5.54
N VAL C 364 7.57 -33.94 -4.61
CA VAL C 364 7.31 -34.05 -3.20
C VAL C 364 7.61 -32.71 -2.61
N ARG C 365 6.65 -32.16 -1.86
CA ARG C 365 6.84 -30.90 -1.18
C ARG C 365 7.36 -31.12 0.26
N ARG C 366 8.36 -30.34 0.60
CA ARG C 366 9.10 -30.49 1.83
C ARG C 366 8.30 -30.20 3.09
N ASP C 367 7.39 -29.23 3.07
CA ASP C 367 6.68 -28.87 4.33
C ASP C 367 5.86 -30.01 4.94
N THR C 368 5.20 -30.78 4.07
CA THR C 368 4.35 -31.89 4.52
C THR C 368 4.69 -33.30 4.01
N GLY C 369 5.39 -33.41 2.88
CA GLY C 369 5.73 -34.71 2.33
C GLY C 369 4.78 -35.15 1.22
N GLU C 370 3.72 -34.35 0.96
CA GLU C 370 2.68 -34.76 0.03
C GLU C 370 3.29 -34.79 -1.36
N ALA C 371 3.03 -35.89 -2.06
CA ALA C 371 3.59 -36.16 -3.34
C ALA C 371 2.55 -35.95 -4.43
N TYR C 372 3.00 -35.53 -5.61
CA TYR C 372 2.13 -35.29 -6.77
C TYR C 372 2.72 -35.92 -8.04
N GLN C 373 1.81 -36.26 -8.97
CA GLN C 373 2.17 -36.77 -10.28
C GLN C 373 1.65 -35.76 -11.24
N ILE C 374 2.53 -35.21 -12.06
CA ILE C 374 2.18 -34.04 -12.85
C ILE C 374 2.71 -34.16 -14.25
N SER C 375 1.94 -33.66 -15.21
CA SER C 375 2.32 -33.70 -16.61
C SER C 375 3.35 -32.62 -16.84
N TRP C 376 4.38 -32.93 -17.62
CA TRP C 376 5.38 -31.95 -18.01
C TRP C 376 4.77 -30.62 -18.39
N ALA C 377 3.67 -30.64 -19.11
CA ALA C 377 3.03 -29.41 -19.54
C ALA C 377 2.44 -28.61 -18.39
N ASP C 378 1.93 -29.26 -17.34
CA ASP C 378 1.39 -28.54 -16.16
C ASP C 378 2.44 -28.19 -15.05
N LEU C 379 3.71 -28.51 -15.31
CA LEU C 379 4.76 -28.43 -14.29
C LEU C 379 5.00 -27.01 -13.85
N ALA C 380 5.35 -26.16 -14.80
CA ALA C 380 5.49 -24.75 -14.49
C ALA C 380 4.28 -24.18 -13.73
N PRO C 381 3.05 -24.28 -14.25
CA PRO C 381 2.07 -23.52 -13.45
C PRO C 381 1.74 -24.14 -12.08
N LYS C 382 1.75 -25.47 -12.00
CA LYS C 382 1.46 -26.19 -10.77
C LYS C 382 2.56 -25.96 -9.72
N LEU C 383 3.81 -25.95 -10.15
CA LEU C 383 4.89 -25.70 -9.25
C LEU C 383 4.81 -24.29 -8.70
N LEU C 384 4.42 -23.30 -9.50
CA LEU C 384 4.25 -21.95 -8.95
C LEU C 384 3.23 -21.96 -7.86
N GLU C 385 2.23 -22.83 -8.00
CA GLU C 385 1.09 -22.85 -7.10
C GLU C 385 1.44 -23.52 -5.80
N LEU C 386 2.08 -24.69 -5.88
CA LEU C 386 2.56 -25.37 -4.66
C LEU C 386 3.47 -24.44 -3.83
N MET C 387 4.30 -23.71 -4.55
CA MET C 387 5.27 -22.79 -3.98
C MET C 387 4.57 -21.61 -3.30
N GLU C 388 3.53 -21.06 -3.90
CA GLU C 388 2.64 -20.13 -3.23
C GLU C 388 1.96 -20.78 -2.05
N GLY C 389 1.57 -22.04 -2.20
CA GLY C 389 0.88 -22.75 -1.13
C GLY C 389 1.74 -22.91 0.11
N ILE C 390 2.95 -23.38 -0.14
CA ILE C 390 3.99 -23.52 0.86
C ILE C 390 4.38 -22.23 1.60
N GLN C 391 4.63 -21.18 0.83
CA GLN C 391 4.97 -19.92 1.44
C GLN C 391 3.85 -19.46 2.35
N ARG C 392 2.61 -19.46 1.86
CA ARG C 392 1.46 -18.95 2.63
C ARG C 392 1.23 -19.81 3.89
N SER C 393 1.35 -21.12 3.70
CA SER C 393 1.11 -22.05 4.81
C SER C 393 2.16 -21.91 5.94
N LEU C 394 3.44 -21.96 5.62
CA LEU C 394 4.50 -21.67 6.60
C LEU C 394 4.29 -20.39 7.36
N PHE C 395 3.95 -19.31 6.67
CA PHE C 395 3.60 -18.05 7.38
C PHE C 395 2.35 -18.20 8.24
N GLU C 396 1.31 -18.87 7.70
CA GLU C 396 0.00 -18.95 8.42
C GLU C 396 0.08 -19.79 9.65
N LYS C 397 0.74 -20.92 9.54
CA LYS C 397 0.98 -21.74 10.71
C LYS C 397 1.85 -21.03 11.75
N ALA C 398 2.90 -20.34 11.30
CA ALA C 398 3.71 -19.59 12.23
C ALA C 398 2.90 -18.44 12.79
N LYS C 399 2.02 -17.80 12.02
CA LYS C 399 1.21 -16.70 12.61
C LYS C 399 0.30 -17.27 13.67
N ALA C 400 -0.22 -18.46 13.39
CA ALA C 400 -1.08 -19.08 14.39
C ALA C 400 -0.24 -19.35 15.66
N ARG C 401 0.98 -19.87 15.54
CA ARG C 401 1.78 -20.17 16.77
C ARG C 401 2.16 -18.93 17.55
N LEU C 402 2.40 -17.84 16.84
CA LEU C 402 2.57 -16.54 17.49
C LEU C 402 1.35 -16.17 18.40
N HIS C 403 0.14 -16.20 17.88
CA HIS C 403 -1.02 -15.72 18.65
C HIS C 403 -1.42 -16.67 19.78
N GLU C 404 -1.19 -17.97 19.59
CA GLU C 404 -1.42 -18.94 20.66
C GLU C 404 -0.43 -18.75 21.79
N GLY C 405 0.73 -18.17 21.49
CA GLY C 405 1.77 -17.96 22.47
C GLY C 405 1.62 -16.69 23.29
N ILE C 406 0.57 -15.92 23.05
CA ILE C 406 0.40 -14.64 23.73
C ILE C 406 -0.90 -14.68 24.52
N GLU C 407 -0.82 -14.52 25.84
CA GLU C 407 -2.00 -14.50 26.72
C GLU C 407 -2.39 -13.12 27.23
N LYS C 408 -3.64 -12.72 27.00
CA LYS C 408 -4.11 -11.40 27.43
C LYS C 408 -4.42 -11.50 28.92
N ILE C 409 -3.85 -10.58 29.71
CA ILE C 409 -3.94 -10.63 31.17
C ILE C 409 -4.31 -9.27 31.75
N SER C 410 -4.59 -9.23 33.06
CA SER C 410 -4.93 -7.93 33.69
C SER C 410 -4.25 -7.65 35.03
N THR C 411 -3.80 -8.71 35.72
CA THR C 411 -3.12 -8.62 37.02
C THR C 411 -1.83 -9.45 37.07
N PHE C 412 -0.92 -9.07 37.98
CA PHE C 412 0.42 -9.64 38.03
C PHE C 412 0.46 -11.14 38.35
N ASP C 413 -0.56 -11.67 39.02
CA ASP C 413 -0.49 -13.06 39.47
C ASP C 413 -0.78 -14.03 38.33
N GLU C 414 -1.16 -13.52 37.16
CA GLU C 414 -1.31 -14.37 35.97
C GLU C 414 0.02 -14.52 35.20
N VAL C 415 1.01 -13.72 35.56
CA VAL C 415 2.28 -13.66 34.83
C VAL C 415 3.07 -14.95 34.88
N MET C 416 3.44 -15.39 36.07
CA MET C 416 4.34 -16.54 36.16
C MET C 416 3.73 -17.82 35.60
N PRO C 417 2.44 -18.06 35.88
CA PRO C 417 1.82 -19.20 35.22
C PRO C 417 1.99 -19.11 33.71
N ALA C 418 1.86 -17.89 33.18
CA ALA C 418 1.90 -17.69 31.74
C ALA C 418 3.31 -17.83 31.20
N LEU C 419 4.27 -17.27 31.92
CA LEU C 419 5.67 -17.45 31.59
C LEU C 419 6.10 -18.91 31.72
N ASN C 420 5.46 -19.71 32.57
CA ASN C 420 5.80 -21.15 32.67
C ASN C 420 5.18 -21.96 31.55
N ARG C 421 4.16 -21.40 30.89
CA ARG C 421 3.69 -21.99 29.64
C ARG C 421 4.55 -21.58 28.43
N LYS C 422 5.65 -20.86 28.70
CA LYS C 422 6.58 -20.38 27.70
C LYS C 422 5.79 -19.47 26.78
N HIS C 423 5.14 -18.49 27.38
CA HIS C 423 4.28 -17.59 26.64
C HIS C 423 4.64 -16.13 26.96
N LEU C 424 4.14 -15.22 26.15
CA LEU C 424 4.28 -13.80 26.39
C LEU C 424 2.96 -13.35 26.93
N VAL C 425 2.96 -12.11 27.42
CA VAL C 425 1.77 -11.59 28.03
C VAL C 425 1.50 -10.20 27.52
N LEU C 426 0.25 -9.94 27.14
CA LEU C 426 -0.24 -8.60 26.80
C LEU C 426 -0.96 -8.08 28.04
N ALA C 427 -0.51 -6.94 28.56
CA ALA C 427 -1.01 -6.41 29.83
C ALA C 427 -1.13 -4.90 29.78
N PRO C 428 -2.09 -4.35 30.53
CA PRO C 428 -2.29 -2.91 30.60
C PRO C 428 -1.27 -2.31 31.55
N TRP C 429 -0.59 -1.29 31.12
CA TRP C 429 0.59 -0.84 31.83
C TRP C 429 0.60 0.69 32.03
N CYS C 430 1.14 1.14 33.16
CA CYS C 430 1.21 2.60 33.42
C CYS C 430 2.31 3.32 32.62
N GLU C 431 3.31 2.56 32.14
CA GLU C 431 4.41 3.11 31.33
C GLU C 431 5.40 3.92 32.14
N ASP C 432 5.40 3.74 33.46
CA ASP C 432 6.44 4.35 34.27
C ASP C 432 7.70 3.49 34.11
N PRO C 433 8.85 4.11 33.83
CA PRO C 433 10.13 3.37 33.75
C PRO C 433 10.55 2.53 34.99
N GLU C 434 10.35 3.07 36.20
CA GLU C 434 10.74 2.36 37.44
C GLU C 434 10.02 0.98 37.55
N SER C 435 8.75 0.93 37.12
CA SER C 435 7.96 -0.31 37.16
C SER C 435 8.54 -1.42 36.31
N GLU C 436 9.04 -1.06 35.12
CA GLU C 436 9.69 -2.03 34.26
C GLU C 436 10.91 -2.63 34.94
N GLU C 437 11.76 -1.79 35.50
CA GLU C 437 12.95 -2.32 36.17
C GLU C 437 12.50 -3.15 37.37
N GLN C 438 11.49 -2.67 38.08
CA GLN C 438 10.93 -3.44 39.19
C GLN C 438 10.42 -4.83 38.79
N ILE C 439 9.70 -4.89 37.67
CA ILE C 439 9.08 -6.13 37.18
C ILE C 439 10.13 -7.11 36.68
N LYS C 440 11.13 -6.56 35.97
CA LYS C 440 12.28 -7.33 35.49
C LYS C 440 12.85 -8.07 36.68
N LYS C 441 13.03 -7.37 37.81
CA LYS C 441 13.67 -7.99 38.99
C LYS C 441 12.82 -9.02 39.72
N GLU C 442 11.57 -8.68 39.98
CA GLU C 442 10.69 -9.66 40.62
C GLU C 442 10.60 -10.99 39.84
N THR C 443 10.42 -10.89 38.53
CA THR C 443 10.32 -12.08 37.70
C THR C 443 11.63 -12.84 37.72
N GLN C 444 12.73 -12.13 37.91
CA GLN C 444 14.01 -12.78 38.09
C GLN C 444 14.00 -13.65 39.36
N LYS C 445 13.70 -13.05 40.51
CA LYS C 445 13.76 -13.75 41.80
C LYS C 445 12.78 -14.91 41.73
N LEU C 446 11.59 -14.68 41.18
CA LEU C 446 10.60 -15.75 41.07
C LEU C 446 11.10 -16.94 40.28
N SER C 447 11.73 -16.66 39.16
CA SER C 447 12.18 -17.75 38.28
C SER C 447 13.30 -18.62 38.87
N GLU C 448 14.25 -18.01 39.57
CA GLU C 448 15.31 -18.79 40.23
C GLU C 448 14.78 -19.59 41.44
N ILE C 449 13.87 -18.98 42.21
CA ILE C 449 13.07 -19.70 43.22
C ILE C 449 12.60 -21.09 42.74
N GLN C 450 11.76 -21.12 41.70
CA GLN C 450 11.21 -22.39 41.19
C GLN C 450 12.27 -23.48 40.92
N GLY C 463 16.12 -15.21 33.55
CA GLY C 463 14.72 -15.61 33.64
C GLY C 463 13.82 -14.38 33.73
N ALA C 464 14.40 -13.18 33.56
CA ALA C 464 13.67 -11.95 33.71
C ALA C 464 12.65 -11.76 32.59
N MET C 465 11.56 -11.08 32.93
CA MET C 465 10.55 -10.71 31.95
C MET C 465 10.65 -9.23 31.72
N LYS C 466 10.75 -8.82 30.47
CA LYS C 466 10.82 -7.41 30.17
C LYS C 466 9.78 -7.01 29.12
N THR C 467 9.66 -5.73 28.82
CA THR C 467 8.80 -5.33 27.73
C THR C 467 9.50 -5.70 26.42
N LEU C 468 8.67 -6.03 25.43
CA LEU C 468 9.08 -6.26 24.09
C LEU C 468 8.69 -5.09 23.24
N CYS C 469 7.42 -4.70 23.28
CA CYS C 469 7.01 -3.41 22.73
C CYS C 469 5.60 -3.06 23.15
N ILE C 470 5.23 -1.83 22.89
CA ILE C 470 3.87 -1.37 23.06
C ILE C 470 3.28 -1.46 21.66
N PRO C 471 2.43 -2.46 21.37
CA PRO C 471 2.13 -2.67 19.95
C PRO C 471 1.36 -1.52 19.29
N PHE C 472 1.57 -1.35 17.98
CA PHE C 472 0.78 -0.43 17.19
C PHE C 472 -0.71 -0.90 17.24
N ASP C 473 -0.92 -2.21 17.21
CA ASP C 473 -2.21 -2.83 17.38
C ASP C 473 -2.65 -2.77 18.85
N GLN C 474 -3.33 -1.68 19.23
CA GLN C 474 -3.86 -1.54 20.60
C GLN C 474 -5.32 -2.01 20.71
N PRO C 475 -5.59 -3.11 21.41
CA PRO C 475 -6.98 -3.38 21.66
C PRO C 475 -7.59 -2.34 22.59
N PRO C 476 -8.93 -2.25 22.58
CA PRO C 476 -9.68 -1.28 23.37
C PRO C 476 -9.28 -1.27 24.82
N MET C 477 -9.28 -0.09 25.42
CA MET C 477 -8.92 0.06 26.83
C MET C 477 -10.11 0.61 27.66
N PRO C 478 -10.89 -0.29 28.32
CA PRO C 478 -11.90 0.13 29.30
C PRO C 478 -11.40 1.27 30.18
N GLU C 479 -12.24 2.31 30.34
CA GLU C 479 -11.81 3.64 30.79
C GLU C 479 -10.93 3.69 32.05
N GLY C 480 -11.35 3.04 33.13
CA GLY C 480 -10.57 3.10 34.37
C GLY C 480 -9.65 1.92 34.62
N THR C 481 -9.26 1.19 33.56
CA THR C 481 -8.54 -0.09 33.72
C THR C 481 -7.20 0.10 34.42
N LYS C 482 -6.86 -0.86 35.27
CA LYS C 482 -5.70 -0.75 36.12
C LYS C 482 -4.45 -1.54 35.61
N CYS C 483 -3.31 -0.88 35.76
CA CYS C 483 -2.00 -1.41 35.40
C CYS C 483 -1.82 -2.72 36.11
N PHE C 484 -1.60 -3.77 35.34
CA PHE C 484 -1.44 -5.09 35.92
C PHE C 484 -0.43 -5.21 37.06
N TYR C 485 0.38 -4.17 37.26
CA TYR C 485 1.43 -4.21 38.27
C TYR C 485 1.29 -3.18 39.35
N THR C 486 1.10 -1.92 38.97
CA THR C 486 1.12 -0.90 39.98
C THR C 486 -0.24 -0.68 40.57
N GLY C 487 -1.29 -0.90 39.78
CA GLY C 487 -2.61 -0.45 40.15
C GLY C 487 -2.86 1.02 39.83
N LYS C 488 -1.86 1.76 39.37
CA LYS C 488 -2.14 3.11 38.85
C LYS C 488 -2.99 2.96 37.60
N PRO C 489 -3.65 4.05 37.14
CA PRO C 489 -4.41 3.86 35.90
C PRO C 489 -3.50 3.36 34.78
N ALA C 490 -3.90 2.28 34.10
CA ALA C 490 -3.11 1.77 32.98
C ALA C 490 -3.25 2.69 31.80
N LYS C 491 -2.24 2.66 30.92
CA LYS C 491 -2.13 3.54 29.76
C LYS C 491 -2.33 2.91 28.39
N ARG C 492 -1.54 1.90 28.04
CA ARG C 492 -1.67 1.20 26.78
C ARG C 492 -1.38 -0.25 27.03
N TRP C 493 -1.76 -1.11 26.08
CA TRP C 493 -1.45 -2.54 26.17
C TRP C 493 0.02 -2.75 25.73
N THR C 494 0.70 -3.65 26.39
CA THR C 494 2.14 -3.74 26.31
C THR C 494 2.48 -5.21 26.29
N LEU C 495 3.34 -5.60 25.38
CA LEU C 495 3.69 -6.99 25.28
C LEU C 495 4.98 -7.23 26.08
N TRP C 496 4.95 -8.24 26.95
CA TRP C 496 6.06 -8.56 27.82
C TRP C 496 6.49 -9.98 27.63
N GLY C 497 7.76 -10.27 27.90
CA GLY C 497 8.19 -11.66 27.94
C GLY C 497 9.65 -11.78 28.34
N ARG C 498 10.08 -13.03 28.50
CA ARG C 498 11.49 -13.36 28.39
C ARG C 498 11.95 -13.13 26.94
N SER C 499 13.21 -12.75 26.74
CA SER C 499 13.73 -12.34 25.44
C SER C 499 15.15 -12.83 25.13
N TYR C 500 15.70 -12.50 23.96
CA TYR C 500 17.03 -12.95 23.58
C TYR C 500 18.03 -11.85 23.78
N MET D 3 34.10 23.61 -9.19
CA MET D 3 34.91 23.56 -10.47
C MET D 3 36.32 22.91 -10.29
N VAL D 4 36.81 22.16 -11.27
CA VAL D 4 38.20 21.60 -11.21
C VAL D 4 39.24 22.58 -11.84
N THR D 5 40.34 22.83 -11.12
CA THR D 5 41.31 23.88 -11.51
C THR D 5 42.75 23.36 -11.75
N ALA D 6 43.16 22.27 -11.11
CA ALA D 6 44.42 21.62 -11.49
C ALA D 6 44.20 20.96 -12.85
N LYS D 7 45.18 21.11 -13.75
CA LYS D 7 45.10 20.52 -15.10
C LYS D 7 45.64 19.09 -15.03
N LYS D 8 44.90 18.16 -15.62
CA LYS D 8 45.19 16.73 -15.50
C LYS D 8 46.65 16.37 -15.84
N ASP D 9 47.12 16.69 -17.04
CA ASP D 9 48.50 16.32 -17.43
C ASP D 9 49.63 17.02 -16.61
N GLU D 10 49.49 18.33 -16.36
CA GLU D 10 50.46 19.12 -15.58
C GLU D 10 50.56 18.65 -14.13
N ASN D 11 49.48 18.84 -13.36
CA ASN D 11 49.50 18.54 -11.92
C ASN D 11 48.53 17.41 -11.48
N PHE D 12 48.87 16.20 -11.94
CA PHE D 12 47.97 15.05 -11.88
C PHE D 12 47.53 14.67 -10.46
N SER D 13 48.45 14.84 -9.52
CA SER D 13 48.17 14.67 -8.12
C SER D 13 47.07 15.58 -7.67
N GLU D 14 47.26 16.87 -7.88
CA GLU D 14 46.28 17.82 -7.42
C GLU D 14 45.00 17.58 -8.23
N TRP D 15 45.13 17.19 -9.51
CA TRP D 15 43.95 16.94 -10.33
C TRP D 15 43.11 15.82 -9.74
N TYR D 16 43.77 14.75 -9.33
CA TYR D 16 43.08 13.56 -8.85
C TYR D 16 42.27 13.83 -7.58
N THR D 17 42.96 14.35 -6.59
CA THR D 17 42.34 14.86 -5.39
C THR D 17 41.12 15.75 -5.58
N GLN D 18 41.27 16.77 -6.41
CA GLN D 18 40.17 17.68 -6.59
C GLN D 18 39.03 16.93 -7.26
N ALA D 19 39.36 16.03 -8.20
CA ALA D 19 38.31 15.29 -8.87
C ALA D 19 37.52 14.37 -7.95
N ILE D 20 38.22 13.62 -7.12
CA ILE D 20 37.51 12.59 -6.38
C ILE D 20 36.70 13.29 -5.34
N VAL D 21 37.20 14.44 -4.85
CA VAL D 21 36.48 15.20 -3.82
C VAL D 21 35.34 16.02 -4.42
N ARG D 22 35.63 16.83 -5.43
CA ARG D 22 34.60 17.77 -5.89
C ARG D 22 33.42 17.06 -6.54
N SER D 23 33.67 15.87 -7.09
CA SER D 23 32.63 14.98 -7.64
C SER D 23 31.77 14.25 -6.61
N GLU D 24 32.05 14.49 -5.34
CA GLU D 24 31.37 13.90 -4.21
C GLU D 24 31.55 12.38 -4.15
N MET D 25 32.73 11.94 -4.60
CA MET D 25 33.04 10.53 -4.68
C MET D 25 33.69 10.07 -3.41
N ILE D 26 34.70 10.80 -2.95
CA ILE D 26 35.27 10.53 -1.64
C ILE D 26 35.30 11.71 -0.62
N GLU D 27 35.29 11.35 0.65
CA GLU D 27 35.48 12.29 1.72
C GLU D 27 36.68 11.80 2.57
N TYR D 28 37.54 12.72 2.96
CA TYR D 28 38.75 12.35 3.71
C TYR D 28 38.37 12.09 5.15
N TYR D 29 39.25 11.43 5.86
CA TYR D 29 38.93 10.84 7.14
C TYR D 29 40.18 11.06 7.97
N ASP D 30 40.03 10.94 9.28
CA ASP D 30 41.11 11.21 10.23
C ASP D 30 42.13 10.03 10.43
N ILE D 31 41.82 8.83 10.01
CA ILE D 31 42.79 7.74 10.04
C ILE D 31 43.39 7.60 8.68
N SER D 32 44.71 7.71 8.56
CA SER D 32 45.31 7.84 7.23
C SER D 32 45.27 6.55 6.40
N GLY D 33 45.12 6.79 5.11
CA GLY D 33 44.86 5.74 4.13
C GLY D 33 43.49 5.08 4.22
N CYS D 34 42.61 5.67 5.04
CA CYS D 34 41.19 5.29 5.01
C CYS D 34 40.37 6.47 4.46
N TYR D 35 39.41 6.15 3.60
CA TYR D 35 38.59 7.16 2.94
C TYR D 35 37.14 6.70 2.96
N ILE D 36 36.23 7.67 2.97
CA ILE D 36 34.80 7.42 2.91
C ILE D 36 34.37 7.38 1.47
N MET D 37 33.62 6.35 1.09
CA MET D 37 33.15 6.20 -0.27
C MET D 37 31.73 6.69 -0.28
N ARG D 38 31.50 7.82 -0.92
CA ARG D 38 30.16 8.32 -1.03
C ARG D 38 29.41 7.59 -2.16
N PRO D 39 28.08 7.77 -2.21
CA PRO D 39 27.26 7.03 -3.16
C PRO D 39 27.71 7.11 -4.60
N TRP D 40 28.17 8.28 -5.01
CA TRP D 40 28.54 8.53 -6.37
C TRP D 40 29.66 7.62 -6.77
N ALA D 41 30.51 7.27 -5.81
CA ALA D 41 31.55 6.28 -6.06
C ALA D 41 31.02 4.89 -5.79
N PHE D 42 30.24 4.75 -4.71
CA PHE D 42 29.85 3.44 -4.23
C PHE D 42 28.96 2.76 -5.24
N HIS D 43 28.12 3.49 -5.93
CA HIS D 43 27.26 2.91 -6.94
C HIS D 43 28.04 2.19 -8.01
N ILE D 44 29.18 2.71 -8.37
CA ILE D 44 30.04 2.10 -9.36
C ILE D 44 30.58 0.78 -8.84
N TRP D 45 31.09 0.77 -7.60
CA TRP D 45 31.36 -0.48 -6.91
C TRP D 45 30.22 -1.51 -7.03
N GLU D 46 28.97 -1.13 -6.71
CA GLU D 46 27.87 -2.05 -6.72
C GLU D 46 27.62 -2.66 -8.08
N LYS D 47 27.86 -1.89 -9.14
CA LYS D 47 27.65 -2.35 -10.50
C LYS D 47 28.71 -3.35 -10.92
N VAL D 48 29.97 -3.07 -10.66
CA VAL D 48 30.99 -4.04 -11.01
C VAL D 48 30.81 -5.26 -10.16
N GLN D 49 30.46 -5.04 -8.89
CA GLN D 49 30.16 -6.14 -7.98
C GLN D 49 29.10 -7.05 -8.59
N ARG D 50 28.02 -6.45 -9.04
CA ARG D 50 26.93 -7.23 -9.60
C ARG D 50 27.37 -8.00 -10.86
N PHE D 51 28.02 -7.31 -11.77
CA PHE D 51 28.61 -7.95 -12.92
C PHE D 51 29.47 -9.18 -12.60
N PHE D 52 30.45 -9.01 -11.71
CA PHE D 52 31.39 -10.11 -11.45
C PHE D 52 30.66 -11.28 -10.80
N ASP D 53 29.71 -10.91 -9.97
CA ASP D 53 29.07 -11.90 -9.15
C ASP D 53 28.20 -12.77 -10.03
N ASP D 54 27.36 -12.13 -10.87
CA ASP D 54 26.49 -12.85 -11.81
C ASP D 54 27.38 -13.83 -12.58
N GLU D 55 28.55 -13.36 -13.02
CA GLU D 55 29.38 -14.15 -13.90
C GLU D 55 30.02 -15.35 -13.21
N ILE D 56 30.47 -15.19 -11.95
CA ILE D 56 31.07 -16.34 -11.30
C ILE D 56 29.99 -17.35 -10.90
N LYS D 57 28.79 -16.87 -10.63
CA LYS D 57 27.67 -17.78 -10.35
C LYS D 57 27.31 -18.69 -11.56
N LYS D 58 27.52 -18.21 -12.80
CA LYS D 58 27.29 -19.03 -13.99
C LYS D 58 28.34 -20.13 -14.11
N MET D 59 29.53 -19.86 -13.57
CA MET D 59 30.60 -20.83 -13.47
C MET D 59 30.45 -21.77 -12.28
N GLY D 60 29.37 -21.73 -11.53
CA GLY D 60 29.29 -22.58 -10.37
C GLY D 60 29.87 -22.05 -9.06
N VAL D 61 30.46 -20.84 -9.04
CA VAL D 61 31.04 -20.32 -7.80
C VAL D 61 29.95 -19.82 -6.84
N GLU D 62 30.13 -20.13 -5.57
CA GLU D 62 29.15 -19.86 -4.53
C GLU D 62 29.77 -18.92 -3.50
N ASN D 63 28.96 -18.01 -2.96
CA ASN D 63 29.42 -17.03 -2.00
C ASN D 63 29.35 -17.53 -0.61
N SER D 64 30.22 -16.96 0.24
CA SER D 64 30.32 -17.38 1.66
C SER D 64 30.81 -16.20 2.46
N TYR D 65 30.70 -16.23 3.79
CA TYR D 65 31.35 -15.21 4.62
C TYR D 65 32.13 -15.81 5.80
N PHE D 66 33.45 -15.75 5.72
CA PHE D 66 34.28 -16.19 6.84
C PHE D 66 34.60 -15.02 7.79
N PRO D 67 34.93 -15.31 9.06
CA PRO D 67 35.13 -14.19 9.95
C PRO D 67 36.28 -13.29 9.57
N MET D 68 36.21 -12.04 10.01
CA MET D 68 37.31 -11.09 9.83
C MET D 68 38.42 -11.26 10.85
N PHE D 69 38.19 -12.11 11.83
CA PHE D 69 39.18 -12.42 12.83
C PHE D 69 39.88 -13.71 12.59
N VAL D 70 41.16 -13.70 12.94
CA VAL D 70 42.02 -14.88 12.84
C VAL D 70 43.04 -14.85 13.97
N SER D 71 43.13 -15.97 14.69
CA SER D 71 44.02 -16.14 15.82
C SER D 71 45.49 -15.94 15.41
N ARG D 72 46.32 -15.44 16.34
CA ARG D 72 47.75 -15.28 16.09
CA ARG D 72 47.76 -15.30 16.11
C ARG D 72 48.30 -16.62 15.62
N HIS D 73 47.93 -17.67 16.35
CA HIS D 73 48.39 -19.03 16.07
C HIS D 73 48.26 -19.34 14.59
N LYS D 74 47.04 -19.18 14.05
CA LYS D 74 46.74 -19.61 12.66
C LYS D 74 47.26 -18.70 11.55
N LEU D 75 47.42 -17.41 11.85
CA LEU D 75 48.00 -16.51 10.86
C LEU D 75 49.48 -16.78 10.68
N GLU D 76 50.19 -16.89 11.80
CA GLU D 76 51.65 -17.09 11.82
C GLU D 76 52.12 -18.56 11.63
N LYS D 77 51.17 -19.41 11.18
CA LYS D 77 51.41 -20.69 10.52
C LYS D 77 52.66 -20.73 9.61
N GLY D 84 57.90 -10.45 5.20
CA GLY D 84 57.53 -9.38 4.29
C GLY D 84 56.15 -8.85 4.62
N PHE D 85 55.27 -9.77 5.04
CA PHE D 85 53.84 -9.49 5.34
C PHE D 85 53.49 -8.97 6.78
N SER D 86 54.26 -9.39 7.78
CA SER D 86 54.00 -9.12 9.19
C SER D 86 53.67 -7.67 9.55
N PRO D 87 54.46 -6.70 9.09
CA PRO D 87 54.19 -5.34 9.54
C PRO D 87 52.86 -4.68 9.06
N GLU D 88 52.11 -5.33 8.17
CA GLU D 88 50.90 -4.73 7.63
C GLU D 88 49.68 -5.18 8.44
N VAL D 89 49.86 -6.13 9.32
CA VAL D 89 48.71 -6.75 9.98
C VAL D 89 48.25 -5.94 11.17
N ALA D 90 46.96 -5.68 11.25
CA ALA D 90 46.39 -4.94 12.38
C ALA D 90 45.95 -5.91 13.51
N TRP D 91 46.32 -5.59 14.74
CA TRP D 91 46.14 -6.47 15.88
C TRP D 91 45.12 -5.86 16.80
N VAL D 92 44.08 -6.65 17.09
CA VAL D 92 43.14 -6.33 18.13
C VAL D 92 43.72 -6.83 19.44
N THR D 93 43.85 -5.95 20.44
CA THR D 93 44.44 -6.34 21.74
C THR D 93 43.53 -6.26 22.95
N HIS D 94 42.47 -5.45 22.86
CA HIS D 94 41.60 -5.14 23.99
C HIS D 94 40.12 -5.22 23.60
N TYR D 95 39.26 -5.58 24.56
CA TYR D 95 37.81 -5.30 24.46
C TYR D 95 37.44 -4.38 25.63
N GLY D 96 36.99 -3.16 25.32
CA GLY D 96 36.88 -2.11 26.33
C GLY D 96 38.26 -1.87 26.90
N ASP D 97 38.36 -1.89 28.24
CA ASP D 97 39.66 -1.80 28.96
C ASP D 97 40.36 -3.13 29.16
N SER D 98 39.69 -4.21 28.85
CA SER D 98 40.20 -5.52 29.15
C SER D 98 41.06 -5.99 28.02
N PRO D 99 42.29 -6.48 28.31
CA PRO D 99 43.17 -7.00 27.28
C PRO D 99 42.82 -8.42 27.03
N LEU D 100 42.82 -8.80 25.78
CA LEU D 100 42.45 -10.16 25.45
C LEU D 100 43.51 -11.12 25.97
N PRO D 101 43.10 -12.36 26.32
CA PRO D 101 44.09 -13.43 26.67
C PRO D 101 45.16 -13.51 25.58
N GLU D 102 44.75 -13.32 24.34
CA GLU D 102 45.66 -13.23 23.23
C GLU D 102 45.16 -12.27 22.15
N LYS D 103 46.10 -11.57 21.53
CA LYS D 103 45.79 -10.65 20.47
C LYS D 103 45.26 -11.39 19.23
N ILE D 104 44.48 -10.67 18.42
CA ILE D 104 43.69 -11.30 17.37
C ILE D 104 43.90 -10.45 16.16
N ALA D 105 44.23 -11.05 15.02
CA ALA D 105 44.50 -10.27 13.81
C ALA D 105 43.21 -9.98 13.03
N ILE D 106 43.17 -8.81 12.43
CA ILE D 106 42.15 -8.54 11.48
C ILE D 106 42.66 -9.08 10.17
N ARG D 107 41.80 -9.83 9.50
CA ARG D 107 41.98 -10.36 8.13
C ARG D 107 42.69 -9.42 7.14
N PRO D 108 43.87 -9.82 6.66
CA PRO D 108 44.52 -9.17 5.52
C PRO D 108 44.28 -9.92 4.21
N THR D 109 43.70 -11.10 4.30
CA THR D 109 43.43 -12.03 3.19
C THR D 109 43.02 -13.29 3.97
N SER D 110 42.39 -14.25 3.32
CA SER D 110 41.71 -15.30 4.08
C SER D 110 42.23 -16.70 3.92
N GLU D 111 43.38 -16.88 3.30
CA GLU D 111 43.93 -18.22 3.15
C GLU D 111 43.89 -18.96 4.49
N THR D 112 44.38 -18.29 5.51
CA THR D 112 44.61 -18.95 6.80
C THR D 112 43.33 -19.12 7.54
N ILE D 113 42.27 -18.50 7.04
CA ILE D 113 40.94 -18.65 7.65
C ILE D 113 40.16 -19.70 6.89
N MET D 114 40.30 -19.75 5.58
CA MET D 114 39.46 -20.62 4.78
C MET D 114 40.07 -22.02 4.65
N TYR D 115 41.39 -22.10 4.47
CA TYR D 115 41.98 -23.36 4.07
C TYR D 115 41.86 -24.45 5.11
N PRO D 116 41.96 -24.12 6.43
CA PRO D 116 41.69 -25.20 7.40
C PRO D 116 40.28 -25.80 7.30
N ALA D 117 39.30 -24.97 6.95
CA ALA D 117 37.94 -25.46 6.68
C ALA D 117 37.91 -26.30 5.42
N TYR D 118 38.69 -25.90 4.41
CA TYR D 118 38.76 -26.69 3.19
C TYR D 118 39.30 -28.06 3.56
N ALA D 119 40.24 -28.12 4.50
CA ALA D 119 40.86 -29.40 4.84
C ALA D 119 39.78 -30.29 5.45
N LYS D 120 38.90 -29.69 6.22
CA LYS D 120 37.81 -30.48 6.80
C LYS D 120 36.80 -30.93 5.75
N TRP D 121 36.54 -30.13 4.73
CA TRP D 121 35.38 -30.37 3.88
C TRP D 121 35.67 -31.28 2.71
N ILE D 122 36.91 -31.27 2.27
CA ILE D 122 37.37 -32.11 1.17
C ILE D 122 37.92 -33.45 1.71
N ARG D 123 37.17 -34.53 1.58
CA ARG D 123 37.66 -35.88 1.95
C ARG D 123 37.87 -36.80 0.73
N SER D 124 37.16 -36.55 -0.36
CA SER D 124 37.17 -37.42 -1.50
C SER D 124 36.78 -36.66 -2.75
N HIS D 125 37.05 -37.29 -3.89
CA HIS D 125 36.79 -36.72 -5.20
C HIS D 125 35.34 -36.28 -5.46
N ARG D 126 34.38 -36.82 -4.74
CA ARG D 126 32.99 -36.33 -4.82
C ARG D 126 32.82 -34.85 -4.41
N ASP D 127 33.70 -34.37 -3.54
CA ASP D 127 33.63 -33.03 -2.96
C ASP D 127 34.30 -31.97 -3.85
N LEU D 128 34.94 -32.43 -4.93
CA LEU D 128 35.66 -31.57 -5.85
C LEU D 128 34.87 -31.40 -7.16
N PRO D 129 34.94 -30.22 -7.79
CA PRO D 129 35.71 -29.07 -7.34
C PRO D 129 34.95 -28.33 -6.28
N LEU D 130 35.68 -27.64 -5.41
CA LEU D 130 35.11 -26.74 -4.38
C LEU D 130 35.40 -25.31 -4.82
N LYS D 131 34.32 -24.53 -4.94
CA LYS D 131 34.46 -23.19 -5.50
C LYS D 131 33.71 -22.18 -4.67
N LEU D 132 34.50 -21.38 -3.94
CA LEU D 132 33.97 -20.34 -3.08
C LEU D 132 34.53 -18.96 -3.37
N ASN D 133 33.72 -17.97 -3.03
CA ASN D 133 34.07 -16.56 -3.12
C ASN D 133 33.56 -15.86 -1.85
N GLN D 134 34.29 -14.83 -1.43
CA GLN D 134 33.65 -13.84 -0.56
C GLN D 134 33.92 -12.43 -1.03
N TRP D 135 32.89 -11.61 -0.86
CA TRP D 135 32.97 -10.17 -0.81
C TRP D 135 33.12 -9.79 0.64
N CYS D 136 34.15 -9.02 0.95
CA CYS D 136 34.34 -8.57 2.33
C CYS D 136 35.31 -7.42 2.30
N SER D 137 35.60 -6.88 3.48
CA SER D 137 36.57 -5.80 3.59
C SER D 137 37.89 -6.39 4.06
N VAL D 138 38.98 -5.72 3.66
CA VAL D 138 40.31 -6.12 4.02
C VAL D 138 41.10 -4.96 4.62
N VAL D 139 41.93 -5.29 5.61
CA VAL D 139 42.82 -4.33 6.21
C VAL D 139 44.28 -4.67 6.09
N ARG D 140 45.05 -3.71 5.63
CA ARG D 140 46.48 -3.82 5.73
C ARG D 140 46.99 -2.47 6.14
N TRP D 141 47.84 -2.46 7.14
CA TRP D 141 48.42 -1.23 7.56
C TRP D 141 49.55 -0.90 6.63
N GLU D 142 49.20 -0.45 5.42
CA GLU D 142 50.17 -0.16 4.37
C GLU D 142 51.23 0.85 4.84
N PHE D 143 52.48 0.50 4.60
CA PHE D 143 53.60 1.45 4.74
C PHE D 143 53.90 2.17 3.41
N LYS D 144 53.46 1.60 2.30
CA LYS D 144 53.58 2.25 0.99
C LYS D 144 52.62 3.46 0.93
N GLN D 145 52.88 4.37 0.00
CA GLN D 145 52.04 5.52 -0.19
C GLN D 145 50.54 5.08 -0.37
N PRO D 146 49.65 5.58 0.51
CA PRO D 146 48.22 5.35 0.32
C PRO D 146 47.67 6.28 -0.74
N THR D 147 46.63 5.83 -1.44
CA THR D 147 46.05 6.60 -2.51
C THR D 147 44.58 6.24 -2.62
N PRO D 148 43.69 7.24 -2.53
CA PRO D 148 42.27 6.95 -2.64
C PRO D 148 42.00 5.94 -3.75
N PHE D 149 41.31 4.87 -3.38
CA PHE D 149 41.08 3.71 -4.26
C PHE D 149 42.30 2.81 -4.50
N LEU D 150 43.31 3.36 -5.09
CA LEU D 150 44.36 2.53 -5.65
C LEU D 150 45.11 1.75 -4.62
N ARG D 151 45.25 2.32 -3.42
CA ARG D 151 45.96 1.68 -2.33
C ARG D 151 45.50 2.29 -1.01
N THR D 152 44.55 1.63 -0.35
CA THR D 152 44.01 2.10 0.90
C THR D 152 44.20 1.03 1.97
N ARG D 153 44.11 1.42 3.24
CA ARG D 153 44.43 0.55 4.32
C ARG D 153 43.25 -0.29 4.72
N GLU D 154 42.06 0.19 4.39
CA GLU D 154 40.92 -0.64 4.29
C GLU D 154 40.50 -0.56 2.83
N PHE D 155 40.23 -1.71 2.22
CA PHE D 155 39.73 -1.71 0.88
C PHE D 155 38.70 -2.84 0.75
N LEU D 156 37.79 -2.70 -0.20
CA LEU D 156 36.78 -3.72 -0.45
C LEU D 156 37.28 -4.65 -1.55
N TRP D 157 37.03 -5.92 -1.41
CA TRP D 157 37.36 -6.77 -2.49
C TRP D 157 36.46 -7.99 -2.61
N GLN D 158 36.81 -8.78 -3.60
CA GLN D 158 36.27 -10.13 -3.70
C GLN D 158 37.51 -11.00 -3.61
N GLU D 159 37.50 -12.03 -2.78
CA GLU D 159 38.53 -13.09 -2.88
C GLU D 159 37.90 -14.41 -3.21
N GLY D 160 38.35 -15.00 -4.31
CA GLY D 160 37.93 -16.34 -4.74
C GLY D 160 38.97 -17.42 -4.41
N HIS D 161 38.51 -18.56 -3.87
CA HIS D 161 39.40 -19.68 -3.60
C HIS D 161 38.77 -21.01 -4.08
N THR D 162 39.44 -21.71 -4.98
CA THR D 162 38.93 -22.98 -5.47
C THR D 162 39.92 -24.12 -5.26
N ALA D 163 39.36 -25.32 -5.20
CA ALA D 163 40.16 -26.56 -5.15
C ALA D 163 39.70 -27.52 -6.24
N HIS D 164 40.66 -28.11 -6.94
CA HIS D 164 40.35 -29.07 -8.00
C HIS D 164 41.11 -30.37 -7.86
N ALA D 165 40.60 -31.36 -8.55
CA ALA D 165 41.20 -32.68 -8.59
C ALA D 165 42.45 -32.74 -9.47
N THR D 166 42.67 -31.74 -10.35
CA THR D 166 43.75 -31.77 -11.35
C THR D 166 44.20 -30.38 -11.71
N GLU D 167 45.49 -30.22 -11.98
CA GLU D 167 46.02 -28.96 -12.47
C GLU D 167 45.29 -28.41 -13.71
N GLU D 168 44.92 -29.27 -14.64
CA GLU D 168 44.33 -28.85 -15.91
C GLU D 168 43.00 -28.08 -15.70
N GLU D 169 42.10 -28.63 -14.88
CA GLU D 169 40.84 -27.97 -14.49
C GLU D 169 41.07 -26.64 -13.72
N ALA D 170 42.03 -26.66 -12.80
CA ALA D 170 42.36 -25.47 -12.05
C ALA D 170 42.78 -24.37 -13.01
N TRP D 171 43.72 -24.69 -13.89
CA TRP D 171 44.26 -23.75 -14.88
C TRP D 171 43.11 -23.21 -15.73
N GLU D 172 42.16 -24.06 -16.07
CA GLU D 172 41.07 -23.58 -16.88
C GLU D 172 40.38 -22.42 -16.13
N LEU D 173 40.19 -22.60 -14.83
CA LEU D 173 39.44 -21.66 -14.05
C LEU D 173 40.22 -20.33 -13.85
N VAL D 174 41.52 -20.42 -13.57
CA VAL D 174 42.36 -19.29 -13.46
C VAL D 174 42.08 -18.33 -14.57
N LEU D 175 42.11 -18.88 -15.79
CA LEU D 175 42.00 -18.07 -17.01
C LEU D 175 40.57 -17.61 -17.26
N ASP D 176 39.60 -18.43 -16.94
CA ASP D 176 38.22 -18.01 -17.03
C ASP D 176 38.00 -16.75 -16.19
N ILE D 177 38.59 -16.77 -14.98
CA ILE D 177 38.41 -15.71 -14.05
C ILE D 177 39.12 -14.48 -14.59
N LEU D 178 40.35 -14.67 -15.06
CA LEU D 178 41.14 -13.61 -15.66
C LEU D 178 40.37 -12.91 -16.76
N GLU D 179 39.69 -13.69 -17.59
CA GLU D 179 38.83 -13.14 -18.62
C GLU D 179 37.65 -12.38 -18.02
N LEU D 180 37.11 -12.82 -16.89
CA LEU D 180 36.06 -12.01 -16.22
C LEU D 180 36.61 -10.67 -15.72
N TYR D 181 37.88 -10.64 -15.37
CA TYR D 181 38.47 -9.42 -14.92
C TYR D 181 38.73 -8.47 -16.08
N ARG D 182 39.17 -9.01 -17.22
CA ARG D 182 39.28 -8.20 -18.44
C ARG D 182 37.92 -7.54 -18.71
N ARG D 183 36.84 -8.32 -18.58
CA ARG D 183 35.46 -7.82 -18.79
C ARG D 183 35.05 -6.74 -17.77
N TRP D 184 35.29 -6.99 -16.49
CA TRP D 184 35.10 -5.97 -15.46
C TRP D 184 35.72 -4.64 -15.93
N TYR D 185 37.00 -4.65 -16.22
CA TYR D 185 37.64 -3.46 -16.62
C TYR D 185 37.19 -2.96 -18.03
N GLU D 186 37.36 -3.76 -19.08
CA GLU D 186 37.06 -3.33 -20.45
C GLU D 186 35.60 -3.11 -20.77
N GLU D 187 34.71 -3.93 -20.25
CA GLU D 187 33.29 -3.81 -20.63
C GLU D 187 32.50 -2.91 -19.74
N CYS D 188 32.77 -2.99 -18.43
CA CYS D 188 32.04 -2.22 -17.43
C CYS D 188 32.67 -0.82 -17.30
N LEU D 189 33.98 -0.78 -17.09
CA LEU D 189 34.65 0.49 -16.79
C LEU D 189 35.29 1.18 -18.00
N ALA D 190 35.40 0.44 -19.10
CA ALA D 190 35.96 0.93 -20.35
C ALA D 190 37.40 1.24 -20.18
N VAL D 191 38.09 0.44 -19.35
CA VAL D 191 39.54 0.51 -19.20
C VAL D 191 40.20 -0.68 -19.91
N PRO D 192 41.12 -0.38 -20.84
CA PRO D 192 41.80 -1.43 -21.54
C PRO D 192 42.86 -2.04 -20.64
N VAL D 193 43.00 -3.36 -20.68
CA VAL D 193 44.03 -4.06 -19.87
C VAL D 193 44.80 -5.13 -20.65
N ILE D 194 45.94 -5.54 -20.13
CA ILE D 194 46.76 -6.55 -20.81
C ILE D 194 46.89 -7.79 -19.94
N LYS D 195 46.39 -8.90 -20.45
CA LYS D 195 46.56 -10.22 -19.83
C LYS D 195 48.00 -10.63 -19.90
N GLY D 196 48.48 -11.24 -18.83
CA GLY D 196 49.88 -11.69 -18.80
C GLY D 196 50.26 -12.46 -17.58
N GLU D 197 51.46 -12.96 -17.56
CA GLU D 197 51.96 -13.75 -16.47
C GLU D 197 52.99 -12.95 -15.70
N LYS D 198 53.04 -13.13 -14.39
CA LYS D 198 53.97 -12.38 -13.56
C LYS D 198 55.32 -13.05 -13.61
N SER D 199 56.39 -12.28 -13.54
CA SER D 199 57.74 -12.87 -13.42
C SER D 199 57.79 -13.71 -12.16
N GLU D 200 58.89 -14.40 -11.90
CA GLU D 200 59.05 -15.19 -10.66
C GLU D 200 59.19 -14.29 -9.43
N GLY D 201 59.87 -13.16 -9.59
CA GLY D 201 59.99 -12.17 -8.52
C GLY D 201 58.69 -11.44 -8.16
N GLU D 202 57.73 -11.41 -9.08
CA GLU D 202 56.50 -10.62 -8.84
C GLU D 202 55.29 -11.49 -8.51
N LYS D 203 55.39 -12.80 -8.73
CA LYS D 203 54.23 -13.65 -8.57
C LYS D 203 53.99 -13.86 -7.10
N PHE D 204 52.86 -14.46 -6.76
CA PHE D 204 52.51 -14.72 -5.40
C PHE D 204 53.22 -15.99 -4.96
N ALA D 205 54.10 -15.82 -3.98
CA ALA D 205 55.01 -16.86 -3.54
C ALA D 205 54.29 -18.11 -3.04
N GLY D 206 53.14 -17.92 -2.42
CA GLY D 206 52.29 -19.04 -2.04
C GLY D 206 51.88 -20.05 -3.13
N GLY D 207 52.09 -19.70 -4.40
CA GLY D 207 51.63 -20.57 -5.48
C GLY D 207 52.64 -20.77 -6.59
N LYS D 208 52.13 -21.23 -7.71
CA LYS D 208 52.93 -21.71 -8.83
C LYS D 208 53.02 -20.70 -9.97
N LYS D 209 51.87 -20.26 -10.45
CA LYS D 209 51.86 -19.32 -11.56
C LYS D 209 50.79 -18.23 -11.31
N THR D 210 51.22 -16.99 -11.43
CA THR D 210 50.33 -15.87 -11.26
C THR D 210 50.11 -15.21 -12.59
N THR D 211 48.84 -15.15 -13.00
CA THR D 211 48.39 -14.37 -14.13
C THR D 211 47.83 -13.03 -13.65
N THR D 212 47.81 -12.04 -14.51
CA THR D 212 47.53 -10.70 -14.11
C THR D 212 46.96 -9.94 -15.26
N VAL D 213 46.12 -8.94 -14.95
CA VAL D 213 45.71 -7.94 -15.93
C VAL D 213 46.31 -6.65 -15.46
N GLU D 214 47.01 -5.98 -16.38
CA GLU D 214 47.77 -4.77 -16.07
C GLU D 214 47.13 -3.62 -16.83
N ALA D 215 47.12 -2.45 -16.20
CA ALA D 215 46.70 -1.23 -16.81
C ALA D 215 47.81 -0.19 -16.70
N PHE D 216 47.64 0.89 -17.44
CA PHE D 216 48.65 1.94 -17.55
C PHE D 216 47.98 3.30 -17.35
N ILE D 217 48.69 4.21 -16.70
CA ILE D 217 48.21 5.57 -16.43
C ILE D 217 49.16 6.56 -17.05
N PRO D 218 48.86 7.02 -18.28
CA PRO D 218 49.72 7.91 -19.04
C PRO D 218 50.26 9.12 -18.31
N GLU D 219 49.45 9.74 -17.46
CA GLU D 219 49.82 11.06 -16.90
C GLU D 219 50.97 10.98 -15.92
N ASN D 220 51.34 9.77 -15.51
CA ASN D 220 52.54 9.66 -14.72
C ASN D 220 53.38 8.47 -15.10
N GLY D 221 53.04 7.82 -16.19
CA GLY D 221 53.85 6.74 -16.74
C GLY D 221 53.80 5.43 -16.01
N ARG D 222 52.97 5.32 -14.99
CA ARG D 222 52.98 4.13 -14.13
C ARG D 222 52.05 3.05 -14.62
N GLY D 223 52.50 1.80 -14.59
CA GLY D 223 51.64 0.63 -14.76
C GLY D 223 51.10 0.28 -13.38
N ILE D 224 49.99 -0.46 -13.34
CA ILE D 224 49.34 -0.82 -12.11
C ILE D 224 48.60 -2.14 -12.35
N GLN D 225 48.70 -3.05 -11.39
CA GLN D 225 48.04 -4.33 -11.50
C GLN D 225 46.51 -4.16 -11.25
N ALA D 226 45.70 -4.59 -12.21
CA ALA D 226 44.22 -4.36 -12.10
C ALA D 226 43.51 -5.44 -11.33
N ALA D 227 44.13 -6.61 -11.29
CA ALA D 227 43.58 -7.77 -10.61
C ALA D 227 44.50 -8.96 -10.86
N THR D 228 44.22 -10.06 -10.19
CA THR D 228 45.16 -11.15 -10.15
C THR D 228 44.43 -12.49 -10.08
N SER D 229 45.04 -13.53 -10.65
CA SER D 229 44.38 -14.87 -10.68
C SER D 229 45.46 -15.94 -10.69
N HIS D 230 45.57 -16.68 -9.59
CA HIS D 230 46.73 -17.56 -9.36
C HIS D 230 46.41 -19.01 -9.59
N LEU D 231 47.33 -19.74 -10.21
CA LEU D 231 47.34 -21.21 -10.13
C LEU D 231 48.24 -21.54 -8.97
N LEU D 232 47.67 -22.15 -7.93
CA LEU D 232 48.40 -22.32 -6.67
C LEU D 232 49.23 -23.62 -6.60
N GLY D 233 48.96 -24.56 -7.51
CA GLY D 233 49.60 -25.85 -7.41
C GLY D 233 49.05 -26.55 -6.22
N THR D 234 49.92 -27.23 -5.48
CA THR D 234 49.50 -28.05 -4.37
C THR D 234 50.19 -27.64 -3.10
N ASN D 235 50.93 -26.54 -3.14
CA ASN D 235 51.70 -26.15 -1.95
C ASN D 235 50.81 -25.86 -0.77
N PHE D 236 49.63 -25.30 -1.00
CA PHE D 236 48.75 -24.97 0.12
C PHE D 236 48.08 -26.22 0.60
N ALA D 237 47.77 -27.13 -0.32
CA ALA D 237 47.13 -28.38 0.03
C ALA D 237 48.06 -29.19 0.93
N LYS D 238 49.37 -29.05 0.71
CA LYS D 238 50.31 -29.73 1.55
C LYS D 238 50.36 -29.03 2.91
N MET D 239 50.60 -27.73 2.91
CA MET D 239 50.62 -26.94 4.13
C MET D 239 49.40 -27.19 5.05
N PHE D 240 48.18 -27.16 4.50
CA PHE D 240 46.93 -27.34 5.29
C PHE D 240 46.36 -28.74 5.17
N GLU D 241 47.09 -29.62 4.50
CA GLU D 241 46.67 -31.00 4.38
C GLU D 241 45.31 -31.10 3.78
N ILE D 242 45.15 -30.56 2.59
CA ILE D 242 43.87 -30.57 1.91
C ILE D 242 43.96 -31.63 0.84
N GLU D 243 43.50 -32.82 1.23
CA GLU D 243 43.76 -34.03 0.48
C GLU D 243 42.45 -34.67 0.17
N PHE D 244 42.40 -35.35 -0.97
CA PHE D 244 41.23 -36.11 -1.32
C PHE D 244 41.66 -37.54 -1.60
N GLU D 245 40.70 -38.45 -1.44
CA GLU D 245 40.84 -39.79 -1.93
C GLU D 245 40.28 -39.87 -3.33
N ASP D 246 41.05 -40.38 -4.29
CA ASP D 246 40.57 -40.42 -5.68
C ASP D 246 39.73 -41.67 -5.93
N GLU D 247 39.35 -41.94 -7.15
CA GLU D 247 38.47 -43.05 -7.45
C GLU D 247 39.02 -44.38 -7.15
N GLU D 248 40.31 -44.48 -7.17
CA GLU D 248 41.00 -45.76 -6.95
C GLU D 248 41.35 -45.94 -5.48
N GLY D 249 41.01 -44.94 -4.67
CA GLY D 249 41.28 -44.96 -3.25
C GLY D 249 42.59 -44.38 -2.82
N HIS D 250 43.28 -43.68 -3.71
CA HIS D 250 44.52 -43.03 -3.29
C HIS D 250 44.34 -41.59 -2.78
N LYS D 251 45.25 -41.22 -1.88
CA LYS D 251 45.23 -39.92 -1.21
C LYS D 251 45.96 -38.90 -2.11
N ARG D 252 45.26 -37.86 -2.51
CA ARG D 252 45.83 -36.83 -3.39
C ARG D 252 45.67 -35.42 -2.82
N LEU D 253 46.61 -34.56 -3.21
CA LEU D 253 46.58 -33.15 -2.85
C LEU D 253 45.76 -32.45 -3.94
N VAL D 254 44.94 -31.49 -3.53
CA VAL D 254 44.07 -30.75 -4.45
C VAL D 254 44.90 -29.72 -5.13
N HIS D 255 44.50 -29.34 -6.33
CA HIS D 255 45.08 -28.21 -7.05
C HIS D 255 44.16 -26.97 -6.93
N GLN D 256 44.76 -25.91 -6.42
CA GLN D 256 44.00 -24.80 -5.96
C GLN D 256 44.20 -23.58 -6.79
N THR D 257 43.29 -22.68 -6.55
CA THR D 257 43.26 -21.43 -7.25
C THR D 257 42.87 -20.33 -6.25
N SER D 258 43.27 -19.11 -6.53
CA SER D 258 42.74 -17.97 -5.81
C SER D 258 42.83 -16.75 -6.70
N TRP D 259 41.92 -15.81 -6.51
CA TRP D 259 41.84 -14.61 -7.38
C TRP D 259 41.18 -13.42 -6.67
N GLY D 260 41.60 -12.22 -7.03
CA GLY D 260 41.23 -11.04 -6.26
C GLY D 260 41.19 -9.77 -7.06
N CYS D 261 40.20 -8.93 -6.74
CA CYS D 261 40.07 -7.62 -7.40
C CYS D 261 39.37 -6.67 -6.40
N THR D 262 39.82 -5.39 -6.37
CA THR D 262 39.35 -4.45 -5.38
C THR D 262 38.76 -3.12 -5.90
N THR D 263 38.37 -2.30 -4.93
CA THR D 263 37.95 -0.93 -5.16
C THR D 263 39.04 -0.14 -5.87
N ARG D 264 40.25 -0.68 -5.96
CA ARG D 264 41.24 -0.06 -6.87
C ARG D 264 40.71 0.16 -8.32
N SER D 265 39.82 -0.72 -8.79
CA SER D 265 39.29 -0.61 -10.14
C SER D 265 38.58 0.76 -10.41
N LEU D 266 38.01 1.36 -9.36
CA LEU D 266 37.35 2.64 -9.47
C LEU D 266 38.34 3.77 -9.75
N GLY D 267 39.45 3.77 -9.03
CA GLY D 267 40.54 4.71 -9.32
C GLY D 267 41.13 4.60 -10.73
N VAL D 268 41.30 3.40 -11.22
CA VAL D 268 41.89 3.24 -12.53
C VAL D 268 40.92 3.82 -13.55
N MET D 269 39.64 3.52 -13.38
CA MET D 269 38.59 4.12 -14.19
C MET D 269 38.59 5.66 -14.10
N ILE D 270 38.69 6.20 -12.88
CA ILE D 270 38.60 7.63 -12.71
C ILE D 270 39.73 8.27 -13.53
N MET D 271 40.94 7.77 -13.31
CA MET D 271 42.12 8.32 -13.97
C MET D 271 42.08 8.16 -15.45
N THR D 272 41.62 7.00 -15.92
CA THR D 272 41.59 6.74 -17.34
C THR D 272 40.76 7.75 -18.13
N HIS D 273 39.55 8.08 -17.65
CA HIS D 273 38.61 8.84 -18.47
C HIS D 273 38.47 10.29 -18.12
N GLY D 274 39.12 10.72 -17.04
CA GLY D 274 38.94 12.07 -16.57
C GLY D 274 39.60 13.09 -17.50
N ASP D 275 39.16 14.33 -17.40
CA ASP D 275 39.74 15.39 -18.17
C ASP D 275 39.80 16.59 -17.26
N ASP D 276 40.13 17.75 -17.82
CA ASP D 276 40.35 18.97 -17.06
C ASP D 276 39.09 19.47 -16.37
N LYS D 277 37.94 19.27 -16.99
CA LYS D 277 36.69 19.62 -16.31
C LYS D 277 36.42 18.71 -15.10
N GLY D 278 37.05 17.52 -15.08
CA GLY D 278 36.82 16.54 -14.01
C GLY D 278 36.56 15.08 -14.41
N LEU D 279 35.61 14.43 -13.74
CA LEU D 279 35.36 13.01 -13.98
C LEU D 279 34.58 12.82 -15.26
N VAL D 280 34.75 11.66 -15.88
CA VAL D 280 33.89 11.23 -16.97
C VAL D 280 33.60 9.79 -16.63
N ILE D 281 32.32 9.47 -16.39
CA ILE D 281 31.92 8.12 -15.96
C ILE D 281 31.24 7.31 -17.10
N PRO D 282 31.83 6.14 -17.47
CA PRO D 282 31.17 5.33 -18.50
C PRO D 282 29.73 5.08 -18.09
N PRO D 283 28.80 5.21 -19.03
CA PRO D 283 27.39 4.95 -18.82
C PRO D 283 27.03 3.58 -18.30
N ARG D 284 27.84 2.54 -18.54
CA ARG D 284 27.43 1.24 -18.03
C ARG D 284 27.46 1.21 -16.49
N VAL D 285 28.34 2.01 -15.91
CA VAL D 285 28.41 2.08 -14.46
C VAL D 285 27.87 3.31 -13.75
N ALA D 286 27.52 4.38 -14.47
CA ALA D 286 27.19 5.67 -13.85
C ALA D 286 25.92 5.58 -13.00
N SER D 287 25.91 6.19 -11.84
CA SER D 287 24.73 6.19 -11.00
C SER D 287 23.59 6.89 -11.73
N VAL D 288 23.88 8.04 -12.30
CA VAL D 288 23.00 8.78 -13.17
C VAL D 288 23.62 8.81 -14.57
N GLN D 289 22.80 8.50 -15.57
CA GLN D 289 23.26 8.49 -16.96
C GLN D 289 22.83 9.77 -17.61
N VAL D 290 21.67 10.30 -17.23
CA VAL D 290 21.14 11.51 -17.85
C VAL D 290 20.67 12.45 -16.78
N VAL D 291 21.37 13.56 -16.56
CA VAL D 291 20.88 14.56 -15.61
C VAL D 291 20.03 15.58 -16.34
N ILE D 292 18.79 15.72 -15.89
CA ILE D 292 17.87 16.61 -16.52
C ILE D 292 17.91 17.90 -15.75
N ILE D 293 18.26 18.97 -16.46
CA ILE D 293 18.38 20.30 -15.85
C ILE D 293 17.36 21.31 -16.38
N PRO D 294 16.43 21.75 -15.52
CA PRO D 294 15.55 22.82 -15.93
C PRO D 294 16.27 24.19 -15.97
N ILE D 295 15.98 24.98 -16.97
CA ILE D 295 16.57 26.29 -17.06
C ILE D 295 15.57 27.22 -16.40
N GLU D 304 5.99 25.37 -14.59
CA GLU D 304 5.43 24.58 -15.71
C GLU D 304 6.44 23.62 -16.37
N ILE D 305 7.72 23.93 -16.18
CA ILE D 305 8.81 23.22 -16.83
C ILE D 305 9.11 21.91 -16.12
N LEU D 306 9.22 22.02 -14.80
CA LEU D 306 9.39 20.86 -13.92
C LEU D 306 8.43 19.75 -14.28
N GLY D 307 7.22 20.09 -14.73
CA GLY D 307 6.22 19.11 -15.12
C GLY D 307 6.56 18.26 -16.34
N LYS D 308 7.22 18.88 -17.31
CA LYS D 308 7.61 18.12 -18.52
C LYS D 308 8.93 17.41 -18.26
N CYS D 309 9.76 17.99 -17.41
CA CYS D 309 10.94 17.30 -16.92
C CYS D 309 10.50 15.97 -16.23
N ARG D 310 9.49 16.04 -15.36
CA ARG D 310 8.95 14.85 -14.67
C ARG D 310 8.37 13.82 -15.64
N GLU D 311 7.67 14.30 -16.65
CA GLU D 311 7.13 13.42 -17.65
C GLU D 311 8.26 12.74 -18.37
N LEU D 312 9.28 13.54 -18.68
CA LEU D 312 10.42 13.08 -19.46
C LEU D 312 11.19 12.00 -18.76
N LYS D 313 11.37 12.21 -17.47
CA LYS D 313 12.01 11.21 -16.62
C LYS D 313 11.28 9.85 -16.78
N THR D 314 9.98 9.86 -16.47
CA THR D 314 9.11 8.70 -16.62
C THR D 314 9.27 8.05 -17.99
N MET D 315 9.31 8.88 -19.02
CA MET D 315 9.45 8.39 -20.37
C MET D 315 10.75 7.62 -20.47
N LEU D 316 11.79 8.17 -19.85
CA LEU D 316 13.13 7.60 -20.01
C LEU D 316 13.36 6.34 -19.18
N GLU D 317 12.86 6.34 -17.94
CA GLU D 317 13.05 5.19 -17.03
C GLU D 317 12.39 3.90 -17.56
N LYS D 318 11.34 4.04 -18.38
CA LYS D 318 10.79 2.92 -19.12
C LYS D 318 11.88 2.31 -20.00
N ALA D 319 12.90 3.08 -20.38
CA ALA D 319 14.01 2.56 -21.18
C ALA D 319 15.21 2.07 -20.38
N ASP D 320 15.04 2.01 -19.06
CA ASP D 320 16.10 1.59 -18.13
C ASP D 320 17.26 2.56 -18.16
N ILE D 321 16.95 3.82 -18.44
CA ILE D 321 17.89 4.90 -18.34
C ILE D 321 17.78 5.45 -16.94
N ARG D 322 18.92 5.67 -16.30
CA ARG D 322 18.94 6.23 -14.95
C ARG D 322 19.05 7.75 -14.99
N VAL D 323 18.03 8.39 -14.47
CA VAL D 323 17.82 9.80 -14.64
C VAL D 323 17.65 10.51 -13.32
N ARG D 324 18.29 11.69 -13.16
CA ARG D 324 17.97 12.60 -12.08
CA ARG D 324 17.95 12.61 -12.08
C ARG D 324 17.67 14.00 -12.62
N ILE D 325 16.61 14.61 -12.09
CA ILE D 325 16.28 15.98 -12.37
C ILE D 325 16.87 16.80 -11.26
N ASP D 326 17.74 17.74 -11.59
CA ASP D 326 18.28 18.63 -10.56
C ASP D 326 17.40 19.88 -10.42
N ASP D 327 16.38 19.79 -9.58
CA ASP D 327 15.42 20.87 -9.40
C ASP D 327 15.81 21.79 -8.22
N ARG D 328 17.02 21.65 -7.70
CA ARG D 328 17.45 22.44 -6.55
C ARG D 328 17.34 23.94 -6.83
N SER D 329 16.88 24.71 -5.83
CA SER D 329 16.34 26.07 -6.06
C SER D 329 17.36 27.15 -6.42
N ASN D 330 18.30 27.46 -5.52
CA ASN D 330 19.03 28.72 -5.64
C ASN D 330 20.24 28.66 -6.55
N TYR D 331 20.29 27.70 -7.46
CA TYR D 331 21.44 27.52 -8.32
C TYR D 331 21.10 27.86 -9.77
N THR D 332 22.07 28.45 -10.46
CA THR D 332 21.88 28.74 -11.86
C THR D 332 22.02 27.44 -12.67
N PRO D 333 21.49 27.42 -13.88
CA PRO D 333 21.78 26.28 -14.75
C PRO D 333 23.26 26.21 -15.13
N GLY D 334 23.90 27.35 -15.26
CA GLY D 334 25.35 27.33 -15.47
C GLY D 334 26.00 26.52 -14.36
N TRP D 335 25.74 26.90 -13.13
CA TRP D 335 26.26 26.21 -11.95
C TRP D 335 26.02 24.65 -11.95
N LYS D 336 24.82 24.24 -12.37
CA LYS D 336 24.48 22.82 -12.42
C LYS D 336 25.22 22.12 -13.52
N TYR D 337 25.31 22.76 -14.66
CA TYR D 337 26.00 22.20 -15.79
C TYR D 337 27.39 21.82 -15.32
N ASN D 338 28.09 22.74 -14.67
CA ASN D 338 29.45 22.45 -14.17
C ASN D 338 29.46 21.42 -13.02
N HIS D 339 28.48 21.50 -12.14
CA HIS D 339 28.36 20.53 -11.07
C HIS D 339 28.35 19.10 -11.65
N TRP D 340 27.43 18.84 -12.58
CA TRP D 340 27.34 17.51 -13.16
C TRP D 340 28.49 17.14 -14.09
N GLU D 341 29.15 18.13 -14.66
CA GLU D 341 30.31 17.83 -15.47
C GLU D 341 31.43 17.33 -14.60
N VAL D 342 31.59 17.93 -13.43
CA VAL D 342 32.65 17.55 -12.51
C VAL D 342 32.42 16.13 -12.05
N LYS D 343 31.16 15.74 -11.96
CA LYS D 343 30.76 14.40 -11.62
C LYS D 343 30.89 13.41 -12.77
N GLY D 344 30.99 13.94 -13.97
CA GLY D 344 31.16 13.08 -15.13
C GLY D 344 29.94 12.33 -15.55
N VAL D 345 28.77 12.89 -15.28
CA VAL D 345 27.57 12.32 -15.84
C VAL D 345 27.73 12.27 -17.35
N PRO D 346 27.59 11.09 -17.94
CA PRO D 346 27.89 11.02 -19.37
C PRO D 346 26.99 11.94 -20.26
N LEU D 347 25.75 12.17 -19.86
CA LEU D 347 24.79 12.96 -20.65
C LEU D 347 23.96 13.99 -19.88
N ARG D 348 23.91 15.22 -20.39
CA ARG D 348 23.11 16.28 -19.77
C ARG D 348 21.90 16.62 -20.64
N LEU D 349 20.72 16.76 -20.05
CA LEU D 349 19.52 17.17 -20.84
C LEU D 349 18.94 18.51 -20.36
N GLU D 350 18.89 19.48 -21.27
CA GLU D 350 18.56 20.88 -20.92
C GLU D 350 17.14 21.17 -21.35
N LEU D 351 16.35 21.74 -20.45
CA LEU D 351 14.97 22.10 -20.80
C LEU D 351 14.57 23.46 -20.26
N GLY D 352 14.29 24.35 -21.21
CA GLY D 352 13.85 25.71 -20.94
C GLY D 352 12.61 26.00 -21.76
N PRO D 353 12.15 27.27 -21.71
CA PRO D 353 10.84 27.60 -22.29
C PRO D 353 10.86 27.46 -23.78
N LYS D 354 11.93 27.93 -24.42
CA LYS D 354 12.09 27.77 -25.88
C LYS D 354 11.82 26.31 -26.25
N ASP D 355 12.49 25.41 -25.51
CA ASP D 355 12.38 23.94 -25.65
C ASP D 355 10.99 23.42 -25.39
N LEU D 356 10.37 23.93 -24.33
CA LEU D 356 8.99 23.57 -24.00
C LEU D 356 8.10 23.80 -25.21
N ALA D 357 8.39 24.85 -25.98
CA ALA D 357 7.57 25.27 -27.13
C ALA D 357 7.82 24.52 -28.45
N LYS D 358 9.07 24.08 -28.70
CA LYS D 358 9.42 23.36 -29.93
C LYS D 358 9.22 21.82 -29.86
N GLY D 359 8.91 21.32 -28.66
CA GLY D 359 8.77 19.87 -28.44
C GLY D 359 10.11 19.16 -28.49
N THR D 360 11.11 19.81 -27.89
CA THR D 360 12.51 19.48 -28.14
C THR D 360 13.36 19.67 -26.87
N ALA D 361 14.56 19.08 -26.87
CA ALA D 361 15.55 19.20 -25.76
C ALA D 361 16.95 19.18 -26.29
N ARG D 362 17.80 20.01 -25.70
CA ARG D 362 19.24 19.95 -26.00
C ARG D 362 19.93 18.95 -25.05
N VAL D 363 20.76 18.07 -25.63
CA VAL D 363 21.56 17.09 -24.87
C VAL D 363 23.03 17.25 -25.13
N VAL D 364 23.80 17.52 -24.09
CA VAL D 364 25.25 17.62 -24.23
C VAL D 364 25.92 16.33 -23.73
N ARG D 365 26.85 15.77 -24.50
CA ARG D 365 27.56 14.61 -24.03
C ARG D 365 28.81 15.08 -23.35
N ARG D 366 29.25 14.31 -22.36
CA ARG D 366 30.26 14.77 -21.46
C ARG D 366 31.63 14.52 -22.02
N ASP D 367 31.81 13.48 -22.80
CA ASP D 367 33.16 13.10 -23.21
C ASP D 367 33.72 14.13 -24.21
N THR D 368 32.93 14.46 -25.22
CA THR D 368 33.36 15.31 -26.33
C THR D 368 32.76 16.69 -26.29
N GLY D 369 31.74 16.90 -25.45
CA GLY D 369 31.09 18.19 -25.41
C GLY D 369 30.08 18.43 -26.52
N GLU D 370 29.85 17.46 -27.40
CA GLU D 370 28.96 17.64 -28.55
C GLU D 370 27.50 17.75 -28.14
N ALA D 371 26.75 18.61 -28.83
CA ALA D 371 25.34 18.90 -28.49
C ALA D 371 24.34 18.36 -29.54
N TYR D 372 23.12 18.08 -29.12
CA TYR D 372 22.13 17.53 -30.04
C TYR D 372 20.74 18.06 -29.72
N GLN D 373 19.97 18.38 -30.76
CA GLN D 373 18.54 18.69 -30.58
C GLN D 373 17.72 17.44 -30.80
N ILE D 374 16.84 17.16 -29.86
CA ILE D 374 16.08 15.94 -29.92
C ILE D 374 14.62 16.17 -29.66
N SER D 375 13.81 15.69 -30.59
CA SER D 375 12.38 15.58 -30.39
C SER D 375 12.15 14.66 -29.19
N TRP D 376 11.24 15.09 -28.32
CA TRP D 376 10.82 14.27 -27.20
C TRP D 376 10.58 12.78 -27.55
N ALA D 377 9.93 12.50 -28.68
CA ALA D 377 9.64 11.12 -29.12
C ALA D 377 10.88 10.33 -29.52
N ASP D 378 11.92 11.02 -29.94
CA ASP D 378 13.18 10.37 -30.23
C ASP D 378 14.10 10.20 -29.00
N LEU D 379 13.72 10.73 -27.85
CA LEU D 379 14.69 10.88 -26.76
C LEU D 379 15.31 9.57 -26.29
N ALA D 380 14.48 8.56 -25.99
CA ALA D 380 15.00 7.26 -25.51
C ALA D 380 15.96 6.57 -26.51
N PRO D 381 15.46 6.16 -27.68
CA PRO D 381 16.34 5.53 -28.65
C PRO D 381 17.63 6.31 -28.98
N LYS D 382 17.56 7.64 -28.99
CA LYS D 382 18.75 8.41 -29.35
C LYS D 382 19.74 8.38 -28.17
N LEU D 383 19.22 8.42 -26.94
CA LEU D 383 20.08 8.44 -25.78
C LEU D 383 20.73 7.09 -25.58
N LEU D 384 19.99 6.01 -25.87
CA LEU D 384 20.59 4.67 -25.81
C LEU D 384 21.78 4.54 -26.74
N GLU D 385 21.59 5.03 -27.95
CA GLU D 385 22.61 5.04 -29.01
C GLU D 385 23.86 5.82 -28.59
N LEU D 386 23.66 7.04 -28.08
CA LEU D 386 24.77 7.87 -27.64
C LEU D 386 25.54 7.22 -26.52
N MET D 387 24.83 6.65 -25.56
CA MET D 387 25.44 5.93 -24.43
C MET D 387 26.38 4.82 -24.89
N GLU D 388 25.99 4.08 -25.93
CA GLU D 388 26.87 3.06 -26.52
C GLU D 388 27.97 3.74 -27.20
N GLY D 389 27.65 4.84 -27.87
CA GLY D 389 28.65 5.69 -28.51
C GLY D 389 29.73 6.10 -27.52
N ILE D 390 29.32 6.70 -26.41
CA ILE D 390 30.27 7.14 -25.40
C ILE D 390 31.02 5.93 -24.80
N GLN D 391 30.33 4.83 -24.53
CA GLN D 391 31.02 3.69 -23.94
C GLN D 391 32.04 3.11 -24.90
N ARG D 392 31.71 2.88 -26.17
CA ARG D 392 32.72 2.33 -27.11
C ARG D 392 33.95 3.26 -27.17
N SER D 393 33.67 4.55 -27.13
CA SER D 393 34.62 5.58 -27.52
C SER D 393 35.63 5.97 -26.40
N LEU D 394 35.15 5.92 -25.16
CA LEU D 394 36.03 6.01 -24.00
C LEU D 394 37.03 4.87 -24.00
N PHE D 395 36.52 3.65 -24.25
CA PHE D 395 37.40 2.50 -24.40
C PHE D 395 38.42 2.68 -25.53
N GLU D 396 37.96 2.89 -26.78
CA GLU D 396 38.89 2.99 -27.92
C GLU D 396 39.95 4.09 -27.71
N LYS D 397 39.56 5.28 -27.26
CA LYS D 397 40.54 6.32 -26.96
C LYS D 397 41.51 5.90 -25.87
N ALA D 398 41.01 5.18 -24.88
CA ALA D 398 41.89 4.72 -23.81
C ALA D 398 42.85 3.66 -24.33
N LYS D 399 42.39 2.83 -25.25
CA LYS D 399 43.19 1.75 -25.74
C LYS D 399 44.30 2.30 -26.63
N ALA D 400 43.99 3.33 -27.40
CA ALA D 400 45.04 3.95 -28.23
C ALA D 400 46.04 4.59 -27.29
N ARG D 401 45.57 5.30 -26.28
CA ARG D 401 46.50 5.93 -25.32
C ARG D 401 47.46 4.91 -24.69
N LEU D 402 46.93 3.73 -24.36
CA LEU D 402 47.73 2.57 -23.90
C LEU D 402 48.85 2.20 -24.86
N HIS D 403 48.52 1.88 -26.11
CA HIS D 403 49.56 1.46 -27.06
C HIS D 403 50.49 2.62 -27.40
N GLU D 404 49.95 3.83 -27.53
CA GLU D 404 50.78 5.03 -27.70
C GLU D 404 51.74 5.23 -26.54
N GLY D 405 51.58 4.38 -25.53
CA GLY D 405 52.39 4.41 -24.31
C GLY D 405 53.36 3.27 -24.13
N ILE D 406 53.35 2.28 -25.01
CA ILE D 406 54.33 1.20 -24.92
C ILE D 406 55.38 1.31 -26.08
N GLU D 407 56.64 1.61 -25.71
CA GLU D 407 57.78 1.46 -26.64
C GLU D 407 58.32 0.02 -26.65
N LYS D 408 58.39 -0.55 -27.84
CA LYS D 408 59.15 -1.78 -28.07
C LYS D 408 60.68 -1.46 -28.08
N ILE D 409 61.50 -2.19 -27.35
CA ILE D 409 62.94 -1.88 -27.31
C ILE D 409 63.85 -3.08 -27.24
N SER D 410 65.15 -2.89 -27.46
CA SER D 410 66.11 -3.99 -27.34
C SER D 410 67.35 -3.74 -26.53
N THR D 411 67.59 -2.50 -26.17
CA THR D 411 68.82 -2.10 -25.47
C THR D 411 68.60 -1.54 -24.12
N PHE D 412 69.33 -2.01 -23.14
CA PHE D 412 69.12 -1.44 -21.80
C PHE D 412 69.22 0.09 -21.78
N ASP D 413 70.09 0.62 -22.63
CA ASP D 413 70.25 2.07 -22.73
C ASP D 413 69.06 2.79 -23.35
N GLU D 414 68.08 2.05 -23.90
CA GLU D 414 66.80 2.67 -24.31
C GLU D 414 65.79 2.95 -23.16
N VAL D 415 66.04 2.49 -21.92
CA VAL D 415 65.04 2.64 -20.84
C VAL D 415 64.87 4.03 -20.19
N MET D 416 65.92 4.64 -19.63
CA MET D 416 65.74 5.92 -18.93
C MET D 416 65.10 7.00 -19.84
N PRO D 417 65.48 7.02 -21.14
CA PRO D 417 64.75 7.81 -22.10
C PRO D 417 63.27 7.53 -22.13
N ALA D 418 62.90 6.26 -22.29
CA ALA D 418 61.49 5.88 -22.31
C ALA D 418 60.79 6.19 -20.97
N LEU D 419 61.44 5.89 -19.85
CA LEU D 419 60.86 6.22 -18.55
C LEU D 419 60.54 7.72 -18.44
N ASN D 420 61.43 8.57 -18.94
CA ASN D 420 61.21 10.03 -18.88
C ASN D 420 60.20 10.54 -19.91
N ARG D 421 59.91 9.74 -20.93
CA ARG D 421 58.75 9.97 -21.76
C ARG D 421 57.45 9.49 -21.05
N LYS D 422 57.55 9.10 -19.77
CA LYS D 422 56.45 8.43 -19.08
C LYS D 422 55.84 7.34 -19.94
N HIS D 423 56.67 6.43 -20.45
CA HIS D 423 56.16 5.27 -21.19
C HIS D 423 56.61 3.97 -20.51
N LEU D 424 56.05 2.86 -20.98
CA LEU D 424 56.45 1.49 -20.59
C LEU D 424 57.32 0.92 -21.71
N VAL D 425 57.98 -0.21 -21.44
CA VAL D 425 58.83 -0.88 -22.41
C VAL D 425 58.50 -2.34 -22.61
N LEU D 426 58.29 -2.74 -23.87
CA LEU D 426 58.27 -4.16 -24.16
C LEU D 426 59.69 -4.54 -24.52
N ALA D 427 60.23 -5.59 -23.91
CA ALA D 427 61.66 -5.87 -24.05
C ALA D 427 61.95 -7.36 -23.92
N PRO D 428 62.90 -7.89 -24.74
CA PRO D 428 63.12 -9.33 -24.70
C PRO D 428 63.92 -9.66 -23.45
N TRP D 429 63.56 -10.73 -22.78
CA TRP D 429 64.13 -10.99 -21.46
C TRP D 429 64.42 -12.47 -21.24
N CYS D 430 65.58 -12.76 -20.63
CA CYS D 430 65.97 -14.16 -20.30
C CYS D 430 65.15 -14.79 -19.16
N GLU D 431 64.44 -13.92 -18.42
CA GLU D 431 63.59 -14.27 -17.26
C GLU D 431 64.41 -14.84 -16.13
N ASP D 432 65.68 -14.44 -16.02
CA ASP D 432 66.40 -14.83 -14.84
C ASP D 432 66.03 -13.88 -13.68
N PRO D 433 65.63 -14.44 -12.52
CA PRO D 433 65.28 -13.71 -11.30
C PRO D 433 66.26 -12.66 -10.82
N GLU D 434 67.55 -12.99 -10.79
CA GLU D 434 68.53 -12.04 -10.25
C GLU D 434 68.55 -10.74 -11.06
N SER D 435 68.29 -10.85 -12.38
CA SER D 435 68.32 -9.68 -13.27
C SER D 435 67.27 -8.59 -12.93
N GLU D 436 66.08 -9.02 -12.52
CA GLU D 436 65.01 -8.08 -12.23
C GLU D 436 65.46 -7.23 -11.08
N GLU D 437 66.02 -7.88 -10.05
CA GLU D 437 66.43 -7.16 -8.83
C GLU D 437 67.56 -6.23 -9.14
N GLN D 438 68.35 -6.52 -10.16
CA GLN D 438 69.39 -5.58 -10.57
C GLN D 438 68.82 -4.36 -11.30
N ILE D 439 67.94 -4.62 -12.26
CA ILE D 439 67.27 -3.52 -13.00
C ILE D 439 66.51 -2.60 -12.05
N LYS D 440 65.77 -3.19 -11.11
CA LYS D 440 65.15 -2.44 -10.04
C LYS D 440 66.19 -1.54 -9.32
N LYS D 441 67.34 -2.08 -8.94
CA LYS D 441 68.37 -1.25 -8.24
C LYS D 441 68.98 -0.19 -9.18
N GLU D 442 69.32 -0.59 -10.42
CA GLU D 442 69.93 0.31 -11.41
C GLU D 442 69.05 1.49 -11.85
N THR D 443 67.79 1.21 -12.15
CA THR D 443 66.81 2.26 -12.53
C THR D 443 66.46 3.11 -11.33
N GLN D 444 66.53 2.53 -10.13
CA GLN D 444 66.26 3.26 -8.87
C GLN D 444 67.40 4.19 -8.46
N LYS D 445 68.65 3.84 -8.75
CA LYS D 445 69.79 4.75 -8.49
C LYS D 445 69.85 5.82 -9.60
N LEU D 446 69.71 5.39 -10.85
CA LEU D 446 69.60 6.35 -11.97
C LEU D 446 68.50 7.40 -11.77
N SER D 447 67.42 7.04 -11.10
CA SER D 447 66.31 7.97 -10.90
C SER D 447 66.60 8.98 -9.79
N GLU D 448 67.15 8.50 -8.68
CA GLU D 448 67.60 9.35 -7.58
C GLU D 448 68.66 10.35 -8.03
N ILE D 449 69.56 9.91 -8.92
CA ILE D 449 70.51 10.81 -9.60
C ILE D 449 69.83 12.03 -10.25
N GLN D 450 68.84 11.79 -11.11
CA GLN D 450 68.21 12.88 -11.87
C GLN D 450 67.48 13.90 -10.99
N GLY D 463 61.13 6.35 -8.84
CA GLY D 463 62.11 5.27 -8.84
C GLY D 463 62.03 4.11 -9.81
N ALA D 464 61.92 2.92 -9.23
CA ALA D 464 62.34 1.70 -9.90
C ALA D 464 61.45 1.36 -11.04
N MET D 465 62.04 0.76 -12.07
CA MET D 465 61.26 0.11 -13.08
C MET D 465 61.21 -1.36 -12.72
N LYS D 466 60.07 -2.00 -12.95
CA LYS D 466 59.96 -3.43 -12.71
C LYS D 466 59.17 -4.16 -13.78
N THR D 467 59.16 -5.49 -13.75
CA THR D 467 58.29 -6.21 -14.68
C THR D 467 56.89 -5.90 -14.26
N LEU D 468 56.00 -5.78 -15.23
CA LEU D 468 54.58 -5.65 -14.95
C LEU D 468 53.93 -6.95 -15.34
N CYS D 469 54.15 -7.41 -16.56
CA CYS D 469 53.83 -8.77 -16.87
C CYS D 469 54.54 -9.23 -18.11
N ILE D 470 54.45 -10.54 -18.33
CA ILE D 470 54.92 -11.22 -19.52
C ILE D 470 53.67 -11.54 -20.30
N PRO D 471 53.39 -10.74 -21.33
CA PRO D 471 52.06 -10.85 -21.94
C PRO D 471 51.75 -12.21 -22.56
N PHE D 472 50.46 -12.54 -22.58
CA PHE D 472 49.91 -13.66 -23.33
C PHE D 472 50.10 -13.42 -24.81
N ASP D 473 50.10 -12.16 -25.19
CA ASP D 473 50.32 -11.78 -26.58
C ASP D 473 51.81 -11.58 -26.81
N GLN D 474 52.46 -12.58 -27.41
CA GLN D 474 53.91 -12.56 -27.67
C GLN D 474 54.22 -12.23 -29.15
N PRO D 475 54.72 -11.00 -29.42
CA PRO D 475 55.27 -10.73 -30.74
C PRO D 475 56.32 -11.77 -31.08
N PRO D 476 56.59 -11.98 -32.39
CA PRO D 476 57.59 -12.96 -32.85
C PRO D 476 58.91 -12.83 -32.11
N MET D 477 59.53 -13.96 -31.79
CA MET D 477 60.84 -13.96 -31.22
C MET D 477 61.83 -14.56 -32.24
N PRO D 478 62.57 -13.69 -33.00
CA PRO D 478 63.62 -14.14 -33.94
C PRO D 478 64.78 -14.87 -33.26
N GLU D 479 65.14 -16.06 -33.77
CA GLU D 479 66.19 -16.93 -33.18
C GLU D 479 67.43 -16.20 -32.62
N GLY D 480 68.04 -15.37 -33.45
CA GLY D 480 69.13 -14.53 -32.95
C GLY D 480 68.56 -13.39 -32.14
N THR D 481 68.62 -13.48 -30.82
CA THR D 481 68.03 -12.40 -30.00
C THR D 481 68.49 -12.41 -28.55
N LYS D 482 68.95 -11.24 -28.10
CA LYS D 482 69.66 -11.10 -26.83
C LYS D 482 68.80 -10.39 -25.79
N CYS D 483 68.97 -10.75 -24.52
CA CYS D 483 68.25 -10.06 -23.46
C CYS D 483 68.81 -8.67 -23.31
N PHE D 484 67.90 -7.74 -23.14
CA PHE D 484 68.21 -6.34 -23.22
C PHE D 484 69.10 -5.82 -22.07
N TYR D 485 69.33 -6.62 -21.03
CA TYR D 485 70.18 -6.23 -19.90
C TYR D 485 71.38 -7.16 -19.71
N THR D 486 71.11 -8.46 -19.66
CA THR D 486 72.16 -9.46 -19.43
C THR D 486 72.99 -9.67 -20.68
N GLY D 487 72.34 -9.57 -21.84
CA GLY D 487 72.94 -9.99 -23.10
C GLY D 487 72.82 -11.50 -23.31
N LYS D 488 72.44 -12.23 -22.26
CA LYS D 488 72.08 -13.64 -22.40
C LYS D 488 71.00 -13.82 -23.49
N PRO D 489 70.64 -15.07 -23.80
CA PRO D 489 69.62 -15.28 -24.83
C PRO D 489 68.20 -15.07 -24.29
N ALA D 490 67.45 -14.18 -24.94
CA ALA D 490 66.07 -13.85 -24.55
C ALA D 490 65.10 -15.04 -24.75
N LYS D 491 64.06 -15.13 -23.89
CA LYS D 491 63.05 -16.20 -23.98
C LYS D 491 61.66 -15.66 -24.38
N ARG D 492 61.24 -14.56 -23.75
CA ARG D 492 59.97 -13.94 -24.13
C ARG D 492 60.00 -12.44 -23.92
N TRP D 493 59.04 -11.78 -24.54
CA TRP D 493 58.83 -10.36 -24.39
C TRP D 493 58.17 -10.03 -23.05
N THR D 494 58.76 -9.09 -22.33
CA THR D 494 58.31 -8.69 -21.01
C THR D 494 58.06 -7.18 -20.95
N LEU D 495 56.92 -6.79 -20.37
CA LEU D 495 56.49 -5.41 -20.31
C LEU D 495 57.00 -4.87 -19.00
N TRP D 496 57.65 -3.71 -19.02
CA TRP D 496 58.22 -3.11 -17.82
C TRP D 496 57.83 -1.64 -17.63
N GLY D 497 57.92 -1.21 -16.38
CA GLY D 497 57.82 0.22 -16.08
C GLY D 497 57.83 0.58 -14.60
N ARG D 498 57.68 1.86 -14.34
CA ARG D 498 57.31 2.30 -13.02
C ARG D 498 55.84 1.85 -12.77
N SER D 499 55.54 1.51 -11.53
CA SER D 499 54.27 0.94 -11.21
C SER D 499 53.79 1.42 -9.85
N TYR D 500 52.56 1.02 -9.54
CA TYR D 500 51.85 1.42 -8.38
C TYR D 500 51.81 0.33 -7.32
PG ANP E . -11.62 4.15 -16.68
O1G ANP E . -11.17 4.88 -15.37
O2G ANP E . -10.46 3.16 -17.02
O3G ANP E . -11.86 5.11 -17.76
PB ANP E . -12.87 2.25 -15.18
O1B ANP E . -11.89 2.72 -14.20
O2B ANP E . -12.43 0.83 -15.69
N3B ANP E . -13.01 3.32 -16.42
PA ANP E . -15.04 0.91 -13.66
O1A ANP E . -14.13 0.48 -12.57
O2A ANP E . -15.49 -0.09 -14.64
O3A ANP E . -14.33 2.14 -14.46
O5' ANP E . -16.31 1.56 -13.00
C5' ANP E . -17.62 1.61 -13.57
C4' ANP E . -17.89 3.03 -14.08
O4' ANP E . -17.35 4.03 -13.21
C3' ANP E . -17.02 3.18 -15.30
O3' ANP E . -17.64 2.53 -16.42
C2' ANP E . -16.96 4.70 -15.48
O2' ANP E . -18.04 5.16 -16.33
C1' ANP E . -17.20 5.22 -14.06
N9 ANP E . -16.04 6.00 -13.58
C8 ANP E . -14.72 5.66 -13.68
N7 ANP E . -13.90 6.57 -13.16
C5 ANP E . -14.76 7.56 -12.70
C6 ANP E . -14.51 8.79 -12.04
N6 ANP E . -13.28 9.20 -11.76
N1 ANP E . -15.57 9.55 -11.71
C2 ANP E . -16.79 9.11 -12.00
N3 ANP E . -17.15 7.98 -12.61
C4 ANP E . -16.09 7.22 -12.95
MG MG F . -10.59 4.01 -13.97
MG MG G . -10.12 1.65 -19.01
C11 873 H . -9.52 0.29 -9.85
C12 873 H . -9.65 -1.06 -9.48
C13 873 H . -8.93 -1.57 -8.41
C14 873 H . -8.06 -0.73 -7.69
O18 873 H . -10.64 -3.06 -9.93
C17 873 H . -10.51 -1.93 -10.21
C15 873 H . -7.93 0.61 -8.05
C16 873 H . -8.68 1.12 -9.12
N10 873 H . -10.26 0.79 -10.91
C09 873 H . -11.04 -0.02 -11.55
N08 873 H . -11.22 -1.36 -11.26
C07 873 H . -12.11 -2.21 -12.07
C06 873 H . -13.59 -2.02 -11.65
O19 873 H . -13.66 -1.85 -10.23
C05 873 H . -14.42 -3.27 -12.06
C04 873 H . -15.77 -3.35 -11.42
N03 873 H . -15.88 -2.39 -10.30
C02 873 H . -17.12 -2.62 -9.51
C20 873 H . -16.87 -3.09 -12.47
O22 873 H . -16.42 -2.10 -13.41
C21 873 H . -18.15 -2.61 -11.80
C01 873 H . -18.25 -3.19 -10.39
PG ANP I . -20.30 9.93 21.73
O1G ANP I . -20.83 9.05 22.77
O2G ANP I . -19.51 11.12 22.34
O3G ANP I . -19.30 9.19 20.80
PB ANP I . -21.05 11.62 19.83
O1B ANP I . -20.86 12.99 20.55
O2B ANP I . -19.78 11.24 19.20
N3B ANP I . -21.56 10.48 20.86
PA ANP I . -22.49 12.94 17.64
O1A ANP I . -23.52 13.84 18.22
O2A ANP I . -21.22 13.51 17.17
O3A ANP I . -22.18 11.77 18.70
O5' ANP I . -23.17 12.11 16.43
C5' ANP I . -24.58 11.95 16.37
C4' ANP I . -24.96 10.55 16.84
O4' ANP I . -24.10 9.60 16.22
C3' ANP I . -24.60 10.39 18.29
O3' ANP I . -25.62 10.98 19.12
C2' ANP I . -24.56 8.87 18.47
O2' ANP I . -25.85 8.35 18.80
C1' ANP I . -24.18 8.41 17.05
N9 ANP I . -22.87 7.72 17.04
C8 ANP I . -21.70 8.19 17.58
N7 ANP I . -20.68 7.35 17.43
C5 ANP I . -21.24 6.26 16.76
C6 ANP I . -20.68 5.06 16.30
N6 ANP I . -19.40 4.75 16.48
N1 ANP I . -21.48 4.19 15.67
C2 ANP I . -22.77 4.50 15.49
N3 ANP I . -23.41 5.62 15.87
C4 ANP I . -22.59 6.49 16.51
MG MG J . -17.80 10.14 19.69
MG MG K . -19.92 12.33 24.58
C11 873 L . -15.77 13.97 16.25
C12 873 L . -15.80 15.32 15.89
C13 873 L . -14.73 15.88 15.20
C14 873 L . -13.62 15.10 14.88
O18 873 L . -17.04 17.34 15.93
C17 873 L . -16.97 16.15 16.23
C15 873 L . -13.59 13.75 15.24
C16 873 L . -14.67 13.19 15.93
N10 873 L . -16.85 13.42 16.93
C09 873 L . -17.86 14.15 17.21
N08 873 L . -17.99 15.50 16.91
C07 873 L . -19.22 16.24 17.30
C06 873 L . -20.42 15.96 16.37
O19 873 L . -19.94 15.34 15.13
C05 873 L . -21.13 17.26 16.11
C04 873 L . -22.40 17.23 15.25
N03 873 L . -22.08 16.87 13.87
C02 873 L . -23.20 17.13 12.98
C20 873 L . -23.52 16.31 15.87
O22 873 L . -22.98 15.42 16.84
C21 873 L . -24.20 15.50 14.75
C01 873 L . -24.50 16.46 13.51
PG ANP M . 20.80 -6.03 22.22
O1G ANP M . 20.40 -4.82 23.12
O2G ANP M . 22.32 -6.26 22.48
O3G ANP M . 20.02 -7.22 22.54
PB ANP M . 21.19 -4.23 20.32
O1B ANP M . 20.45 -3.09 21.07
O2B ANP M . 22.61 -4.18 20.67
N3B ANP M . 20.54 -5.68 20.66
PA ANP M . 21.08 -2.69 17.81
O1A ANP M . 19.87 -1.88 18.07
O2A ANP M . 22.42 -2.06 17.97
O3A ANP M . 21.03 -4.01 18.73
O5' ANP M . 20.99 -3.31 16.33
C5' ANP M . 19.71 -3.44 15.69
C4' ANP M . 19.34 -4.92 15.49
O4' ANP M . 20.53 -5.71 15.26
C3' ANP M . 18.78 -5.48 16.77
O3' ANP M . 17.36 -5.24 16.81
C2' ANP M . 19.01 -6.95 16.63
O2' ANP M . 17.91 -7.48 15.87
C1' ANP M . 20.29 -7.04 15.79
N9 ANP M . 21.46 -7.44 16.62
C8 ANP M . 21.98 -6.76 17.68
N7 ANP M . 23.05 -7.35 18.21
C5 ANP M . 23.24 -8.48 17.42
C6 ANP M . 24.21 -9.48 17.46
N6 ANP M . 25.18 -9.50 18.33
N1 ANP M . 24.15 -10.45 16.53
C2 ANP M . 23.17 -10.42 15.62
N3 ANP M . 22.20 -9.51 15.49
C4 ANP M . 22.27 -8.54 16.41
MG MG N . 23.57 -5.07 22.05
MG MG O . 18.95 -3.83 24.71
C11 873 P . 26.76 -0.50 20.81
C12 873 P . 26.66 0.85 20.47
C13 873 P . 27.77 1.67 20.53
C14 873 P . 28.99 1.15 20.93
O18 873 P . 25.24 2.58 19.73
C17 873 P . 25.36 1.39 20.05
C15 873 P . 29.09 -0.19 21.28
C16 873 P . 27.97 -1.00 21.22
N10 873 P . 25.65 -1.31 20.75
C09 873 P . 24.54 -0.82 20.38
N08 873 P . 24.33 0.48 19.99
C07 873 P . 23.02 0.92 19.64
C06 873 P . 22.78 0.90 18.11
O19 873 P . 24.02 1.21 17.42
C05 873 P . 21.70 1.89 17.70
C04 873 P . 21.62 2.00 16.15
N03 873 P . 22.84 1.62 15.52
C02 873 P . 22.83 1.93 14.11
C20 873 P . 20.43 1.11 15.63
O22 873 P . 20.22 -0.01 16.52
C21 873 P . 20.72 0.59 14.25
C01 873 P . 21.46 1.66 13.47
PG ANP Q . 51.14 -5.14 -3.69
O1G ANP Q . 50.50 -4.43 -2.45
O2G ANP Q . 52.31 -6.00 -3.13
O3G ANP Q . 51.60 -4.17 -4.68
PB ANP Q . 49.56 -7.25 -3.35
O1B ANP Q . 49.75 -6.82 -1.97
O2B ANP Q . 50.36 -8.57 -3.58
N3B ANP Q . 50.03 -6.10 -4.40
PA ANP Q . 47.09 -8.84 -3.52
O1A ANP Q . 47.08 -9.30 -2.11
O2A ANP Q . 47.52 -9.78 -4.57
O3A ANP Q . 48.00 -7.51 -3.63
O5' ANP Q . 45.63 -8.28 -3.87
C5' ANP Q . 45.07 -8.52 -5.18
C4' ANP Q . 44.80 -7.18 -5.87
O4' ANP Q . 44.16 -6.28 -4.95
C3' ANP Q . 46.11 -6.49 -6.17
O3' ANP Q . 46.68 -7.02 -7.37
C2' ANP Q . 45.66 -5.06 -6.36
O2' ANP Q . 45.03 -4.93 -7.65
C1' ANP Q . 44.62 -4.94 -5.27
N9 ANP Q . 45.17 -4.30 -4.06
C8 ANP Q . 46.33 -4.66 -3.41
N7 ANP Q . 46.60 -3.90 -2.35
C5 ANP Q . 45.54 -2.99 -2.32
C6 ANP Q . 45.24 -1.93 -1.44
N6 ANP Q . 46.02 -1.63 -0.41
N1 ANP Q . 44.14 -1.22 -1.67
C2 ANP Q . 43.36 -1.53 -2.72
N3 ANP Q . 43.55 -2.51 -3.62
C4 ANP Q . 44.66 -3.23 -3.37
MG MG R . 50.37 -5.51 -0.73
MG MG S . 54.36 -6.74 -4.84
C11 873 T . 49.24 -9.65 2.44
C12 873 T . 49.21 -11.01 2.72
C13 873 T . 49.28 -11.45 4.04
C14 873 T . 49.39 -10.53 5.07
O18 873 T . 49.06 -13.20 1.84
C17 873 T . 49.09 -11.99 1.63
C15 873 T . 49.42 -9.17 4.79
C16 873 T . 49.35 -8.73 3.47
N10 873 T . 49.17 -9.22 1.12
C09 873 T . 49.07 -10.08 0.18
N08 873 T . 49.02 -11.45 0.35
C07 873 T . 48.91 -12.34 -0.82
C06 873 T . 47.48 -12.34 -1.36
O19 873 T . 46.55 -12.35 -0.28
C05 873 T . 47.21 -13.53 -2.28
C04 873 T . 45.71 -13.56 -2.66
N03 873 T . 44.88 -13.05 -1.55
C02 873 T . 43.44 -13.30 -1.81
C20 873 T . 45.48 -12.75 -3.95
O22 873 T . 46.37 -11.61 -3.97
C21 873 T . 44.04 -12.28 -4.02
C01 873 T . 43.12 -13.28 -3.31
#